data_3WOK
#
_entry.id   3WOK
#
_cell.length_a   76.740
_cell.length_b   130.440
_cell.length_c   171.460
_cell.angle_alpha   90.00
_cell.angle_beta   90.00
_cell.angle_gamma   90.00
#
_symmetry.space_group_name_H-M   'P 21 21 21'
#
loop_
_entity.id
_entity.type
_entity.pdbx_description
1 polymer 'dipeptidyl aminopeptidase BII'
2 non-polymer GLYCEROL
3 non-polymer 'ZINC ION'
4 water water
#
_entity_poly.entity_id   1
_entity_poly.type   'polypeptide(L)'
_entity_poly.pdbx_seq_one_letter_code
;GEG(MSE)WVPQQLPEIAGPLKKAGLKLSPQQISDLTGDP(MSE)GAVVALGGCTASFVSPNGLVVTNHHCAYGAIQLNS
TAENNLIKNGFNAPTTADEVSAGPNARVFVLDEITDVTKDAKAAIAAAGDDALARTKALEAFEKKLIADCEAEAGFRCRL
YSFSGGNTYRLFKNLEIKDVRLAYAPPGSVGKFGGDIDNW(MSE)WPRHTGDFAFYRAYVGKDGKPAAFSKDNVPYQPKH
WLKFADQPLGAGDFV(MSE)VAGYPGSTNRYALAAEFDNTAQWTYPTIARHYKNQIA(MSE)VEAAGKQNADIQVKYAAT
(MSE)AGWNNTSKNYDGQLEGFKRIDAAGQKLREEAAVLGWLKGQGAKGQPALDAHAKLLDLLEQSKATRDRDLTLALFN
NTA(MSE)LGSATQLYRLSIEREKPNAERESGYQERDLPAIEGGLKQLERRYVAA(MSE)DRQLQEYWLNEYIKLPADQR
VAAVDAWLGGNDAAAVKRALDRLAGTKLGSTEERLKWFAADRKAFEASNDPAIQYAVAV(MSE)PTLLKLEQERKTRAGE
NLAARPVYLQALADYKKSQGEFVYPDANLSLRITFGNV(MSE)GYAPKDG(MSE)EYTPFTTLEGVVAKETGQDPFDSPK
ALLDAVAAKRYGGLEDKRIGSVPVNYLSDLDITGGNAGSPVLDAHGKLVGLAFDGNWESVSSNWVFDPK(MSE)TR
(MSE)IAVDGRYLRWI(MSE)QEVYPAPQLLKE(MSE)NVGK
;
_entity_poly.pdbx_strand_id   A,B
#
loop_
_chem_comp.id
_chem_comp.type
_chem_comp.name
_chem_comp.formula
GOL non-polymer GLYCEROL 'C3 H8 O3'
ZN non-polymer 'ZINC ION' 'Zn 2'
#
# COMPACT_ATOMS: atom_id res chain seq x y z
N GLY A 1 2.24 22.06 -10.90
CA GLY A 1 0.93 22.63 -10.41
C GLY A 1 -0.08 22.68 -11.57
N GLU A 2 -1.31 23.04 -11.23
CA GLU A 2 -2.42 23.09 -12.16
C GLU A 2 -2.12 24.11 -13.26
N GLY A 3 -2.45 23.76 -14.49
CA GLY A 3 -2.54 24.79 -15.51
C GLY A 3 -2.00 24.27 -16.81
N MSE A 4 -2.72 24.55 -17.91
CA MSE A 4 -2.27 24.17 -19.24
C MSE A 4 -2.11 25.45 -20.04
O MSE A 4 -3.01 25.91 -20.74
CB MSE A 4 -3.19 23.10 -19.93
CG MSE A 4 -3.36 21.92 -19.02
SE MSE A 4 -4.93 20.89 -19.70
CE MSE A 4 -4.55 19.08 -19.04
N TRP A 5 -0.94 26.03 -19.90
CA TRP A 5 -0.75 27.37 -20.29
C TRP A 5 -0.46 27.49 -21.79
N VAL A 6 -1.02 28.52 -22.45
CA VAL A 6 -0.67 28.72 -23.85
C VAL A 6 0.71 29.37 -23.83
N PRO A 7 1.51 29.06 -24.82
CA PRO A 7 2.87 29.68 -24.83
C PRO A 7 2.91 31.20 -24.79
N GLN A 8 1.93 31.81 -25.45
CA GLN A 8 1.86 33.26 -25.48
C GLN A 8 1.70 33.90 -24.13
N GLN A 9 1.12 33.19 -23.15
CA GLN A 9 0.99 33.77 -21.84
C GLN A 9 2.14 33.53 -20.87
N LEU A 10 3.23 32.89 -21.28
CA LEU A 10 4.28 32.53 -20.35
C LEU A 10 4.95 33.76 -19.72
N PRO A 11 5.29 34.81 -20.50
CA PRO A 11 5.79 36.02 -19.81
C PRO A 11 4.91 36.53 -18.71
N GLU A 12 3.60 36.45 -18.89
CA GLU A 12 2.72 36.89 -17.84
C GLU A 12 2.84 36.04 -16.57
N ILE A 13 3.20 34.77 -16.69
CA ILE A 13 3.49 33.94 -15.47
C ILE A 13 5.00 33.75 -15.18
N ALA A 14 5.79 34.80 -15.50
CA ALA A 14 7.22 34.80 -15.21
C ALA A 14 7.54 34.51 -13.77
N GLY A 15 6.83 35.20 -12.87
CA GLY A 15 6.97 34.97 -11.43
C GLY A 15 6.79 33.53 -11.00
N PRO A 16 5.59 32.94 -11.23
CA PRO A 16 5.44 31.48 -10.95
C PRO A 16 6.49 30.53 -11.62
N LEU A 17 6.81 30.76 -12.88
CA LEU A 17 7.81 29.90 -13.53
C LEU A 17 9.20 29.98 -12.84
N LYS A 18 9.58 31.18 -12.52
CA LYS A 18 10.90 31.35 -11.90
C LYS A 18 10.95 30.75 -10.52
N LYS A 19 9.86 30.93 -9.77
CA LYS A 19 9.80 30.34 -8.48
C LYS A 19 9.88 28.83 -8.52
N ALA A 20 9.33 28.20 -9.56
CA ALA A 20 9.36 26.73 -9.70
C ALA A 20 10.75 26.25 -10.13
N GLY A 21 11.55 27.16 -10.66
CA GLY A 21 12.95 26.85 -11.03
C GLY A 21 13.32 27.01 -12.51
N LEU A 22 12.46 27.64 -13.30
CA LEU A 22 12.77 27.76 -14.73
C LEU A 22 14.03 28.67 -14.88
N LYS A 23 15.02 28.25 -15.67
CA LYS A 23 16.15 29.11 -15.92
C LYS A 23 16.15 29.83 -17.26
N LEU A 24 15.53 29.31 -18.31
CA LEU A 24 15.34 30.05 -19.55
C LEU A 24 14.39 31.22 -19.35
N SER A 25 14.44 32.22 -20.25
CA SER A 25 13.48 33.29 -20.16
C SER A 25 12.11 32.80 -20.64
N PRO A 26 11.06 33.26 -19.97
CA PRO A 26 9.74 33.01 -20.49
C PRO A 26 9.54 33.54 -21.91
N GLN A 27 10.23 34.61 -22.32
CA GLN A 27 10.11 35.12 -23.68
C GLN A 27 10.61 34.09 -24.72
N GLN A 28 11.70 33.41 -24.39
CA GLN A 28 12.21 32.31 -25.24
C GLN A 28 11.22 31.14 -25.45
N ILE A 29 10.59 30.69 -24.40
CA ILE A 29 9.68 29.56 -24.51
C ILE A 29 8.31 29.93 -25.02
N SER A 30 8.04 31.21 -25.18
CA SER A 30 6.73 31.68 -25.61
C SER A 30 6.59 31.60 -27.13
N ASP A 31 7.72 31.46 -27.81
CA ASP A 31 7.75 31.36 -29.25
C ASP A 31 7.43 29.97 -29.75
N LEU A 32 6.25 29.79 -30.35
CA LEU A 32 5.76 28.46 -30.71
C LEU A 32 6.55 27.85 -31.86
N THR A 33 7.29 28.65 -32.63
CA THR A 33 8.12 28.15 -33.73
C THR A 33 9.61 28.24 -33.38
N GLY A 34 9.94 28.42 -32.11
CA GLY A 34 11.32 28.72 -31.73
C GLY A 34 11.96 27.56 -31.02
N ASP A 35 13.04 27.84 -30.34
CA ASP A 35 13.70 26.88 -29.53
C ASP A 35 13.18 27.00 -28.05
N PRO A 36 12.57 25.93 -27.49
CA PRO A 36 12.43 24.55 -28.00
C PRO A 36 11.07 24.22 -28.53
N MSE A 37 10.10 25.14 -28.45
CA MSE A 37 8.70 24.77 -28.65
C MSE A 37 8.44 24.34 -30.09
O MSE A 37 7.60 23.48 -30.32
CB MSE A 37 7.75 25.89 -28.23
CG MSE A 37 7.80 26.18 -26.73
SE MSE A 37 7.63 24.53 -25.62
CE MSE A 37 8.69 24.94 -24.06
N GLY A 38 9.23 24.83 -31.06
CA GLY A 38 9.10 24.44 -32.46
C GLY A 38 9.56 23.01 -32.75
N ALA A 39 10.26 22.42 -31.80
CA ALA A 39 10.59 20.97 -31.87
C ALA A 39 9.42 20.04 -31.55
N VAL A 40 8.37 20.57 -30.92
CA VAL A 40 7.27 19.77 -30.46
C VAL A 40 6.34 19.54 -31.62
N VAL A 41 5.93 18.28 -31.86
CA VAL A 41 5.14 17.94 -33.02
C VAL A 41 3.97 17.04 -32.63
N ALA A 42 2.98 17.07 -33.49
CA ALA A 42 1.76 16.32 -33.30
C ALA A 42 1.73 15.15 -34.26
N LEU A 43 1.36 13.98 -33.72
CA LEU A 43 1.24 12.77 -34.52
C LEU A 43 -0.19 12.43 -34.86
N GLY A 44 -1.15 13.22 -34.39
CA GLY A 44 -2.57 12.89 -34.54
C GLY A 44 -3.17 12.08 -33.37
N GLY A 45 -3.06 12.54 -32.16
CA GLY A 45 -3.55 11.73 -31.03
C GLY A 45 -2.47 11.55 -29.99
N CYS A 46 -1.21 11.66 -30.41
CA CYS A 46 -0.09 11.62 -29.52
C CYS A 46 0.81 12.84 -29.79
N THR A 47 1.61 13.23 -28.82
CA THR A 47 2.63 14.24 -28.96
C THR A 47 3.92 13.52 -29.30
N ALA A 48 4.84 14.23 -29.94
CA ALA A 48 6.19 13.73 -30.13
C ALA A 48 7.13 14.92 -30.23
N SER A 49 8.41 14.65 -30.48
CA SER A 49 9.29 15.81 -30.69
C SER A 49 10.51 15.48 -31.48
N PHE A 50 11.04 16.48 -32.16
CA PHE A 50 12.32 16.32 -32.88
C PHE A 50 13.51 16.34 -31.91
N VAL A 51 14.44 15.42 -32.16
CA VAL A 51 15.64 15.19 -31.37
C VAL A 51 16.93 15.09 -32.20
N SER A 52 16.93 15.45 -33.46
CA SER A 52 18.16 15.70 -34.18
C SER A 52 17.88 16.64 -35.36
N PRO A 53 18.94 17.27 -35.89
CA PRO A 53 18.79 18.09 -37.06
C PRO A 53 18.51 17.30 -38.36
N ASN A 54 18.39 15.98 -38.25
CA ASN A 54 17.94 15.13 -39.35
C ASN A 54 16.67 14.33 -39.17
N GLY A 55 15.77 14.90 -38.39
CA GLY A 55 14.36 14.49 -38.41
C GLY A 55 14.00 13.32 -37.51
N LEU A 56 14.91 12.98 -36.60
CA LEU A 56 14.63 11.97 -35.67
C LEU A 56 13.53 12.49 -34.71
N VAL A 57 12.57 11.64 -34.40
CA VAL A 57 11.38 11.96 -33.59
C VAL A 57 11.26 10.91 -32.52
N VAL A 58 11.06 11.37 -31.27
CA VAL A 58 10.84 10.47 -30.14
C VAL A 58 9.44 10.64 -29.62
N THR A 59 8.82 9.53 -29.22
CA THR A 59 7.46 9.55 -28.68
C THR A 59 7.32 8.33 -27.83
N ASN A 60 6.09 8.01 -27.42
CA ASN A 60 5.96 6.80 -26.62
C ASN A 60 5.88 5.58 -27.50
N HIS A 61 6.25 4.44 -26.94
CA HIS A 61 5.98 3.13 -27.53
C HIS A 61 4.52 2.91 -27.90
N HIS A 62 3.55 3.17 -27.01
CA HIS A 62 2.18 2.89 -27.43
C HIS A 62 1.78 3.85 -28.47
N CYS A 63 2.46 4.97 -28.61
CA CYS A 63 2.15 5.87 -29.76
C CYS A 63 2.65 5.25 -31.09
N ALA A 64 3.67 4.43 -31.03
CA ALA A 64 4.27 3.82 -32.20
C ALA A 64 3.75 2.42 -32.47
N TYR A 65 2.87 1.93 -31.62
CA TYR A 65 2.49 0.53 -31.64
C TYR A 65 1.95 0.15 -33.04
N GLY A 66 1.12 1.02 -33.60
CA GLY A 66 0.61 0.89 -34.96
C GLY A 66 1.66 0.59 -36.00
N ALA A 67 2.62 1.47 -36.05
CA ALA A 67 3.79 1.24 -36.87
C ALA A 67 4.61 -0.03 -36.59
N ILE A 68 4.82 -0.34 -35.32
CA ILE A 68 5.52 -1.57 -34.96
C ILE A 68 4.77 -2.84 -35.39
N GLN A 69 3.49 -2.86 -35.09
CA GLN A 69 2.63 -3.96 -35.49
C GLN A 69 2.64 -4.11 -37.03
N LEU A 70 2.44 -2.99 -37.72
CA LEU A 70 2.37 -2.99 -39.16
C LEU A 70 3.61 -3.63 -39.79
N ASN A 71 4.79 -3.45 -39.23
CA ASN A 71 6.00 -4.02 -39.80
C ASN A 71 6.37 -5.37 -39.18
N SER A 72 5.48 -5.90 -38.35
CA SER A 72 5.65 -7.18 -37.68
C SER A 72 5.04 -8.25 -38.57
N THR A 73 5.67 -9.40 -38.64
CA THR A 73 4.99 -10.54 -39.26
C THR A 73 4.56 -11.50 -38.17
N ALA A 74 3.59 -12.34 -38.51
CA ALA A 74 3.34 -13.59 -37.82
C ALA A 74 4.62 -14.26 -37.31
N GLU A 75 5.68 -14.25 -38.12
CA GLU A 75 6.94 -14.95 -37.83
C GLU A 75 8.16 -14.05 -37.61
N ASN A 76 7.99 -12.75 -37.81
CA ASN A 76 8.92 -11.83 -37.18
C ASN A 76 8.24 -10.69 -36.40
N ASN A 77 8.39 -10.76 -35.06
CA ASN A 77 7.58 -10.01 -34.14
C ASN A 77 8.41 -8.89 -33.51
N LEU A 78 8.42 -7.74 -34.18
CA LEU A 78 8.95 -6.52 -33.60
C LEU A 78 8.24 -6.11 -32.32
N ILE A 79 6.95 -6.46 -32.17
CA ILE A 79 6.30 -6.15 -30.95
C ILE A 79 7.03 -6.83 -29.83
N LYS A 80 7.35 -8.11 -30.02
CA LYS A 80 8.08 -8.83 -29.01
C LYS A 80 9.53 -8.42 -28.98
N ASN A 81 10.20 -8.43 -30.10
CA ASN A 81 11.66 -8.38 -30.07
C ASN A 81 12.21 -6.99 -30.07
N GLY A 82 11.41 -5.98 -30.41
CA GLY A 82 11.95 -4.64 -30.66
C GLY A 82 12.28 -4.43 -32.14
N PHE A 83 12.66 -3.20 -32.50
CA PHE A 83 13.08 -2.90 -33.84
C PHE A 83 14.24 -1.98 -33.79
N ASN A 84 15.26 -2.27 -34.60
CA ASN A 84 16.37 -1.39 -34.73
C ASN A 84 16.83 -1.22 -36.19
N ALA A 85 17.06 0.03 -36.60
CA ALA A 85 17.61 0.38 -37.94
C ALA A 85 19.03 0.91 -37.87
N PRO A 86 20.02 0.04 -38.17
CA PRO A 86 21.40 0.49 -37.95
C PRO A 86 21.81 1.66 -38.88
N THR A 87 21.20 1.76 -40.06
CA THR A 87 21.34 2.92 -40.97
C THR A 87 19.95 3.48 -41.32
N THR A 88 19.88 4.70 -41.81
CA THR A 88 18.55 5.28 -42.11
C THR A 88 17.83 4.49 -43.20
N ALA A 89 18.61 3.89 -44.12
CA ALA A 89 18.04 2.99 -45.18
C ALA A 89 17.28 1.79 -44.62
N ASP A 90 17.63 1.34 -43.42
CA ASP A 90 16.92 0.26 -42.76
C ASP A 90 15.59 0.68 -42.10
N GLU A 91 15.32 1.96 -41.98
CA GLU A 91 14.09 2.38 -41.32
C GLU A 91 12.92 1.94 -42.15
N VAL A 92 11.86 1.51 -41.51
CA VAL A 92 10.71 1.02 -42.23
C VAL A 92 9.50 1.96 -42.20
N SER A 93 8.69 1.99 -43.27
CA SER A 93 7.54 2.86 -43.35
C SER A 93 6.54 2.58 -42.25
N ALA A 94 6.03 3.65 -41.61
CA ALA A 94 4.90 3.53 -40.72
C ALA A 94 3.59 3.50 -41.50
N GLY A 95 3.62 3.56 -42.81
CA GLY A 95 2.43 3.37 -43.61
C GLY A 95 1.80 4.68 -44.03
N PRO A 96 0.86 4.63 -44.97
CA PRO A 96 0.49 5.84 -45.65
C PRO A 96 -0.37 6.77 -44.83
N ASN A 97 -0.91 6.33 -43.68
CA ASN A 97 -1.71 7.23 -42.85
C ASN A 97 -0.93 7.96 -41.75
N ALA A 98 0.35 7.63 -41.59
CA ALA A 98 1.20 8.22 -40.53
C ALA A 98 1.53 9.66 -40.87
N ARG A 99 1.62 10.54 -39.86
CA ARG A 99 1.85 11.94 -40.04
C ARG A 99 2.74 12.49 -38.95
N VAL A 100 3.56 13.48 -39.30
CA VAL A 100 4.14 14.39 -38.32
C VAL A 100 3.70 15.76 -38.76
N PHE A 101 3.00 16.48 -37.89
CA PHE A 101 2.64 17.88 -38.13
C PHE A 101 3.53 18.85 -37.36
N VAL A 102 4.06 19.86 -38.05
CA VAL A 102 5.08 20.73 -37.54
C VAL A 102 4.55 22.13 -37.74
N LEU A 103 4.53 22.98 -36.68
CA LEU A 103 3.96 24.34 -36.80
C LEU A 103 4.79 25.21 -37.77
N ASP A 104 4.10 25.80 -38.73
CA ASP A 104 4.72 26.69 -39.65
C ASP A 104 4.40 28.13 -39.30
N GLU A 105 3.13 28.39 -38.98
CA GLU A 105 2.67 29.73 -38.73
C GLU A 105 1.43 29.72 -37.87
N ILE A 106 1.38 30.70 -36.99
CA ILE A 106 0.24 30.94 -36.13
C ILE A 106 -0.25 32.38 -36.26
N THR A 107 -1.55 32.56 -36.31
CA THR A 107 -2.13 33.88 -36.48
C THR A 107 -3.28 34.00 -35.49
N ASP A 108 -3.34 35.13 -34.83
CA ASP A 108 -4.49 35.53 -34.06
C ASP A 108 -5.55 36.09 -34.99
N VAL A 109 -6.64 35.38 -35.10
CA VAL A 109 -7.73 35.82 -35.95
C VAL A 109 -9.00 36.23 -35.18
N THR A 110 -8.84 36.60 -33.92
CA THR A 110 -9.96 36.84 -33.01
C THR A 110 -10.93 37.94 -33.54
N LYS A 111 -10.34 39.04 -33.99
CA LYS A 111 -11.04 40.21 -34.50
C LYS A 111 -11.97 39.88 -35.66
N ASP A 112 -11.46 39.17 -36.64
CA ASP A 112 -12.25 38.63 -37.77
C ASP A 112 -13.27 37.62 -37.35
N ALA A 113 -12.92 36.76 -36.42
CA ALA A 113 -13.88 35.71 -36.06
C ALA A 113 -15.07 36.34 -35.31
N LYS A 114 -14.76 37.25 -34.39
CA LYS A 114 -15.79 37.95 -33.66
C LYS A 114 -16.68 38.82 -34.56
N ALA A 115 -16.11 39.44 -35.58
CA ALA A 115 -16.89 40.28 -36.53
C ALA A 115 -17.86 39.43 -37.28
N ALA A 116 -17.41 38.27 -37.76
CA ALA A 116 -18.31 37.37 -38.42
C ALA A 116 -19.46 36.92 -37.55
N ILE A 117 -19.19 36.64 -36.28
CA ILE A 117 -20.24 36.21 -35.34
C ILE A 117 -21.18 37.37 -35.05
N ALA A 118 -20.59 38.55 -34.91
CA ALA A 118 -21.33 39.75 -34.58
C ALA A 118 -22.34 40.12 -35.71
N ALA A 119 -22.01 39.78 -36.97
CA ALA A 119 -22.85 40.12 -38.13
C ALA A 119 -24.22 39.42 -38.12
N ALA A 120 -24.34 38.33 -37.35
CA ALA A 120 -25.57 37.56 -37.25
C ALA A 120 -26.57 38.16 -36.32
N GLY A 121 -26.18 39.16 -35.59
CA GLY A 121 -27.13 39.90 -34.75
C GLY A 121 -27.60 39.06 -33.57
N ASP A 122 -28.90 39.09 -33.31
CA ASP A 122 -29.51 38.27 -32.25
C ASP A 122 -30.04 36.95 -32.68
N ASP A 123 -29.69 36.51 -33.86
CA ASP A 123 -30.11 35.23 -34.33
C ASP A 123 -29.03 34.13 -33.98
N ALA A 124 -29.41 33.24 -33.04
CA ALA A 124 -28.50 32.25 -32.47
C ALA A 124 -28.08 31.21 -33.50
N LEU A 125 -29.04 30.74 -34.30
CA LEU A 125 -28.70 29.81 -35.33
C LEU A 125 -27.80 30.49 -36.35
N ALA A 126 -28.10 31.74 -36.74
CA ALA A 126 -27.26 32.47 -37.66
C ALA A 126 -25.84 32.63 -37.15
N ARG A 127 -25.70 32.82 -35.85
CA ARG A 127 -24.36 32.98 -35.25
C ARG A 127 -23.53 31.74 -35.43
N THR A 128 -24.16 30.58 -35.24
CA THR A 128 -23.49 29.31 -35.44
C THR A 128 -23.03 29.20 -36.89
N LYS A 129 -23.94 29.52 -37.82
CA LYS A 129 -23.66 29.27 -39.22
C LYS A 129 -22.60 30.22 -39.67
N ALA A 130 -22.57 31.40 -39.10
CA ALA A 130 -21.58 32.37 -39.47
C ALA A 130 -20.16 31.95 -39.03
N LEU A 131 -20.05 31.40 -37.84
CA LEU A 131 -18.75 30.88 -37.41
C LEU A 131 -18.37 29.68 -38.29
N GLU A 132 -19.33 28.84 -38.63
CA GLU A 132 -19.00 27.68 -39.43
C GLU A 132 -18.38 28.18 -40.73
N ALA A 133 -18.93 29.28 -41.30
CA ALA A 133 -18.55 29.68 -42.62
C ALA A 133 -17.18 30.33 -42.54
N PHE A 134 -17.01 31.24 -41.58
CA PHE A 134 -15.73 31.84 -41.31
C PHE A 134 -14.64 30.75 -41.28
N GLU A 135 -14.87 29.73 -40.46
CA GLU A 135 -13.87 28.64 -40.28
C GLU A 135 -13.54 27.94 -41.60
N LYS A 136 -14.58 27.50 -42.30
CA LYS A 136 -14.37 26.70 -43.51
C LYS A 136 -13.55 27.49 -44.56
N LYS A 137 -13.87 28.78 -44.75
CA LYS A 137 -13.14 29.63 -45.71
C LYS A 137 -11.72 29.91 -45.27
N LEU A 138 -11.55 30.13 -43.98
CA LEU A 138 -10.25 30.32 -43.41
C LEU A 138 -9.30 29.13 -43.67
N ILE A 139 -9.79 27.92 -43.32
CA ILE A 139 -9.08 26.73 -43.48
C ILE A 139 -8.77 26.49 -44.98
N ALA A 140 -9.79 26.56 -45.81
CA ALA A 140 -9.61 26.50 -47.26
C ALA A 140 -8.53 27.41 -47.80
N ASP A 141 -8.62 28.70 -47.50
CA ASP A 141 -7.64 29.63 -47.96
C ASP A 141 -6.25 29.32 -47.41
N CYS A 142 -6.15 28.95 -46.14
CA CYS A 142 -4.86 28.56 -45.56
C CYS A 142 -4.20 27.32 -46.23
N GLU A 143 -5.02 26.36 -46.57
CA GLU A 143 -4.57 25.08 -47.07
C GLU A 143 -4.44 25.08 -48.58
N ALA A 144 -4.68 26.22 -49.23
CA ALA A 144 -4.52 26.29 -50.66
C ALA A 144 -3.05 26.15 -50.99
N GLU A 145 -2.17 26.45 -50.04
CA GLU A 145 -0.79 26.05 -50.19
C GLU A 145 -0.62 24.55 -49.91
N ALA A 146 -0.24 23.79 -50.93
CA ALA A 146 0.02 22.37 -50.78
C ALA A 146 1.15 22.13 -49.75
N GLY A 147 0.98 21.06 -49.02
CA GLY A 147 1.88 20.67 -47.97
C GLY A 147 1.41 20.92 -46.55
N PHE A 148 0.30 21.66 -46.39
CA PHE A 148 -0.04 22.26 -45.14
C PHE A 148 -1.43 21.85 -44.69
N ARG A 149 -1.57 21.63 -43.41
CA ARG A 149 -2.89 21.39 -42.81
C ARG A 149 -3.13 22.46 -41.77
N CYS A 150 -4.33 23.06 -41.82
CA CYS A 150 -4.63 24.21 -40.95
C CYS A 150 -5.76 23.90 -39.94
N ARG A 151 -5.70 24.53 -38.77
CA ARG A 151 -6.75 24.35 -37.76
C ARG A 151 -7.05 25.69 -37.13
N LEU A 152 -8.33 25.91 -36.90
CA LEU A 152 -8.78 27.09 -36.18
C LEU A 152 -9.15 26.63 -34.76
N TYR A 153 -8.49 27.18 -33.74
CA TYR A 153 -8.80 26.82 -32.35
C TYR A 153 -9.44 28.00 -31.63
N SER A 154 -10.52 27.72 -30.94
CA SER A 154 -11.23 28.68 -30.08
C SER A 154 -10.82 28.54 -28.64
N PHE A 155 -10.45 29.63 -27.96
CA PHE A 155 -9.99 29.59 -26.60
C PHE A 155 -10.98 30.30 -25.66
N SER A 156 -11.16 29.76 -24.47
CA SER A 156 -12.02 30.35 -23.42
C SER A 156 -13.38 30.75 -23.95
N GLY A 157 -14.07 29.82 -24.59
CA GLY A 157 -15.42 30.04 -24.98
C GLY A 157 -15.54 30.98 -26.13
N GLY A 158 -14.45 31.17 -26.87
CA GLY A 158 -14.47 32.15 -27.94
C GLY A 158 -14.07 33.55 -27.58
N ASN A 159 -13.33 33.72 -26.48
CA ASN A 159 -12.69 34.99 -26.20
C ASN A 159 -11.48 35.28 -27.15
N THR A 160 -10.91 34.21 -27.70
CA THR A 160 -9.72 34.28 -28.53
C THR A 160 -9.78 33.18 -29.57
N TYR A 161 -9.38 33.49 -30.80
CA TYR A 161 -9.27 32.49 -31.88
C TYR A 161 -7.87 32.55 -32.46
N ARG A 162 -7.30 31.40 -32.78
CA ARG A 162 -6.00 31.32 -33.37
C ARG A 162 -5.99 30.31 -34.47
N LEU A 163 -5.34 30.71 -35.57
CA LEU A 163 -5.21 29.85 -36.73
C LEU A 163 -3.81 29.23 -36.78
N PHE A 164 -3.75 27.93 -36.79
CA PHE A 164 -2.45 27.22 -36.89
C PHE A 164 -2.29 26.59 -38.25
N LYS A 165 -1.18 26.91 -38.90
CA LYS A 165 -0.77 26.32 -40.16
C LYS A 165 0.39 25.35 -39.96
N ASN A 166 0.15 24.08 -40.22
CA ASN A 166 1.11 23.05 -39.94
C ASN A 166 1.65 22.42 -41.21
N LEU A 167 2.96 22.24 -41.31
CA LEU A 167 3.52 21.37 -42.33
C LEU A 167 3.05 19.98 -42.12
N GLU A 168 2.50 19.38 -43.16
CA GLU A 168 1.97 18.02 -43.06
C GLU A 168 2.92 16.94 -43.65
N ILE A 169 3.75 16.34 -42.79
CA ILE A 169 4.80 15.39 -43.22
C ILE A 169 4.09 14.04 -43.32
N LYS A 170 4.21 13.38 -44.48
CA LYS A 170 3.47 12.17 -44.79
C LYS A 170 4.32 10.93 -44.98
N ASP A 171 5.65 11.02 -44.82
CA ASP A 171 6.57 9.85 -44.95
C ASP A 171 7.28 9.76 -43.62
N VAL A 172 6.72 8.91 -42.75
CA VAL A 172 7.25 8.76 -41.40
C VAL A 172 7.69 7.33 -41.34
N ARG A 173 8.88 7.07 -40.84
CA ARG A 173 9.43 5.73 -40.79
C ARG A 173 9.89 5.42 -39.38
N LEU A 174 9.68 4.18 -38.96
CA LEU A 174 10.21 3.66 -37.72
C LEU A 174 11.74 3.50 -37.70
N ALA A 175 12.38 4.11 -36.71
CA ALA A 175 13.77 4.01 -36.55
C ALA A 175 14.21 3.10 -35.42
N TYR A 176 13.43 2.98 -34.35
CA TYR A 176 13.78 2.18 -33.19
C TYR A 176 12.55 1.96 -32.33
N ALA A 177 12.48 0.76 -31.78
CA ALA A 177 11.51 0.47 -30.74
C ALA A 177 12.14 -0.56 -29.79
N PRO A 178 12.09 -0.31 -28.47
CA PRO A 178 12.57 -1.34 -27.52
C PRO A 178 11.67 -2.53 -27.59
N PRO A 179 12.14 -3.69 -27.10
CA PRO A 179 11.23 -4.80 -27.01
C PRO A 179 9.98 -4.46 -26.19
N GLY A 180 8.92 -5.17 -26.52
CA GLY A 180 7.56 -5.01 -25.95
C GLY A 180 7.49 -5.16 -24.42
N SER A 181 8.30 -6.04 -23.84
CA SER A 181 8.35 -6.15 -22.40
C SER A 181 9.10 -4.98 -21.67
N VAL A 182 9.82 -4.15 -22.42
CA VAL A 182 10.25 -2.83 -21.98
C VAL A 182 9.24 -1.69 -22.28
N GLY A 183 8.88 -1.56 -23.55
CA GLY A 183 7.93 -0.62 -23.99
C GLY A 183 6.66 -0.62 -23.17
N LYS A 184 6.23 -1.80 -22.78
CA LYS A 184 5.00 -1.97 -22.11
C LYS A 184 5.12 -2.88 -20.90
N PHE A 185 6.27 -2.86 -20.27
CA PHE A 185 6.45 -3.60 -19.03
C PHE A 185 5.27 -3.38 -18.08
N GLY A 186 4.70 -4.47 -17.61
CA GLY A 186 3.58 -4.40 -16.69
C GLY A 186 2.24 -4.28 -17.35
N GLY A 187 2.23 -4.12 -18.67
CA GLY A 187 1.02 -4.21 -19.48
C GLY A 187 -0.19 -3.46 -18.91
N ASP A 188 -1.37 -4.08 -18.97
CA ASP A 188 -2.59 -3.43 -18.45
C ASP A 188 -2.62 -3.45 -16.95
N ILE A 189 -1.92 -4.40 -16.34
CA ILE A 189 -1.90 -4.49 -14.89
C ILE A 189 -1.35 -3.19 -14.29
N ASP A 190 -0.30 -2.60 -14.91
CA ASP A 190 0.31 -1.43 -14.32
C ASP A 190 -0.30 -0.14 -14.86
N ASN A 191 -1.33 -0.24 -15.69
CA ASN A 191 -1.98 0.95 -16.24
C ASN A 191 -2.49 1.85 -15.12
N TRP A 192 -2.20 3.13 -15.20
CA TRP A 192 -2.53 4.14 -14.20
C TRP A 192 -1.75 4.03 -12.84
N MSE A 193 -0.79 3.12 -12.74
CA MSE A 193 -0.26 2.68 -11.42
C MSE A 193 1.11 3.30 -11.23
O MSE A 193 1.92 3.45 -12.19
CB MSE A 193 -0.06 1.18 -11.30
CG MSE A 193 -1.31 0.31 -11.44
SE MSE A 193 -2.58 0.75 -9.99
CE MSE A 193 -3.64 2.27 -10.59
N TRP A 194 1.38 3.67 -9.98
CA TRP A 194 2.71 3.84 -9.46
C TRP A 194 2.79 2.92 -8.24
N PRO A 195 3.98 2.35 -8.02
CA PRO A 195 5.25 2.51 -8.73
C PRO A 195 5.23 1.95 -10.13
N ARG A 196 6.00 2.57 -11.04
CA ARG A 196 5.95 2.27 -12.46
C ARG A 196 7.37 2.08 -13.00
N HIS A 197 7.54 1.09 -13.89
CA HIS A 197 8.83 0.66 -14.36
C HIS A 197 8.83 0.43 -15.88
N THR A 198 8.23 1.33 -16.66
CA THR A 198 7.91 1.05 -18.06
C THR A 198 8.81 1.91 -18.94
N GLY A 199 9.57 1.31 -19.85
CA GLY A 199 10.41 2.06 -20.85
C GLY A 199 9.61 2.52 -22.04
N ASP A 200 8.68 3.45 -21.81
CA ASP A 200 7.63 3.74 -22.83
C ASP A 200 8.11 4.77 -23.84
N PHE A 201 8.94 4.32 -24.77
CA PHE A 201 9.48 5.18 -25.80
C PHE A 201 9.68 4.47 -27.11
N ALA A 202 9.77 5.28 -28.17
CA ALA A 202 10.18 4.79 -29.48
C ALA A 202 10.54 5.96 -30.40
N PHE A 203 11.13 5.63 -31.55
CA PHE A 203 11.72 6.66 -32.45
C PHE A 203 11.23 6.46 -33.84
N TYR A 204 10.71 7.52 -34.42
CA TYR A 204 10.53 7.66 -35.85
C TYR A 204 11.61 8.54 -36.52
N ARG A 205 11.62 8.53 -37.86
CA ARG A 205 12.24 9.58 -38.64
C ARG A 205 11.33 10.12 -39.72
N ALA A 206 11.31 11.44 -39.77
CA ALA A 206 10.48 12.20 -40.74
C ALA A 206 11.27 12.43 -42.02
N TYR A 207 10.58 12.22 -43.15
CA TYR A 207 11.13 12.34 -44.47
C TYR A 207 10.29 13.34 -45.33
N VAL A 208 11.00 14.06 -46.19
CA VAL A 208 10.44 14.88 -47.22
C VAL A 208 11.11 14.59 -48.59
N GLY A 209 10.54 15.17 -49.62
CA GLY A 209 11.11 15.08 -50.94
C GLY A 209 12.43 15.80 -50.98
N LYS A 210 13.25 15.50 -51.99
CA LYS A 210 14.53 16.24 -52.18
C LYS A 210 14.27 17.72 -52.43
N ASP A 211 13.08 18.05 -52.89
CA ASP A 211 12.75 19.45 -52.96
C ASP A 211 12.39 20.11 -51.62
N GLY A 212 12.44 19.37 -50.50
CA GLY A 212 12.04 19.90 -49.21
C GLY A 212 10.53 19.85 -48.91
N LYS A 213 9.68 19.42 -49.83
CA LYS A 213 8.24 19.48 -49.62
C LYS A 213 7.71 18.15 -49.19
N PRO A 214 6.61 18.14 -48.44
CA PRO A 214 6.10 16.81 -48.08
C PRO A 214 5.80 15.95 -49.30
N ALA A 215 5.97 14.65 -49.12
CA ALA A 215 5.67 13.64 -50.12
C ALA A 215 5.34 12.31 -49.44
N ALA A 216 4.53 11.49 -50.11
CA ALA A 216 4.27 10.12 -49.60
C ALA A 216 5.50 9.34 -49.72
N PHE A 217 5.53 8.17 -49.07
CA PHE A 217 6.70 7.29 -49.10
C PHE A 217 7.31 7.16 -50.49
N SER A 218 8.63 7.35 -50.56
CA SER A 218 9.41 7.05 -51.72
C SER A 218 10.84 6.86 -51.28
N LYS A 219 11.54 5.94 -51.95
CA LYS A 219 12.92 5.72 -51.70
C LYS A 219 13.73 6.92 -52.15
N ASP A 220 13.17 7.84 -52.91
CA ASP A 220 13.94 9.07 -53.23
C ASP A 220 13.83 10.19 -52.18
N ASN A 221 13.04 9.99 -51.14
CA ASN A 221 12.83 11.03 -50.11
C ASN A 221 14.05 11.02 -49.23
N VAL A 222 14.25 12.11 -48.54
CA VAL A 222 15.34 12.17 -47.65
C VAL A 222 14.88 12.63 -46.25
N PRO A 223 15.77 12.55 -45.24
CA PRO A 223 15.27 13.02 -43.92
C PRO A 223 14.93 14.52 -43.90
N TYR A 224 13.84 14.86 -43.23
CA TYR A 224 13.49 16.22 -42.90
C TYR A 224 14.52 16.85 -41.99
N GLN A 225 14.81 18.12 -42.23
CA GLN A 225 15.80 18.85 -41.49
C GLN A 225 15.20 19.95 -40.63
N PRO A 226 14.88 19.62 -39.36
CA PRO A 226 14.03 20.59 -38.65
C PRO A 226 14.76 21.87 -38.24
N LYS A 227 14.00 22.92 -38.14
CA LYS A 227 14.57 24.18 -37.71
C LYS A 227 14.99 24.10 -36.25
N HIS A 228 14.20 23.42 -35.44
CA HIS A 228 14.54 23.24 -34.02
C HIS A 228 14.32 21.79 -33.60
N TRP A 229 15.13 21.37 -32.66
CA TRP A 229 15.11 20.02 -32.11
C TRP A 229 15.59 20.06 -30.68
N LEU A 230 15.26 19.03 -29.90
CA LEU A 230 15.70 18.96 -28.48
C LEU A 230 17.03 18.20 -28.26
N LYS A 231 17.71 18.55 -27.17
CA LYS A 231 18.96 17.95 -26.80
C LYS A 231 18.71 17.26 -25.43
N PHE A 232 19.38 16.14 -25.22
CA PHE A 232 19.42 15.46 -23.90
C PHE A 232 20.02 16.40 -22.84
N ALA A 233 19.40 16.41 -21.67
CA ALA A 233 19.96 17.02 -20.46
C ALA A 233 21.38 16.65 -20.19
N ASP A 234 22.18 17.60 -19.75
CA ASP A 234 23.48 17.23 -19.20
C ASP A 234 23.54 17.33 -17.68
N GLN A 235 22.54 17.91 -17.04
CA GLN A 235 22.47 17.88 -15.58
C GLN A 235 21.52 16.75 -15.17
N PRO A 236 21.89 16.02 -14.10
CA PRO A 236 21.12 14.90 -13.65
C PRO A 236 19.85 15.40 -12.97
N LEU A 237 18.71 14.88 -13.40
CA LEU A 237 17.42 15.27 -12.86
C LEU A 237 17.21 14.63 -11.46
N GLY A 238 16.89 15.51 -10.50
CA GLY A 238 16.73 15.18 -9.07
C GLY A 238 15.36 15.54 -8.49
N ALA A 239 15.03 14.98 -7.33
CA ALA A 239 13.74 15.25 -6.68
C ALA A 239 13.75 16.75 -6.37
N GLY A 240 12.60 17.42 -6.56
CA GLY A 240 12.48 18.85 -6.41
C GLY A 240 12.81 19.67 -7.65
N ASP A 241 13.50 19.14 -8.66
CA ASP A 241 13.90 19.96 -9.81
C ASP A 241 12.65 20.39 -10.61
N PHE A 242 12.73 21.57 -11.14
CA PHE A 242 11.86 22.02 -12.21
C PHE A 242 11.77 21.09 -13.42
N VAL A 243 10.53 20.80 -13.81
CA VAL A 243 10.20 20.17 -15.07
C VAL A 243 9.00 20.86 -15.73
N MSE A 244 8.99 20.80 -17.05
CA MSE A 244 7.87 21.25 -17.80
C MSE A 244 7.64 20.30 -18.94
O MSE A 244 8.58 19.65 -19.47
CB MSE A 244 8.09 22.65 -18.30
CG MSE A 244 9.34 22.79 -19.15
SE MSE A 244 9.43 24.66 -19.78
CE MSE A 244 11.30 24.71 -20.42
N VAL A 245 6.35 20.21 -19.32
CA VAL A 245 5.90 19.41 -20.45
C VAL A 245 5.28 20.37 -21.48
N ALA A 246 5.54 20.08 -22.73
CA ALA A 246 4.91 20.80 -23.84
C ALA A 246 4.25 19.74 -24.72
N GLY A 247 2.97 19.94 -25.05
CA GLY A 247 2.24 18.93 -25.79
C GLY A 247 0.85 19.42 -26.14
N TYR A 248 0.00 18.49 -26.64
CA TYR A 248 -1.30 18.87 -27.23
C TYR A 248 -2.49 18.24 -26.44
N PRO A 249 -2.78 18.73 -25.21
CA PRO A 249 -3.96 18.12 -24.54
C PRO A 249 -5.24 18.40 -25.33
N GLY A 250 -6.11 17.39 -25.42
CA GLY A 250 -7.23 17.39 -26.36
C GLY A 250 -8.33 18.28 -25.87
N SER A 251 -8.82 18.02 -24.69
CA SER A 251 -9.96 18.74 -24.17
C SER A 251 -10.04 18.68 -22.65
N THR A 252 -10.43 19.81 -22.03
CA THR A 252 -10.78 19.86 -20.64
C THR A 252 -12.05 20.68 -20.47
N ASN A 253 -12.64 20.56 -19.28
CA ASN A 253 -13.83 21.28 -18.93
C ASN A 253 -13.76 21.71 -17.52
N ARG A 254 -12.77 22.56 -17.26
CA ARG A 254 -12.33 22.89 -15.92
C ARG A 254 -13.23 23.91 -15.30
N TYR A 255 -14.01 24.62 -16.12
CA TYR A 255 -14.81 25.76 -15.62
C TYR A 255 -16.31 25.47 -15.76
N ALA A 256 -16.65 24.22 -15.99
CA ALA A 256 -18.09 23.81 -16.01
C ALA A 256 -18.86 24.44 -14.84
N LEU A 257 -20.07 24.91 -15.13
CA LEU A 257 -20.93 25.43 -14.08
C LEU A 257 -21.16 24.33 -13.03
N ALA A 258 -21.36 24.74 -11.79
CA ALA A 258 -21.79 23.80 -10.74
C ALA A 258 -22.94 22.90 -11.21
N ALA A 259 -24.00 23.44 -11.82
CA ALA A 259 -25.17 22.59 -12.27
C ALA A 259 -24.81 21.62 -13.45
N GLU A 260 -23.83 22.00 -14.26
CA GLU A 260 -23.47 21.22 -15.39
C GLU A 260 -22.66 20.07 -14.84
N PHE A 261 -21.72 20.37 -13.97
CA PHE A 261 -20.93 19.33 -13.36
C PHE A 261 -21.88 18.32 -12.60
N ASP A 262 -22.86 18.83 -11.86
CA ASP A 262 -23.82 17.98 -11.10
C ASP A 262 -24.61 17.06 -12.01
N ASN A 263 -24.98 17.53 -13.19
CA ASN A 263 -25.66 16.71 -14.14
C ASN A 263 -24.80 15.60 -14.72
N THR A 264 -23.55 15.95 -15.02
CA THR A 264 -22.58 14.97 -15.43
C THR A 264 -22.38 13.90 -14.36
N ALA A 265 -22.17 14.28 -13.11
CA ALA A 265 -21.87 13.33 -12.07
C ALA A 265 -23.10 12.50 -11.69
N GLN A 266 -24.25 13.13 -11.65
CA GLN A 266 -25.48 12.49 -11.19
C GLN A 266 -26.24 11.74 -12.24
N TRP A 267 -26.19 12.17 -13.49
CA TRP A 267 -26.91 11.47 -14.56
C TRP A 267 -26.01 10.91 -15.67
N THR A 268 -25.16 11.75 -16.26
CA THR A 268 -24.49 11.35 -17.50
C THR A 268 -23.61 10.16 -17.24
N TYR A 269 -22.71 10.33 -16.32
CA TYR A 269 -21.72 9.30 -16.08
C TYR A 269 -22.35 8.01 -15.59
N PRO A 270 -23.27 8.09 -14.60
CA PRO A 270 -23.90 6.82 -14.22
C PRO A 270 -24.66 6.20 -15.36
N THR A 271 -25.31 7.02 -16.20
CA THR A 271 -26.20 6.43 -17.23
C THR A 271 -25.42 5.76 -18.35
N ILE A 272 -24.41 6.46 -18.85
CA ILE A 272 -23.50 5.87 -19.80
C ILE A 272 -22.75 4.66 -19.26
N ALA A 273 -22.24 4.72 -18.05
CA ALA A 273 -21.58 3.56 -17.46
C ALA A 273 -22.49 2.29 -17.43
N ARG A 274 -23.76 2.51 -17.10
CA ARG A 274 -24.69 1.45 -17.11
C ARG A 274 -24.90 0.79 -18.47
N HIS A 275 -25.19 1.58 -19.49
CA HIS A 275 -25.42 1.02 -20.81
C HIS A 275 -24.12 0.27 -21.26
N TYR A 276 -22.99 0.88 -21.00
CA TYR A 276 -21.69 0.35 -21.41
C TYR A 276 -21.41 -1.02 -20.74
N LYS A 277 -21.61 -1.13 -19.45
CA LYS A 277 -21.57 -2.40 -18.78
C LYS A 277 -22.57 -3.42 -19.35
N ASN A 278 -23.80 -3.03 -19.68
CA ASN A 278 -24.71 -3.98 -20.35
C ASN A 278 -24.22 -4.44 -21.74
N GLN A 279 -23.60 -3.53 -22.48
CA GLN A 279 -23.07 -3.88 -23.79
C GLN A 279 -21.90 -4.84 -23.67
N ILE A 280 -21.05 -4.58 -22.70
CA ILE A 280 -19.88 -5.36 -22.41
C ILE A 280 -20.36 -6.78 -22.11
N ALA A 281 -21.38 -6.92 -21.27
CA ALA A 281 -21.79 -8.26 -20.85
C ALA A 281 -22.34 -9.02 -22.04
N MSE A 282 -23.05 -8.31 -22.93
CA MSE A 282 -23.58 -8.91 -24.16
C MSE A 282 -22.50 -9.42 -25.08
O MSE A 282 -22.63 -10.50 -25.67
CB MSE A 282 -24.42 -7.90 -24.92
CG MSE A 282 -25.80 -7.84 -24.28
SE MSE A 282 -26.89 -6.66 -25.46
CE MSE A 282 -27.67 -7.99 -26.66
N VAL A 283 -21.47 -8.61 -25.27
CA VAL A 283 -20.33 -9.01 -26.11
C VAL A 283 -19.49 -10.13 -25.50
N GLU A 284 -19.21 -10.05 -24.20
CA GLU A 284 -18.53 -11.13 -23.46
C GLU A 284 -19.29 -12.44 -23.66
N ALA A 285 -20.58 -12.41 -23.35
CA ALA A 285 -21.45 -13.60 -23.46
C ALA A 285 -21.50 -14.21 -24.86
N ALA A 286 -21.64 -13.40 -25.90
CA ALA A 286 -21.65 -13.90 -27.29
C ALA A 286 -20.27 -14.32 -27.83
N GLY A 287 -19.20 -13.67 -27.42
CA GLY A 287 -17.89 -14.04 -27.93
C GLY A 287 -17.43 -15.43 -27.50
N LYS A 288 -17.90 -15.88 -26.35
CA LYS A 288 -17.68 -17.26 -25.92
C LYS A 288 -18.35 -18.27 -26.82
N GLN A 289 -19.43 -17.89 -27.51
CA GLN A 289 -20.35 -18.87 -28.05
C GLN A 289 -19.96 -19.31 -29.46
N ASN A 290 -20.16 -18.48 -30.49
CA ASN A 290 -19.21 -17.72 -31.34
C ASN A 290 -17.80 -17.35 -30.87
N ALA A 291 -17.08 -16.60 -31.72
CA ALA A 291 -15.58 -16.57 -31.80
C ALA A 291 -15.07 -15.63 -32.90
N ASP A 292 -15.78 -15.56 -34.00
CA ASP A 292 -15.72 -14.36 -34.84
C ASP A 292 -16.06 -13.05 -34.10
N ILE A 293 -17.14 -13.13 -33.32
CA ILE A 293 -17.59 -12.07 -32.40
C ILE A 293 -16.45 -11.66 -31.48
N GLN A 294 -15.83 -12.68 -30.90
CA GLN A 294 -14.81 -12.44 -29.92
C GLN A 294 -13.70 -11.62 -30.50
N VAL A 295 -13.29 -11.94 -31.72
CA VAL A 295 -12.08 -11.29 -32.24
C VAL A 295 -12.49 -9.91 -32.79
N LYS A 296 -13.60 -9.84 -33.48
CA LYS A 296 -13.95 -8.56 -34.08
C LYS A 296 -14.47 -7.50 -33.09
N TYR A 297 -15.02 -7.93 -31.96
CA TYR A 297 -15.57 -6.95 -30.98
C TYR A 297 -14.65 -6.67 -29.82
N ALA A 298 -13.50 -7.35 -29.78
CA ALA A 298 -12.57 -7.20 -28.67
C ALA A 298 -12.23 -5.76 -28.40
N ALA A 299 -11.90 -4.97 -29.41
CA ALA A 299 -11.50 -3.54 -29.16
C ALA A 299 -12.72 -2.63 -28.79
N THR A 300 -13.84 -2.82 -29.45
CA THR A 300 -15.05 -2.13 -29.03
C THR A 300 -15.36 -2.37 -27.52
N MSE A 301 -15.32 -3.65 -27.08
CA MSE A 301 -15.58 -3.98 -25.67
C MSE A 301 -14.59 -3.32 -24.78
O MSE A 301 -14.94 -2.89 -23.72
CB MSE A 301 -15.51 -5.47 -25.44
CG MSE A 301 -15.99 -5.79 -24.01
SE MSE A 301 -16.32 -7.70 -23.77
CE MSE A 301 -14.39 -8.05 -24.08
N ALA A 302 -13.31 -3.28 -25.21
CA ALA A 302 -12.22 -2.67 -24.42
C ALA A 302 -12.40 -1.17 -24.28
N GLY A 303 -12.89 -0.53 -25.33
CA GLY A 303 -13.26 0.86 -25.28
C GLY A 303 -14.38 1.19 -24.26
N TRP A 304 -15.48 0.46 -24.34
CA TRP A 304 -16.57 0.56 -23.34
C TRP A 304 -16.06 0.29 -21.94
N ASN A 305 -15.22 -0.72 -21.83
CA ASN A 305 -14.74 -1.11 -20.53
C ASN A 305 -13.86 -0.05 -19.90
N ASN A 306 -12.98 0.47 -20.72
CA ASN A 306 -12.21 1.65 -20.38
C ASN A 306 -12.98 2.93 -19.91
N THR A 307 -13.94 3.39 -20.70
CA THR A 307 -14.75 4.54 -20.34
C THR A 307 -15.51 4.28 -19.08
N SER A 308 -16.02 3.08 -18.97
CA SER A 308 -16.86 2.69 -17.87
C SER A 308 -16.06 2.76 -16.56
N LYS A 309 -14.86 2.18 -16.57
CA LYS A 309 -13.99 2.21 -15.41
C LYS A 309 -13.53 3.64 -15.12
N ASN A 310 -13.27 4.47 -16.15
CA ASN A 310 -12.84 5.83 -15.88
C ASN A 310 -13.96 6.71 -15.30
N TYR A 311 -15.18 6.56 -15.81
CA TYR A 311 -16.36 7.27 -15.23
C TYR A 311 -16.56 6.85 -13.76
N ASP A 312 -16.60 5.54 -13.51
CA ASP A 312 -16.70 5.08 -12.11
C ASP A 312 -15.57 5.66 -11.26
N GLY A 313 -14.34 5.59 -11.78
CA GLY A 313 -13.19 6.18 -11.11
C GLY A 313 -13.26 7.67 -10.83
N GLN A 314 -13.74 8.47 -11.79
CA GLN A 314 -13.92 9.89 -11.54
C GLN A 314 -14.98 10.14 -10.50
N LEU A 315 -16.11 9.44 -10.56
CA LEU A 315 -17.15 9.69 -9.55
C LEU A 315 -16.60 9.51 -8.12
N GLU A 316 -15.77 8.47 -7.93
CA GLU A 316 -15.17 8.27 -6.61
C GLU A 316 -14.22 9.39 -6.27
N GLY A 317 -13.40 9.77 -7.26
CA GLY A 317 -12.47 10.85 -7.07
C GLY A 317 -13.14 12.18 -6.64
N PHE A 318 -14.20 12.56 -7.34
CA PHE A 318 -15.01 13.73 -6.98
C PHE A 318 -15.41 13.70 -5.52
N LYS A 319 -15.99 12.58 -5.08
CA LYS A 319 -16.40 12.44 -3.69
C LYS A 319 -15.23 12.54 -2.76
N ARG A 320 -14.08 12.05 -3.17
CA ARG A 320 -12.91 12.12 -2.36
C ARG A 320 -12.40 13.52 -2.08
N ILE A 321 -12.40 14.41 -3.07
CA ILE A 321 -11.95 15.81 -2.82
C ILE A 321 -13.10 16.82 -2.68
N ASP A 322 -14.34 16.35 -2.57
CA ASP A 322 -15.57 17.14 -2.67
C ASP A 322 -15.48 18.16 -3.83
N ALA A 323 -15.22 17.66 -5.02
CA ALA A 323 -15.17 18.54 -6.20
C ALA A 323 -16.42 19.37 -6.44
N ALA A 324 -17.59 18.79 -6.23
CA ALA A 324 -18.87 19.47 -6.45
C ALA A 324 -18.98 20.63 -5.46
N GLY A 325 -18.56 20.40 -4.22
CA GLY A 325 -18.68 21.43 -3.18
C GLY A 325 -17.74 22.58 -3.48
N GLN A 326 -16.48 22.25 -3.77
CA GLN A 326 -15.49 23.21 -4.13
C GLN A 326 -15.96 24.06 -5.32
N LYS A 327 -16.63 23.42 -6.25
CA LYS A 327 -17.01 24.14 -7.47
C LYS A 327 -18.14 25.08 -7.13
N LEU A 328 -19.09 24.59 -6.36
CA LEU A 328 -20.19 25.41 -5.90
C LEU A 328 -19.77 26.62 -5.13
N ARG A 329 -18.83 26.45 -4.21
CA ARG A 329 -18.34 27.61 -3.44
C ARG A 329 -17.59 28.64 -4.28
N GLU A 330 -16.79 28.21 -5.26
CA GLU A 330 -16.06 29.17 -6.07
C GLU A 330 -17.05 29.88 -6.96
N GLU A 331 -18.02 29.18 -7.54
CA GLU A 331 -19.02 29.81 -8.32
C GLU A 331 -19.84 30.81 -7.50
N ALA A 332 -20.20 30.46 -6.30
CA ALA A 332 -20.90 31.40 -5.42
C ALA A 332 -20.09 32.65 -5.20
N ALA A 333 -18.77 32.47 -5.10
CA ALA A 333 -17.87 33.63 -4.88
C ALA A 333 -17.91 34.52 -6.11
N VAL A 334 -17.85 33.90 -7.28
CA VAL A 334 -17.92 34.64 -8.50
C VAL A 334 -19.21 35.42 -8.61
N LEU A 335 -20.36 34.77 -8.30
CA LEU A 335 -21.64 35.40 -8.50
C LEU A 335 -21.80 36.54 -7.52
N GLY A 336 -21.24 36.35 -6.33
CA GLY A 336 -21.26 37.40 -5.32
C GLY A 336 -20.46 38.63 -5.73
N TRP A 337 -19.30 38.39 -6.32
CA TRP A 337 -18.44 39.46 -6.76
C TRP A 337 -19.10 40.26 -7.87
N LEU A 338 -19.85 39.58 -8.72
CA LEU A 338 -20.48 40.23 -9.84
C LEU A 338 -21.68 41.07 -9.33
N LYS A 339 -22.39 40.49 -8.40
CA LYS A 339 -23.61 41.08 -7.83
C LYS A 339 -23.24 42.37 -7.12
N GLY A 340 -22.11 42.38 -6.42
CA GLY A 340 -21.55 43.56 -5.85
C GLY A 340 -21.33 44.73 -6.78
N GLN A 341 -21.12 44.45 -8.06
CA GLN A 341 -20.79 45.49 -8.99
C GLN A 341 -22.13 45.81 -9.60
N GLY A 342 -22.23 46.83 -10.38
CA GLY A 342 -23.66 47.23 -10.33
C GLY A 342 -24.41 46.59 -11.48
N ALA A 343 -24.89 47.48 -12.28
CA ALA A 343 -25.14 47.26 -13.66
C ALA A 343 -23.98 46.60 -14.39
N LYS A 344 -22.77 46.93 -13.99
CA LYS A 344 -21.56 46.48 -14.61
C LYS A 344 -21.43 44.94 -14.47
N GLY A 345 -21.92 44.40 -13.36
CA GLY A 345 -21.96 42.94 -13.15
C GLY A 345 -23.08 42.25 -13.88
N GLN A 346 -24.06 42.99 -14.39
CA GLN A 346 -25.27 42.33 -14.88
C GLN A 346 -25.10 41.47 -16.15
N PRO A 347 -24.31 41.90 -17.15
CA PRO A 347 -24.20 41.11 -18.39
C PRO A 347 -23.67 39.69 -18.09
N ALA A 348 -22.73 39.58 -17.14
CA ALA A 348 -22.16 38.30 -16.81
C ALA A 348 -23.16 37.45 -16.01
N LEU A 349 -23.91 38.06 -15.10
CA LEU A 349 -25.01 37.33 -14.42
C LEU A 349 -26.08 36.81 -15.38
N ASP A 350 -26.45 37.66 -16.32
CA ASP A 350 -27.34 37.29 -17.34
C ASP A 350 -26.79 36.10 -18.16
N ALA A 351 -25.50 36.16 -18.45
CA ALA A 351 -24.89 35.05 -19.21
C ALA A 351 -24.92 33.76 -18.43
N HIS A 352 -24.61 33.83 -17.12
CA HIS A 352 -24.72 32.64 -16.26
C HIS A 352 -26.15 32.05 -16.30
N ALA A 353 -27.12 32.93 -16.21
CA ALA A 353 -28.50 32.48 -16.27
C ALA A 353 -28.87 31.85 -17.60
N LYS A 354 -28.40 32.40 -18.71
CA LYS A 354 -28.61 31.78 -20.02
C LYS A 354 -27.95 30.36 -20.11
N LEU A 355 -26.75 30.23 -19.60
CA LEU A 355 -26.05 28.91 -19.58
C LEU A 355 -26.90 27.86 -18.80
N LEU A 356 -27.47 28.28 -17.66
CA LEU A 356 -28.39 27.39 -16.90
C LEU A 356 -29.59 27.04 -17.70
N ASP A 357 -30.16 27.99 -18.43
CA ASP A 357 -31.34 27.73 -19.21
C ASP A 357 -31.06 26.74 -20.33
N LEU A 358 -29.90 26.84 -20.98
CA LEU A 358 -29.54 25.89 -22.02
C LEU A 358 -29.30 24.47 -21.44
N LEU A 359 -28.72 24.38 -20.25
CA LEU A 359 -28.61 23.08 -19.62
C LEU A 359 -30.02 22.51 -19.33
N GLU A 360 -30.95 23.33 -18.86
CA GLU A 360 -32.35 22.76 -18.76
C GLU A 360 -32.92 22.29 -20.04
N GLN A 361 -32.66 23.04 -21.10
CA GLN A 361 -33.22 22.65 -22.38
C GLN A 361 -32.60 21.29 -22.82
N SER A 362 -31.28 21.12 -22.70
CA SER A 362 -30.73 19.83 -23.17
C SER A 362 -31.09 18.68 -22.19
N LYS A 363 -31.26 19.02 -20.91
CA LYS A 363 -31.79 18.04 -19.93
C LYS A 363 -33.20 17.57 -20.25
N ALA A 364 -34.04 18.42 -20.79
CA ALA A 364 -35.43 18.02 -21.06
C ALA A 364 -35.50 16.84 -22.00
N THR A 365 -34.52 16.65 -22.85
CA THR A 365 -34.59 15.56 -23.83
C THR A 365 -33.36 14.67 -23.74
N ARG A 366 -32.72 14.66 -22.60
CA ARG A 366 -31.51 13.89 -22.49
C ARG A 366 -31.61 12.35 -22.75
N ASP A 367 -32.71 11.70 -22.31
CA ASP A 367 -32.92 10.31 -22.54
C ASP A 367 -33.14 9.93 -23.98
N ARG A 368 -34.03 10.68 -24.64
CA ARG A 368 -34.26 10.49 -26.06
C ARG A 368 -32.96 10.65 -26.81
N ASP A 369 -32.23 11.71 -26.49
CA ASP A 369 -31.15 12.15 -27.40
C ASP A 369 -30.04 11.06 -27.36
N LEU A 370 -29.69 10.64 -26.16
CA LEU A 370 -28.73 9.61 -25.94
C LEU A 370 -29.19 8.32 -26.56
N THR A 371 -30.43 7.94 -26.38
CA THR A 371 -30.88 6.67 -26.95
C THR A 371 -30.87 6.68 -28.46
N LEU A 372 -31.32 7.77 -29.04
CA LEU A 372 -31.38 7.83 -30.47
C LEU A 372 -29.96 7.80 -31.02
N ALA A 373 -29.07 8.53 -30.37
CA ALA A 373 -27.68 8.65 -30.82
C ALA A 373 -26.96 7.29 -30.82
N LEU A 374 -27.08 6.57 -29.70
CA LEU A 374 -26.47 5.26 -29.62
C LEU A 374 -27.17 4.13 -30.42
N PHE A 375 -28.49 4.18 -30.51
CA PHE A 375 -29.18 3.36 -31.51
C PHE A 375 -28.62 3.57 -32.93
N ASN A 376 -28.50 4.82 -33.33
CA ASN A 376 -27.92 5.14 -34.67
C ASN A 376 -26.44 4.99 -34.89
N ASN A 377 -25.69 4.74 -33.81
CA ASN A 377 -24.30 4.43 -33.86
C ASN A 377 -24.01 2.91 -33.97
N THR A 378 -25.02 2.05 -33.97
CA THR A 378 -24.82 0.66 -34.28
C THR A 378 -24.38 0.52 -35.77
N ALA A 379 -23.83 -0.59 -36.17
CA ALA A 379 -23.01 -0.58 -37.40
C ALA A 379 -23.83 -0.32 -38.67
N MSE A 380 -24.95 -1.01 -38.82
CA MSE A 380 -25.65 -0.91 -40.08
C MSE A 380 -26.39 0.41 -40.10
O MSE A 380 -26.39 1.12 -41.14
CB MSE A 380 -26.60 -2.08 -40.34
CG MSE A 380 -25.80 -3.39 -40.38
SE MSE A 380 -24.67 -3.44 -41.97
CE MSE A 380 -22.97 -2.82 -41.33
N LEU A 381 -26.98 0.79 -38.97
CA LEU A 381 -27.68 2.11 -38.94
C LEU A 381 -26.75 3.30 -39.06
N GLY A 382 -25.61 3.22 -38.38
CA GLY A 382 -24.54 4.18 -38.55
C GLY A 382 -24.14 4.39 -39.98
N SER A 383 -23.82 3.30 -40.67
CA SER A 383 -23.30 3.48 -42.03
C SER A 383 -24.42 3.98 -42.96
N ALA A 384 -25.62 3.45 -42.81
CA ALA A 384 -26.74 3.93 -43.59
C ALA A 384 -26.99 5.49 -43.46
N THR A 385 -27.06 5.97 -42.21
CA THR A 385 -27.29 7.39 -41.94
C THR A 385 -26.10 8.24 -42.39
N GLN A 386 -24.88 7.78 -42.08
CA GLN A 386 -23.72 8.53 -42.52
C GLN A 386 -23.70 8.62 -44.05
N LEU A 387 -23.97 7.52 -44.75
CA LEU A 387 -23.87 7.57 -46.22
C LEU A 387 -24.95 8.44 -46.83
N TYR A 388 -26.19 8.29 -46.31
CA TYR A 388 -27.29 9.07 -46.84
C TYR A 388 -27.02 10.53 -46.60
N ARG A 389 -26.57 10.85 -45.39
CA ARG A 389 -26.25 12.24 -45.07
C ARG A 389 -25.25 12.83 -46.04
N LEU A 390 -24.19 12.06 -46.34
CA LEU A 390 -23.20 12.54 -47.28
C LEU A 390 -23.85 12.89 -48.65
N SER A 391 -24.79 12.06 -49.12
CA SER A 391 -25.40 12.26 -50.44
C SER A 391 -26.27 13.55 -50.50
N ILE A 392 -26.81 13.94 -49.36
CA ILE A 392 -27.55 15.20 -49.24
C ILE A 392 -26.59 16.37 -49.37
N GLU A 393 -25.47 16.26 -48.66
CA GLU A 393 -24.51 17.33 -48.64
C GLU A 393 -23.85 17.44 -50.01
N ARG A 394 -23.70 16.31 -50.69
CA ARG A 394 -23.04 16.29 -51.99
C ARG A 394 -23.83 17.14 -52.97
N GLU A 395 -25.14 17.16 -52.80
CA GLU A 395 -26.05 17.88 -53.65
C GLU A 395 -26.01 19.40 -53.45
N LYS A 396 -25.16 19.90 -52.55
CA LYS A 396 -24.83 21.32 -52.44
C LYS A 396 -23.40 21.53 -52.89
N PRO A 397 -22.96 22.79 -53.07
CA PRO A 397 -21.54 23.02 -53.36
C PRO A 397 -20.68 22.91 -52.13
N ASN A 398 -19.45 22.44 -52.30
CA ASN A 398 -18.56 22.11 -51.20
C ASN A 398 -18.56 23.15 -50.08
N ALA A 399 -18.53 24.44 -50.45
CA ALA A 399 -18.42 25.50 -49.44
C ALA A 399 -19.60 25.49 -48.48
N GLU A 400 -20.75 25.01 -48.92
CA GLU A 400 -21.94 24.92 -48.06
C GLU A 400 -22.07 23.59 -47.32
N ARG A 401 -21.15 22.64 -47.50
CA ARG A 401 -21.36 21.30 -46.96
C ARG A 401 -21.00 21.27 -45.48
N GLU A 402 -21.74 20.45 -44.73
CA GLU A 402 -21.52 20.36 -43.30
C GLU A 402 -20.10 19.81 -43.04
N SER A 403 -19.27 20.52 -42.27
CA SER A 403 -18.01 19.94 -41.91
C SER A 403 -18.16 18.48 -41.47
N GLY A 404 -17.17 17.68 -41.81
CA GLY A 404 -17.35 16.22 -41.78
C GLY A 404 -17.83 15.63 -43.09
N TYR A 405 -18.37 16.48 -43.99
CA TYR A 405 -18.89 16.00 -45.26
C TYR A 405 -18.35 16.81 -46.44
N GLN A 406 -17.31 17.60 -46.19
CA GLN A 406 -16.68 18.34 -47.25
C GLN A 406 -15.75 17.40 -48.02
N GLU A 407 -15.20 17.88 -49.13
CA GLU A 407 -14.23 17.12 -49.88
C GLU A 407 -12.99 16.78 -49.03
N ARG A 408 -12.53 17.69 -48.16
CA ARG A 408 -11.40 17.33 -47.27
C ARG A 408 -11.66 16.11 -46.35
N ASP A 409 -12.92 15.73 -46.19
CA ASP A 409 -13.34 14.75 -45.21
C ASP A 409 -13.52 13.39 -45.81
N LEU A 410 -13.60 13.34 -47.14
CA LEU A 410 -13.90 12.07 -47.82
C LEU A 410 -12.91 10.91 -47.59
N PRO A 411 -11.61 11.18 -47.56
CA PRO A 411 -10.67 10.09 -47.18
C PRO A 411 -10.96 9.46 -45.80
N ALA A 412 -11.14 10.29 -44.78
CA ALA A 412 -11.66 9.86 -43.48
C ALA A 412 -12.93 8.99 -43.53
N ILE A 413 -13.92 9.44 -44.28
CA ILE A 413 -15.12 8.66 -44.46
C ILE A 413 -14.84 7.27 -45.07
N GLU A 414 -14.06 7.22 -46.16
CA GLU A 414 -13.79 5.95 -46.85
C GLU A 414 -13.00 4.99 -45.96
N GLY A 415 -11.95 5.53 -45.35
CA GLY A 415 -11.30 4.96 -44.14
C GLY A 415 -12.24 4.22 -43.18
N GLY A 416 -13.18 4.94 -42.58
CA GLY A 416 -14.12 4.32 -41.63
C GLY A 416 -14.90 3.19 -42.27
N LEU A 417 -15.38 3.43 -43.47
CA LEU A 417 -16.19 2.49 -44.23
C LEU A 417 -15.49 1.11 -44.43
N LYS A 418 -14.21 1.16 -44.81
CA LYS A 418 -13.33 -0.02 -44.91
C LYS A 418 -13.01 -0.64 -43.56
N GLN A 419 -12.61 0.19 -42.58
CA GLN A 419 -12.41 -0.28 -41.19
C GLN A 419 -13.58 -1.07 -40.61
N LEU A 420 -14.81 -0.77 -41.02
CA LEU A 420 -15.96 -1.30 -40.31
C LEU A 420 -15.94 -2.80 -40.37
N GLU A 421 -15.49 -3.30 -41.50
CA GLU A 421 -15.39 -4.74 -41.69
C GLU A 421 -14.63 -5.43 -40.52
N ARG A 422 -13.67 -4.77 -39.86
CA ARG A 422 -12.88 -5.37 -38.74
C ARG A 422 -13.63 -5.51 -37.40
N ARG A 423 -14.82 -4.92 -37.29
CA ARG A 423 -15.56 -4.87 -36.05
C ARG A 423 -17.09 -5.07 -36.19
N TYR A 424 -17.50 -5.81 -37.22
CA TYR A 424 -18.88 -6.04 -37.49
C TYR A 424 -19.12 -7.51 -37.67
N VAL A 425 -19.99 -8.06 -36.83
CA VAL A 425 -20.63 -9.34 -37.07
C VAL A 425 -22.14 -9.20 -36.91
N ALA A 426 -22.86 -9.55 -37.94
CA ALA A 426 -24.29 -9.30 -37.94
C ALA A 426 -25.03 -9.91 -36.72
N ALA A 427 -24.69 -11.15 -36.34
CA ALA A 427 -25.35 -11.74 -35.15
C ALA A 427 -25.24 -10.81 -33.92
N MSE A 428 -24.15 -10.06 -33.84
CA MSE A 428 -23.85 -9.28 -32.63
C MSE A 428 -24.47 -7.92 -32.71
O MSE A 428 -25.00 -7.41 -31.72
CB MSE A 428 -22.34 -9.11 -32.48
CG MSE A 428 -21.93 -8.33 -31.23
SE MSE A 428 -22.25 -9.39 -29.60
CE MSE A 428 -23.92 -10.37 -29.63
N ASP A 429 -24.36 -7.32 -33.89
CA ASP A 429 -25.03 -6.07 -34.17
C ASP A 429 -26.54 -6.15 -34.00
N ARG A 430 -27.15 -7.25 -34.45
CA ARG A 430 -28.57 -7.50 -34.13
C ARG A 430 -28.93 -7.44 -32.62
N GLN A 431 -28.08 -8.00 -31.78
CA GLN A 431 -28.20 -7.92 -30.36
C GLN A 431 -28.09 -6.43 -29.79
N LEU A 432 -27.15 -5.66 -30.33
CA LEU A 432 -27.02 -4.22 -30.05
C LEU A 432 -28.19 -3.37 -30.59
N GLN A 433 -28.64 -3.59 -31.81
CA GLN A 433 -29.93 -3.05 -32.23
C GLN A 433 -31.05 -3.36 -31.25
N GLU A 434 -31.13 -4.59 -30.82
CA GLU A 434 -32.23 -5.01 -29.96
C GLU A 434 -32.18 -4.24 -28.65
N TYR A 435 -30.97 -4.20 -28.08
CA TYR A 435 -30.75 -3.51 -26.79
C TYR A 435 -31.29 -2.07 -26.90
N TRP A 436 -30.85 -1.35 -27.92
CA TRP A 436 -31.20 0.05 -28.06
C TRP A 436 -32.66 0.25 -28.43
N LEU A 437 -33.26 -0.70 -29.14
CA LEU A 437 -34.71 -0.60 -29.41
C LEU A 437 -35.51 -0.78 -28.13
N ASN A 438 -35.09 -1.73 -27.30
CA ASN A 438 -35.74 -1.92 -26.01
C ASN A 438 -35.60 -0.71 -25.06
N GLU A 439 -34.46 -0.01 -25.15
CA GLU A 439 -34.30 1.26 -24.45
C GLU A 439 -35.25 2.32 -25.02
N TYR A 440 -35.38 2.35 -26.35
CA TYR A 440 -36.26 3.27 -27.02
C TYR A 440 -37.71 3.12 -26.52
N ILE A 441 -38.23 1.91 -26.56
CA ILE A 441 -39.64 1.74 -26.18
C ILE A 441 -39.88 1.98 -24.68
N LYS A 442 -38.83 2.07 -23.87
CA LYS A 442 -38.98 2.52 -22.48
C LYS A 442 -39.18 4.03 -22.30
N LEU A 443 -38.95 4.83 -23.35
CA LEU A 443 -39.15 6.28 -23.24
C LEU A 443 -40.61 6.70 -23.12
N PRO A 444 -40.85 7.76 -22.38
CA PRO A 444 -42.21 8.28 -22.27
C PRO A 444 -42.70 8.85 -23.56
N ALA A 445 -44.00 8.94 -23.66
CA ALA A 445 -44.63 9.43 -24.87
C ALA A 445 -44.00 10.75 -25.33
N ASP A 446 -43.70 11.66 -24.42
CA ASP A 446 -43.23 13.00 -24.78
C ASP A 446 -41.74 13.03 -25.19
N GLN A 447 -41.02 11.93 -24.98
CA GLN A 447 -39.67 11.77 -25.45
C GLN A 447 -39.53 10.87 -26.69
N ARG A 448 -40.63 10.39 -27.23
CA ARG A 448 -40.58 9.62 -28.46
C ARG A 448 -40.28 10.45 -29.67
N VAL A 449 -39.88 9.76 -30.74
CA VAL A 449 -39.70 10.33 -32.05
C VAL A 449 -40.70 9.72 -33.07
N ALA A 450 -41.57 10.58 -33.60
CA ALA A 450 -42.72 10.12 -34.39
C ALA A 450 -42.25 9.22 -35.56
N ALA A 451 -41.24 9.69 -36.28
CA ALA A 451 -40.69 8.97 -37.41
C ALA A 451 -40.20 7.60 -37.00
N VAL A 452 -39.55 7.49 -35.85
CA VAL A 452 -39.16 6.17 -35.36
C VAL A 452 -40.35 5.35 -34.93
N ASP A 453 -41.27 5.94 -34.18
CA ASP A 453 -42.47 5.24 -33.78
C ASP A 453 -43.16 4.70 -35.03
N ALA A 454 -43.19 5.48 -36.10
CA ALA A 454 -43.95 5.10 -37.28
C ALA A 454 -43.22 3.96 -37.97
N TRP A 455 -41.90 4.07 -38.05
CA TRP A 455 -41.08 2.95 -38.55
C TRP A 455 -41.27 1.66 -37.72
N LEU A 456 -41.37 1.80 -36.41
CA LEU A 456 -41.41 0.65 -35.57
C LEU A 456 -42.78 -0.03 -35.71
N GLY A 457 -43.80 0.80 -35.96
CA GLY A 457 -45.17 0.33 -36.06
C GLY A 457 -45.66 -0.44 -34.84
N GLY A 458 -45.37 0.04 -33.66
CA GLY A 458 -45.92 -0.57 -32.45
C GLY A 458 -44.80 -0.47 -31.47
N ASN A 459 -45.05 -0.70 -30.20
CA ASN A 459 -43.93 -0.65 -29.31
C ASN A 459 -44.14 -1.55 -28.15
N ASP A 460 -44.16 -2.84 -28.51
CA ASP A 460 -43.87 -3.97 -27.63
C ASP A 460 -42.80 -4.91 -28.22
N ALA A 461 -42.44 -5.95 -27.47
CA ALA A 461 -41.55 -7.00 -27.98
C ALA A 461 -41.72 -7.32 -29.47
N ALA A 462 -42.92 -7.71 -29.87
CA ALA A 462 -43.14 -8.21 -31.22
C ALA A 462 -42.85 -7.12 -32.25
N ALA A 463 -43.05 -5.86 -31.88
CA ALA A 463 -42.66 -4.77 -32.79
C ALA A 463 -41.15 -4.81 -33.04
N VAL A 464 -40.40 -5.04 -31.98
CA VAL A 464 -38.94 -4.94 -32.06
C VAL A 464 -38.40 -6.10 -32.87
N LYS A 465 -38.94 -7.31 -32.64
CA LYS A 465 -38.58 -8.47 -33.47
C LYS A 465 -38.78 -8.22 -34.94
N ARG A 466 -39.98 -7.74 -35.33
CA ARG A 466 -40.29 -7.41 -36.75
C ARG A 466 -39.20 -6.49 -37.29
N ALA A 467 -38.84 -5.48 -36.50
CA ALA A 467 -37.84 -4.50 -36.91
C ALA A 467 -36.44 -5.12 -37.02
N LEU A 468 -36.06 -5.99 -36.09
CA LEU A 468 -34.79 -6.64 -36.21
C LEU A 468 -34.82 -7.52 -37.48
N ASP A 469 -35.94 -8.20 -37.71
CA ASP A 469 -36.06 -9.07 -38.86
C ASP A 469 -35.95 -8.31 -40.16
N ARG A 470 -36.65 -7.19 -40.28
CA ARG A 470 -36.45 -6.34 -41.45
C ARG A 470 -35.00 -5.97 -41.63
N LEU A 471 -34.39 -5.42 -40.58
CA LEU A 471 -33.04 -4.87 -40.76
C LEU A 471 -32.03 -5.98 -41.12
N ALA A 472 -32.33 -7.22 -40.76
CA ALA A 472 -31.46 -8.36 -41.08
C ALA A 472 -31.15 -8.47 -42.57
N GLY A 473 -32.07 -7.95 -43.37
CA GLY A 473 -32.00 -8.05 -44.79
C GLY A 473 -31.15 -7.03 -45.46
N THR A 474 -30.60 -6.08 -44.72
CA THR A 474 -29.75 -5.10 -45.34
C THR A 474 -28.59 -5.77 -46.07
N LYS A 475 -28.04 -5.09 -47.07
CA LYS A 475 -26.80 -5.57 -47.67
C LYS A 475 -25.56 -4.75 -47.35
N LEU A 476 -25.65 -3.79 -46.41
CA LEU A 476 -24.49 -2.94 -46.05
C LEU A 476 -23.48 -3.65 -45.14
N GLY A 477 -23.72 -4.92 -44.82
CA GLY A 477 -22.70 -5.75 -44.21
C GLY A 477 -21.39 -5.73 -44.97
N SER A 478 -21.43 -5.87 -46.28
CA SER A 478 -20.19 -6.02 -47.04
C SER A 478 -19.52 -4.69 -47.39
N THR A 479 -18.19 -4.71 -47.43
CA THR A 479 -17.45 -3.49 -47.63
C THR A 479 -17.84 -2.98 -48.99
N GLU A 480 -18.13 -3.92 -49.91
CA GLU A 480 -18.11 -3.55 -51.30
C GLU A 480 -19.47 -2.85 -51.55
N GLU A 481 -20.55 -3.31 -50.94
CA GLU A 481 -21.84 -2.59 -50.99
C GLU A 481 -21.75 -1.16 -50.43
N ARG A 482 -21.08 -1.06 -49.29
CA ARG A 482 -20.90 0.21 -48.63
C ARG A 482 -20.19 1.18 -49.54
N LEU A 483 -19.16 0.71 -50.25
CA LEU A 483 -18.42 1.59 -51.14
C LEU A 483 -19.29 2.05 -52.32
N LYS A 484 -20.18 1.21 -52.77
CA LYS A 484 -21.11 1.62 -53.80
C LYS A 484 -21.98 2.78 -53.29
N TRP A 485 -22.48 2.71 -52.06
CA TRP A 485 -23.30 3.84 -51.52
C TRP A 485 -22.52 5.15 -51.27
N PHE A 486 -21.25 5.04 -50.86
CA PHE A 486 -20.34 6.19 -50.71
C PHE A 486 -20.30 7.11 -51.94
N ALA A 487 -20.64 6.59 -53.12
CA ALA A 487 -20.59 7.34 -54.38
C ALA A 487 -21.97 7.55 -54.99
N ALA A 488 -22.98 6.94 -54.41
CA ALA A 488 -24.34 6.99 -54.89
C ALA A 488 -25.01 8.28 -54.54
N ASP A 489 -26.03 8.60 -55.31
CA ASP A 489 -26.58 9.92 -55.26
C ASP A 489 -27.83 9.83 -54.41
N ARG A 490 -28.24 10.99 -53.96
CA ARG A 490 -29.30 11.05 -53.01
C ARG A 490 -30.58 10.30 -53.48
N LYS A 491 -30.90 10.39 -54.77
CA LYS A 491 -32.14 9.78 -55.25
C LYS A 491 -32.07 8.24 -55.31
N ALA A 492 -30.89 7.71 -55.58
CA ALA A 492 -30.63 6.29 -55.35
C ALA A 492 -30.97 5.86 -53.92
N PHE A 493 -30.47 6.60 -52.94
CA PHE A 493 -30.76 6.25 -51.55
C PHE A 493 -32.29 6.23 -51.35
N GLU A 494 -32.95 7.24 -51.91
CA GLU A 494 -34.38 7.36 -51.72
C GLU A 494 -35.17 6.26 -52.46
N ALA A 495 -34.58 5.65 -53.49
CA ALA A 495 -35.22 4.50 -54.20
C ALA A 495 -34.99 3.12 -53.56
N SER A 496 -34.03 3.04 -52.65
CA SER A 496 -33.51 1.77 -52.23
C SER A 496 -34.56 1.07 -51.43
N ASN A 497 -34.70 -0.24 -51.68
CA ASN A 497 -35.44 -1.12 -50.77
C ASN A 497 -34.58 -1.77 -49.67
N ASP A 498 -33.31 -1.41 -49.56
CA ASP A 498 -32.48 -1.84 -48.42
C ASP A 498 -33.05 -1.36 -47.06
N PRO A 499 -33.46 -2.30 -46.21
CA PRO A 499 -34.18 -1.89 -45.00
C PRO A 499 -33.37 -0.97 -44.05
N ALA A 500 -32.03 -1.01 -44.12
CA ALA A 500 -31.22 -0.08 -43.32
C ALA A 500 -31.26 1.29 -43.95
N ILE A 501 -31.20 1.36 -45.28
CA ILE A 501 -31.24 2.66 -45.91
C ILE A 501 -32.63 3.27 -45.75
N GLN A 502 -33.66 2.43 -45.71
CA GLN A 502 -35.00 2.97 -45.61
C GLN A 502 -35.23 3.56 -44.20
N TYR A 503 -34.76 2.87 -43.16
CA TYR A 503 -34.61 3.48 -41.85
C TYR A 503 -33.98 4.88 -41.95
N ALA A 504 -32.82 4.98 -42.59
CA ALA A 504 -32.12 6.24 -42.69
C ALA A 504 -32.97 7.32 -43.32
N VAL A 505 -33.59 7.01 -44.46
CA VAL A 505 -34.44 7.98 -45.19
C VAL A 505 -35.65 8.42 -44.35
N ALA A 506 -36.24 7.47 -43.63
CA ALA A 506 -37.34 7.73 -42.71
C ALA A 506 -37.01 8.69 -41.58
N VAL A 507 -35.78 8.60 -41.06
CA VAL A 507 -35.40 9.37 -39.88
C VAL A 507 -34.61 10.63 -40.16
N MSE A 508 -34.06 10.78 -41.37
CA MSE A 508 -33.10 11.87 -41.65
C MSE A 508 -33.69 13.27 -41.41
O MSE A 508 -33.04 14.08 -40.82
CB MSE A 508 -32.56 11.85 -43.07
CG MSE A 508 -31.46 12.88 -43.40
SE MSE A 508 -29.96 12.81 -42.07
CE MSE A 508 -29.35 10.97 -42.46
N PRO A 509 -34.93 13.55 -41.85
CA PRO A 509 -35.54 14.87 -41.60
C PRO A 509 -35.60 15.24 -40.12
N THR A 510 -35.96 14.27 -39.30
CA THR A 510 -35.86 14.39 -37.90
C THR A 510 -34.42 14.61 -37.37
N LEU A 511 -33.49 13.78 -37.81
CA LEU A 511 -32.10 13.95 -37.37
C LEU A 511 -31.65 15.39 -37.69
N LEU A 512 -32.03 15.89 -38.86
CA LEU A 512 -31.63 17.24 -39.28
C LEU A 512 -32.27 18.30 -38.38
N LYS A 513 -33.51 18.06 -37.94
CA LYS A 513 -34.18 19.00 -37.04
C LYS A 513 -33.48 19.04 -35.69
N LEU A 514 -33.15 17.88 -35.17
CA LEU A 514 -32.39 17.78 -33.96
C LEU A 514 -31.04 18.49 -34.08
N GLU A 515 -30.40 18.35 -35.24
CA GLU A 515 -29.12 18.95 -35.47
C GLU A 515 -29.32 20.47 -35.39
N GLN A 516 -30.38 20.95 -36.02
CA GLN A 516 -30.60 22.38 -36.08
C GLN A 516 -30.87 22.97 -34.70
N GLU A 517 -31.57 22.20 -33.89
CA GLU A 517 -31.78 22.52 -32.50
C GLU A 517 -30.49 22.57 -31.67
N ARG A 518 -29.58 21.60 -31.84
CA ARG A 518 -28.25 21.68 -31.20
C ARG A 518 -27.51 22.90 -31.62
N LYS A 519 -27.61 23.27 -32.89
CA LYS A 519 -26.82 24.42 -33.43
C LYS A 519 -27.35 25.76 -32.90
N THR A 520 -28.65 25.79 -32.74
CA THR A 520 -29.29 26.90 -32.09
C THR A 520 -28.84 27.06 -30.66
N ARG A 521 -28.85 26.02 -29.87
CA ARG A 521 -28.35 26.14 -28.51
C ARG A 521 -26.88 26.54 -28.50
N ALA A 522 -26.14 25.96 -29.42
CA ALA A 522 -24.73 26.21 -29.51
C ALA A 522 -24.49 27.69 -29.88
N GLY A 523 -25.36 28.28 -30.65
CA GLY A 523 -25.21 29.73 -30.92
C GLY A 523 -25.50 30.69 -29.77
N GLU A 524 -26.44 30.28 -28.92
CA GLU A 524 -26.64 30.92 -27.66
C GLU A 524 -25.44 30.76 -26.75
N ASN A 525 -24.92 29.53 -26.70
CA ASN A 525 -23.70 29.30 -25.94
C ASN A 525 -22.56 30.21 -26.42
N LEU A 526 -22.41 30.39 -27.74
CA LEU A 526 -21.41 31.37 -28.31
C LEU A 526 -21.46 32.72 -27.71
N ALA A 527 -22.67 33.17 -27.37
CA ALA A 527 -22.86 34.48 -26.79
C ALA A 527 -22.62 34.45 -25.30
N ALA A 528 -23.16 33.45 -24.61
CA ALA A 528 -23.15 33.55 -23.18
C ALA A 528 -21.82 33.02 -22.60
N ARG A 529 -21.29 31.94 -23.16
CA ARG A 529 -20.09 31.30 -22.57
C ARG A 529 -18.88 32.26 -22.45
N PRO A 530 -18.53 32.99 -23.53
CA PRO A 530 -17.30 33.83 -23.34
C PRO A 530 -17.50 34.89 -22.34
N VAL A 531 -18.73 35.38 -22.23
CA VAL A 531 -18.97 36.42 -21.27
C VAL A 531 -18.79 35.91 -19.86
N TYR A 532 -19.30 34.70 -19.58
CA TYR A 532 -19.23 34.20 -18.24
C TYR A 532 -17.72 33.90 -17.92
N LEU A 533 -17.01 33.30 -18.87
CA LEU A 533 -15.63 32.91 -18.65
C LEU A 533 -14.75 34.13 -18.45
N GLN A 534 -15.05 35.26 -19.10
CA GLN A 534 -14.28 36.50 -18.88
C GLN A 534 -14.49 37.00 -17.43
N ALA A 535 -15.73 36.95 -16.96
CA ALA A 535 -16.02 37.34 -15.61
C ALA A 535 -15.30 36.42 -14.58
N LEU A 536 -15.31 35.12 -14.84
CA LEU A 536 -14.50 34.20 -14.05
C LEU A 536 -13.01 34.60 -13.99
N ALA A 537 -12.45 34.87 -15.15
CA ALA A 537 -11.06 35.31 -15.26
C ALA A 537 -10.80 36.61 -14.51
N ASP A 538 -11.67 37.58 -14.68
CA ASP A 538 -11.54 38.86 -13.95
C ASP A 538 -11.61 38.67 -12.41
N TYR A 539 -12.57 37.86 -11.92
CA TYR A 539 -12.61 37.50 -10.54
C TYR A 539 -11.28 36.87 -10.08
N LYS A 540 -10.85 35.81 -10.76
CA LYS A 540 -9.58 35.16 -10.41
C LYS A 540 -8.43 36.14 -10.41
N LYS A 541 -8.38 37.06 -11.37
CA LYS A 541 -7.37 38.10 -11.34
C LYS A 541 -7.44 38.91 -10.06
N SER A 542 -8.66 39.27 -9.61
CA SER A 542 -8.77 40.06 -8.41
C SER A 542 -8.22 39.32 -7.20
N GLN A 543 -8.25 38.00 -7.27
CA GLN A 543 -7.75 37.14 -6.23
C GLN A 543 -6.30 36.78 -6.38
N GLY A 544 -5.63 37.30 -7.38
CA GLY A 544 -4.22 37.06 -7.62
C GLY A 544 -3.94 35.73 -8.32
N GLU A 545 -4.90 35.15 -9.02
CA GLU A 545 -4.68 33.86 -9.67
C GLU A 545 -4.55 34.15 -11.15
N PHE A 546 -3.62 33.50 -11.82
CA PHE A 546 -3.57 33.50 -13.27
C PHE A 546 -4.53 32.44 -13.82
N VAL A 547 -5.05 32.68 -15.01
CA VAL A 547 -6.05 31.76 -15.59
C VAL A 547 -5.54 31.16 -16.91
N TYR A 548 -5.85 29.91 -17.20
CA TYR A 548 -5.44 29.25 -18.39
C TYR A 548 -6.74 28.84 -19.08
N PRO A 549 -6.75 28.86 -20.39
CA PRO A 549 -7.89 28.24 -21.05
C PRO A 549 -7.99 26.72 -20.95
N ASP A 550 -9.25 26.21 -21.07
CA ASP A 550 -9.41 24.78 -21.31
C ASP A 550 -8.57 24.27 -22.48
N ALA A 551 -8.08 23.04 -22.34
CA ALA A 551 -7.44 22.33 -23.46
C ALA A 551 -8.36 22.29 -24.70
N ASN A 552 -7.76 22.43 -25.85
CA ASN A 552 -8.49 22.48 -27.12
C ASN A 552 -7.66 22.05 -28.34
N LEU A 553 -6.75 21.07 -28.10
CA LEU A 553 -5.81 20.53 -29.01
C LEU A 553 -4.60 21.37 -29.37
N SER A 554 -4.52 22.59 -28.90
CA SER A 554 -3.33 23.33 -29.14
C SER A 554 -2.21 23.05 -28.17
N LEU A 555 -1.00 23.46 -28.60
CA LEU A 555 0.21 23.35 -27.78
C LEU A 555 0.09 24.08 -26.46
N ARG A 556 0.34 23.36 -25.39
CA ARG A 556 0.33 23.92 -24.03
C ARG A 556 1.56 23.48 -23.28
N ILE A 557 1.98 24.36 -22.40
CA ILE A 557 2.99 24.04 -21.39
C ILE A 557 2.36 23.87 -19.99
N THR A 558 2.72 22.77 -19.30
CA THR A 558 2.44 22.59 -17.90
C THR A 558 3.81 22.52 -17.20
N PHE A 559 3.88 23.13 -16.02
CA PHE A 559 5.15 23.12 -15.27
C PHE A 559 4.96 22.78 -13.80
N GLY A 560 6.09 22.44 -13.18
CA GLY A 560 6.09 22.12 -11.80
C GLY A 560 7.40 21.45 -11.41
N ASN A 561 7.29 20.40 -10.60
CA ASN A 561 8.51 19.81 -10.00
C ASN A 561 8.41 18.34 -9.81
N VAL A 562 9.55 17.67 -9.84
CA VAL A 562 9.60 16.23 -9.65
C VAL A 562 9.30 16.00 -8.16
N MSE A 563 8.33 15.13 -7.88
CA MSE A 563 7.84 14.93 -6.51
C MSE A 563 6.91 13.75 -6.48
O MSE A 563 6.11 13.53 -7.41
CB MSE A 563 7.18 16.21 -5.91
CG MSE A 563 5.87 16.51 -6.62
SE MSE A 563 4.87 18.01 -5.77
CE MSE A 563 6.11 19.29 -6.41
N GLY A 564 7.02 13.02 -5.37
CA GLY A 564 6.07 11.97 -5.06
C GLY A 564 4.83 12.50 -4.43
N TYR A 565 4.11 11.59 -3.77
CA TYR A 565 2.81 11.94 -3.16
C TYR A 565 2.53 10.88 -2.10
N ALA A 566 1.58 11.13 -1.22
CA ALA A 566 1.30 10.23 -0.12
C ALA A 566 -0.17 10.17 0.04
N PRO A 567 -0.78 9.13 -0.46
CA PRO A 567 -2.18 8.99 -0.20
C PRO A 567 -2.54 8.77 1.28
N LYS A 568 -1.65 8.20 2.09
CA LYS A 568 -1.99 7.89 3.48
C LYS A 568 -0.82 8.28 4.40
N ASP A 569 -1.21 8.71 5.58
CA ASP A 569 -0.27 9.11 6.64
C ASP A 569 0.64 7.89 6.94
N GLY A 570 1.91 8.14 7.24
CA GLY A 570 2.91 7.08 7.47
C GLY A 570 3.54 6.41 6.25
N MSE A 571 3.21 6.89 5.06
CA MSE A 571 3.81 6.34 3.83
C MSE A 571 3.91 7.41 2.79
O MSE A 571 3.26 8.47 2.90
CB MSE A 571 3.09 5.11 3.25
CG MSE A 571 1.67 5.45 2.95
SE MSE A 571 1.48 6.39 1.19
CE MSE A 571 2.76 5.10 0.29
N GLU A 572 4.82 7.21 1.83
CA GLU A 572 4.99 8.12 0.67
C GLU A 572 5.43 7.28 -0.51
N TYR A 573 4.90 7.63 -1.69
CA TYR A 573 5.51 7.28 -2.95
C TYR A 573 6.73 8.16 -3.22
N THR A 574 7.85 7.54 -3.52
CA THR A 574 9.06 8.27 -3.80
C THR A 574 9.01 8.76 -5.26
N PRO A 575 9.76 9.81 -5.58
CA PRO A 575 9.60 10.38 -6.92
C PRO A 575 10.14 9.51 -8.06
N PHE A 576 11.11 8.65 -7.76
CA PHE A 576 11.74 7.81 -8.80
C PHE A 576 11.55 6.35 -8.52
N THR A 577 11.50 5.54 -9.58
CA THR A 577 11.84 4.12 -9.49
C THR A 577 13.20 3.84 -10.12
N THR A 578 13.69 2.61 -9.96
CA THR A 578 15.08 2.28 -10.23
C THR A 578 15.14 0.91 -10.91
N LEU A 579 16.31 0.63 -11.47
CA LEU A 579 16.54 -0.60 -12.20
C LEU A 579 16.17 -1.83 -11.40
N GLU A 580 16.58 -1.83 -10.12
CA GLU A 580 16.36 -3.01 -9.24
C GLU A 580 14.87 -3.26 -9.07
N GLY A 581 14.08 -2.18 -9.06
CA GLY A 581 12.63 -2.26 -9.00
C GLY A 581 12.01 -2.96 -10.15
N VAL A 582 12.61 -2.83 -11.33
CA VAL A 582 12.12 -3.53 -12.51
C VAL A 582 12.30 -5.06 -12.36
N VAL A 583 13.50 -5.42 -11.91
CA VAL A 583 13.87 -6.85 -11.76
C VAL A 583 13.01 -7.47 -10.64
N ALA A 584 12.70 -6.70 -9.60
CA ALA A 584 11.96 -7.23 -8.47
C ALA A 584 10.56 -7.58 -8.88
N LYS A 585 10.03 -6.97 -9.94
CA LYS A 585 8.73 -7.37 -10.52
C LYS A 585 8.74 -8.50 -11.54
N GLU A 586 9.91 -9.06 -11.86
CA GLU A 586 10.02 -10.11 -12.87
C GLU A 586 9.25 -11.34 -12.43
N THR A 587 8.44 -11.90 -13.31
CA THR A 587 7.71 -13.13 -13.03
C THR A 587 8.10 -14.19 -14.04
N GLY A 588 9.01 -13.88 -14.95
CA GLY A 588 8.77 -13.80 -16.35
C GLY A 588 7.68 -14.53 -17.12
N GLN A 589 6.45 -14.07 -16.92
CA GLN A 589 5.35 -14.30 -17.79
C GLN A 589 4.94 -12.89 -18.17
N ASP A 590 4.36 -12.74 -19.36
CA ASP A 590 3.62 -11.55 -19.74
C ASP A 590 2.76 -11.08 -18.58
N PRO A 591 2.86 -9.80 -18.18
CA PRO A 591 3.59 -8.68 -18.79
C PRO A 591 4.86 -8.28 -18.06
N PHE A 592 5.30 -9.10 -17.12
CA PHE A 592 6.47 -8.86 -16.27
C PHE A 592 7.67 -9.77 -16.66
N ASP A 593 7.95 -9.82 -17.96
CA ASP A 593 8.94 -10.71 -18.56
C ASP A 593 10.02 -9.94 -19.31
N SER A 594 10.93 -9.33 -18.57
CA SER A 594 11.83 -8.35 -19.14
C SER A 594 12.75 -9.11 -20.04
N PRO A 595 13.40 -8.44 -21.02
CA PRO A 595 14.44 -9.17 -21.77
C PRO A 595 15.61 -9.61 -20.91
N LYS A 596 16.24 -10.70 -21.32
CA LYS A 596 17.32 -11.29 -20.53
C LYS A 596 18.43 -10.32 -20.41
N ALA A 597 18.71 -9.58 -21.49
CA ALA A 597 19.86 -8.64 -21.42
C ALA A 597 19.63 -7.55 -20.33
N LEU A 598 18.36 -7.21 -20.10
CA LEU A 598 18.04 -6.30 -18.97
C LEU A 598 18.29 -6.95 -17.60
N LEU A 599 17.74 -8.16 -17.40
CA LEU A 599 18.06 -8.95 -16.17
C LEU A 599 19.57 -9.09 -15.92
N ASP A 600 20.31 -9.43 -16.96
CA ASP A 600 21.80 -9.58 -16.84
C ASP A 600 22.48 -8.29 -16.45
N ALA A 601 22.11 -7.19 -17.11
CA ALA A 601 22.76 -5.88 -16.81
C ALA A 601 22.46 -5.34 -15.45
N VAL A 602 21.23 -5.52 -15.00
CA VAL A 602 20.91 -5.07 -13.67
C VAL A 602 21.64 -5.94 -12.63
N ALA A 603 21.68 -7.25 -12.87
CA ALA A 603 22.37 -8.15 -11.92
C ALA A 603 23.86 -7.76 -11.84
N ALA A 604 24.41 -7.41 -12.99
CA ALA A 604 25.80 -7.00 -13.07
C ALA A 604 26.03 -5.60 -12.58
N LYS A 605 24.96 -4.87 -12.24
CA LYS A 605 25.05 -3.42 -11.99
C LYS A 605 25.84 -2.66 -13.07
N ARG A 606 25.60 -2.99 -14.33
CA ARG A 606 26.11 -2.19 -15.44
C ARG A 606 25.22 -0.97 -15.68
N TYR A 607 25.56 0.13 -15.03
CA TYR A 607 24.74 1.32 -15.00
C TYR A 607 25.07 2.19 -16.21
N GLY A 608 26.14 1.88 -16.96
CA GLY A 608 26.41 2.52 -18.24
C GLY A 608 26.88 3.96 -18.06
N GLY A 609 27.36 4.32 -16.88
CA GLY A 609 27.63 5.70 -16.51
C GLY A 609 26.42 6.59 -16.27
N LEU A 610 25.22 6.04 -16.19
CA LEU A 610 23.97 6.85 -16.13
C LEU A 610 23.36 6.92 -14.74
N GLU A 611 23.97 6.24 -13.77
CA GLU A 611 23.46 6.23 -12.44
C GLU A 611 23.35 7.63 -11.84
N ASP A 612 22.33 7.81 -11.03
CA ASP A 612 22.24 8.99 -10.22
C ASP A 612 22.47 8.54 -8.79
N LYS A 613 23.55 8.95 -8.17
CA LYS A 613 23.92 8.39 -6.85
C LYS A 613 22.92 8.81 -5.75
N ARG A 614 22.18 9.90 -5.97
CA ARG A 614 21.15 10.28 -5.05
C ARG A 614 20.06 9.23 -4.92
N ILE A 615 19.92 8.41 -5.93
CA ILE A 615 18.94 7.34 -5.86
C ILE A 615 19.55 5.91 -5.87
N GLY A 616 20.84 5.84 -6.10
CA GLY A 616 21.64 4.59 -5.96
C GLY A 616 21.58 3.69 -7.18
N SER A 617 21.21 4.24 -8.34
CA SER A 617 20.86 3.43 -9.47
C SER A 617 20.63 4.36 -10.67
N VAL A 618 20.36 3.78 -11.81
CA VAL A 618 19.77 4.47 -12.96
C VAL A 618 18.25 4.63 -12.73
N PRO A 619 17.76 5.86 -12.87
CA PRO A 619 16.29 6.03 -12.79
C PRO A 619 15.50 5.43 -13.94
N VAL A 620 14.30 5.02 -13.65
CA VAL A 620 13.48 4.39 -14.65
C VAL A 620 12.30 5.27 -15.02
N ASN A 621 11.35 5.42 -14.11
CA ASN A 621 10.29 6.41 -14.21
C ASN A 621 10.33 7.45 -13.05
N TYR A 622 9.59 8.56 -13.20
CA TYR A 622 9.42 9.46 -12.10
C TYR A 622 8.06 10.20 -12.13
N LEU A 623 7.73 10.71 -10.95
CA LEU A 623 6.48 11.43 -10.72
C LEU A 623 6.74 12.87 -10.66
N SER A 624 5.75 13.64 -11.06
CA SER A 624 5.75 15.08 -10.94
C SER A 624 4.34 15.66 -10.91
N ASP A 625 4.22 16.89 -10.43
CA ASP A 625 2.90 17.55 -10.32
C ASP A 625 2.48 18.32 -11.57
N LEU A 626 2.70 17.69 -12.71
CA LEU A 626 2.36 18.30 -13.96
C LEU A 626 0.93 17.97 -14.28
N ASP A 627 0.34 18.80 -15.14
CA ASP A 627 -1.05 18.76 -15.43
C ASP A 627 -1.27 18.38 -16.89
N ILE A 628 -1.60 17.10 -17.14
CA ILE A 628 -1.82 16.57 -18.46
C ILE A 628 -3.14 15.88 -18.58
N THR A 629 -3.50 15.58 -19.81
CA THR A 629 -4.70 14.84 -20.09
C THR A 629 -4.57 14.17 -21.46
N GLY A 630 -5.62 13.50 -21.92
CA GLY A 630 -5.52 12.78 -23.17
C GLY A 630 -4.99 13.71 -24.30
N GLY A 631 -4.01 13.25 -25.04
CA GLY A 631 -3.33 14.07 -26.02
C GLY A 631 -1.85 14.25 -25.69
N ASN A 632 -1.53 14.18 -24.40
CA ASN A 632 -0.19 14.44 -23.90
C ASN A 632 0.73 13.23 -23.90
N ALA A 633 0.20 12.02 -24.20
CA ALA A 633 1.09 10.87 -24.31
C ALA A 633 2.16 11.20 -25.31
N GLY A 634 3.40 10.91 -24.95
CA GLY A 634 4.52 11.15 -25.82
C GLY A 634 5.18 12.50 -25.70
N SER A 635 4.66 13.38 -24.82
CA SER A 635 5.16 14.72 -24.71
C SER A 635 6.54 14.72 -24.09
N PRO A 636 7.42 15.61 -24.58
CA PRO A 636 8.71 15.70 -23.98
C PRO A 636 8.62 16.43 -22.64
N VAL A 637 9.47 16.00 -21.69
CA VAL A 637 9.59 16.66 -20.36
C VAL A 637 10.93 17.37 -20.44
N LEU A 638 10.94 18.63 -20.17
CA LEU A 638 12.16 19.42 -20.26
C LEU A 638 12.53 19.90 -18.92
N ASP A 639 13.81 20.16 -18.73
CA ASP A 639 14.28 20.67 -17.46
C ASP A 639 14.34 22.17 -17.44
N ALA A 640 14.98 22.71 -16.42
CA ALA A 640 15.04 24.14 -16.20
C ALA A 640 15.74 24.86 -17.33
N HIS A 641 16.57 24.15 -18.06
CA HIS A 641 17.28 24.71 -19.18
C HIS A 641 16.71 24.27 -20.52
N GLY A 642 15.52 23.70 -20.52
CA GLY A 642 14.81 23.36 -21.73
C GLY A 642 15.42 22.16 -22.42
N LYS A 643 16.12 21.31 -21.67
CA LYS A 643 16.71 20.10 -22.18
C LYS A 643 15.88 18.85 -21.76
N LEU A 644 16.00 17.81 -22.58
CA LEU A 644 15.11 16.69 -22.47
C LEU A 644 15.49 15.79 -21.31
N VAL A 645 14.54 15.59 -20.39
CA VAL A 645 14.71 14.72 -19.24
C VAL A 645 13.77 13.55 -19.18
N GLY A 646 12.91 13.47 -20.18
CA GLY A 646 12.05 12.31 -20.23
C GLY A 646 10.89 12.50 -21.14
N LEU A 647 10.02 11.50 -21.13
CA LEU A 647 8.74 11.56 -21.88
C LEU A 647 7.56 11.28 -20.97
N ALA A 648 6.53 12.08 -21.11
CA ALA A 648 5.25 11.79 -20.44
C ALA A 648 4.62 10.56 -21.03
N PHE A 649 4.11 9.63 -20.21
CA PHE A 649 3.39 8.49 -20.74
C PHE A 649 2.15 8.01 -20.00
N ASP A 650 1.95 8.41 -18.76
CA ASP A 650 0.72 8.09 -18.00
C ASP A 650 0.55 9.07 -16.86
N GLY A 651 -0.43 8.80 -16.01
CA GLY A 651 -0.60 9.45 -14.73
C GLY A 651 -1.00 8.41 -13.73
N ASN A 652 -0.99 8.78 -12.46
CA ASN A 652 -1.58 7.97 -11.42
C ASN A 652 -3.09 8.01 -11.56
N TRP A 653 -3.76 7.05 -10.93
CA TRP A 653 -5.22 6.91 -11.03
C TRP A 653 -5.97 8.18 -10.55
N GLU A 654 -5.36 8.90 -9.65
CA GLU A 654 -5.81 10.24 -9.24
C GLU A 654 -5.78 11.23 -10.35
N SER A 655 -5.19 10.90 -11.51
CA SER A 655 -5.24 11.78 -12.69
C SER A 655 -6.43 11.49 -13.58
N VAL A 656 -7.21 10.45 -13.27
CA VAL A 656 -8.26 10.03 -14.16
C VAL A 656 -9.35 11.08 -14.34
N SER A 657 -9.40 12.03 -13.42
CA SER A 657 -10.35 13.12 -13.39
C SER A 657 -9.89 14.41 -14.08
N SER A 658 -8.85 14.32 -14.91
CA SER A 658 -8.16 15.49 -15.47
C SER A 658 -9.03 16.40 -16.39
N ASN A 659 -10.10 15.87 -16.97
CA ASN A 659 -11.06 16.75 -17.65
C ASN A 659 -11.59 17.82 -16.69
N TRP A 660 -11.80 17.47 -15.42
CA TRP A 660 -12.59 18.33 -14.52
C TRP A 660 -11.80 19.07 -13.49
N VAL A 661 -10.72 18.49 -12.97
CA VAL A 661 -10.06 19.00 -11.78
C VAL A 661 -8.56 18.70 -11.79
N PHE A 662 -7.84 19.33 -10.88
CA PHE A 662 -6.41 18.94 -10.62
C PHE A 662 -6.24 18.98 -9.10
N ASP A 663 -5.75 17.92 -8.49
CA ASP A 663 -5.55 17.92 -7.07
C ASP A 663 -4.08 18.09 -6.78
N PRO A 664 -3.68 19.26 -6.31
CA PRO A 664 -2.26 19.45 -6.15
C PRO A 664 -1.57 18.49 -5.21
N LYS A 665 -2.28 17.91 -4.28
CA LYS A 665 -1.67 16.90 -3.39
C LYS A 665 -1.52 15.56 -4.04
N MSE A 666 -2.37 15.18 -4.95
CA MSE A 666 -2.37 13.79 -5.35
C MSE A 666 -2.14 13.58 -6.86
O MSE A 666 -1.65 12.52 -7.23
CB MSE A 666 -3.68 13.08 -5.05
CG MSE A 666 -4.15 13.12 -3.60
SE MSE A 666 -2.87 11.92 -2.58
CE MSE A 666 -2.12 13.37 -1.68
N THR A 667 -2.60 14.49 -7.72
CA THR A 667 -2.45 14.31 -9.13
C THR A 667 -0.94 14.32 -9.53
N ARG A 668 -0.52 13.30 -10.21
CA ARG A 668 0.89 13.20 -10.65
C ARG A 668 0.96 12.61 -12.04
N MSE A 669 1.78 13.21 -12.87
CA MSE A 669 2.21 12.60 -14.12
C MSE A 669 3.32 11.60 -13.91
O MSE A 669 4.22 11.79 -13.08
CB MSE A 669 2.73 13.71 -15.03
CG MSE A 669 3.06 13.20 -16.43
SE MSE A 669 3.83 14.68 -17.52
CE MSE A 669 5.56 14.15 -17.01
N ILE A 670 3.30 10.56 -14.73
CA ILE A 670 4.36 9.59 -14.78
C ILE A 670 5.11 9.71 -16.10
N ALA A 671 6.42 9.81 -15.95
CA ALA A 671 7.33 9.97 -17.07
C ALA A 671 8.40 8.90 -17.08
N VAL A 672 8.95 8.64 -18.28
CA VAL A 672 10.07 7.71 -18.40
C VAL A 672 11.28 8.63 -18.50
N ASP A 673 12.30 8.35 -17.68
CA ASP A 673 13.50 9.19 -17.57
C ASP A 673 14.35 9.02 -18.83
N GLY A 674 14.86 10.16 -19.35
CA GLY A 674 15.78 10.19 -20.43
C GLY A 674 16.98 9.28 -20.20
N ARG A 675 17.45 9.15 -18.94
CA ARG A 675 18.52 8.23 -18.64
C ARG A 675 18.14 6.78 -18.85
N TYR A 676 16.87 6.43 -18.65
CA TYR A 676 16.41 5.08 -18.94
C TYR A 676 16.34 4.75 -20.47
N LEU A 677 15.85 5.68 -21.30
CA LEU A 677 16.06 5.57 -22.74
C LEU A 677 17.50 5.29 -23.06
N ARG A 678 18.41 6.11 -22.57
CA ARG A 678 19.85 5.90 -22.86
C ARG A 678 20.41 4.56 -22.36
N TRP A 679 19.93 4.12 -21.20
CA TRP A 679 20.38 2.89 -20.59
C TRP A 679 19.89 1.71 -21.38
N ILE A 680 18.64 1.71 -21.79
CA ILE A 680 18.11 0.64 -22.64
C ILE A 680 18.92 0.54 -23.99
N MSE A 681 19.21 1.70 -24.59
CA MSE A 681 19.88 1.82 -25.86
C MSE A 681 21.35 1.56 -25.73
O MSE A 681 21.95 1.23 -26.73
CB MSE A 681 19.59 3.22 -26.47
CG MSE A 681 18.13 3.35 -26.71
SE MSE A 681 17.65 5.17 -27.37
CE MSE A 681 17.72 4.51 -29.02
N GLN A 682 21.94 1.64 -24.52
CA GLN A 682 23.35 1.28 -24.30
C GLN A 682 23.46 -0.20 -23.87
N GLU A 683 22.65 -0.65 -22.91
CA GLU A 683 22.93 -1.91 -22.22
C GLU A 683 22.03 -3.10 -22.57
N VAL A 684 20.89 -2.84 -23.20
CA VAL A 684 19.88 -3.85 -23.33
C VAL A 684 19.54 -4.18 -24.76
N TYR A 685 19.03 -3.18 -25.50
CA TYR A 685 18.70 -3.37 -26.91
C TYR A 685 19.36 -2.26 -27.73
N PRO A 686 20.60 -2.47 -28.15
CA PRO A 686 21.51 -1.37 -28.50
C PRO A 686 21.11 -0.51 -29.72
N ALA A 687 21.26 0.81 -29.59
CA ALA A 687 21.07 1.71 -30.73
C ALA A 687 22.19 2.68 -30.77
N PRO A 688 23.39 2.17 -31.05
CA PRO A 688 24.51 3.07 -30.98
C PRO A 688 24.42 4.23 -32.02
N GLN A 689 23.80 3.99 -33.15
CA GLN A 689 23.77 5.03 -34.18
C GLN A 689 22.86 6.21 -33.69
N LEU A 690 21.78 5.89 -33.00
CA LEU A 690 20.89 6.95 -32.47
C LEU A 690 21.54 7.72 -31.33
N LEU A 691 22.22 7.02 -30.43
CA LEU A 691 22.92 7.69 -29.38
C LEU A 691 23.93 8.68 -29.93
N LYS A 692 24.67 8.26 -30.92
CA LYS A 692 25.64 9.17 -31.54
C LYS A 692 24.92 10.28 -32.23
N GLU A 693 23.82 9.97 -32.89
CA GLU A 693 23.09 11.01 -33.60
C GLU A 693 22.63 12.10 -32.57
N MSE A 694 22.39 11.69 -31.34
CA MSE A 694 21.94 12.59 -30.26
C MSE A 694 23.07 13.02 -29.37
O MSE A 694 22.83 13.51 -28.26
CB MSE A 694 20.81 11.89 -29.45
CG MSE A 694 19.67 11.63 -30.41
SE MSE A 694 18.07 11.02 -29.36
CE MSE A 694 18.44 9.15 -29.20
N ASN A 695 24.31 12.84 -29.83
CA ASN A 695 25.46 13.35 -29.14
C ASN A 695 25.60 12.78 -27.72
N VAL A 696 25.21 11.53 -27.50
CA VAL A 696 25.37 10.89 -26.17
C VAL A 696 25.87 9.48 -26.36
N GLY A 697 26.69 9.32 -27.35
CA GLY A 697 26.98 7.98 -27.74
C GLY A 697 28.41 7.82 -27.34
N LYS A 698 29.17 7.34 -28.31
CA LYS A 698 28.98 7.74 -29.72
C LYS A 698 30.30 7.45 -30.44
N GLY B 1 20.03 -1.09 15.25
CA GLY B 1 20.50 -2.30 14.61
C GLY B 1 20.43 -3.48 15.53
N GLU B 2 21.01 -4.58 15.06
CA GLU B 2 20.81 -5.89 15.62
C GLU B 2 21.50 -5.85 16.96
N GLY B 3 20.94 -6.55 17.92
CA GLY B 3 21.67 -6.88 19.17
C GLY B 3 20.81 -6.55 20.43
N MSE B 4 20.75 -7.53 21.34
CA MSE B 4 20.12 -7.36 22.64
C MSE B 4 21.23 -7.40 23.68
O MSE B 4 21.64 -8.44 24.16
CB MSE B 4 19.02 -8.40 22.82
CG MSE B 4 17.99 -8.34 21.70
SE MSE B 4 16.87 -9.98 21.78
CE MSE B 4 15.48 -9.23 20.55
N TRP B 5 21.80 -6.23 23.91
CA TRP B 5 23.13 -6.13 24.53
C TRP B 5 22.92 -6.24 26.06
N VAL B 6 23.76 -7.03 26.71
CA VAL B 6 23.69 -7.06 28.14
C VAL B 6 24.34 -5.75 28.67
N PRO B 7 23.79 -5.16 29.72
CA PRO B 7 24.35 -3.83 30.07
C PRO B 7 25.83 -3.86 30.43
N GLN B 8 26.24 -4.95 31.01
CA GLN B 8 27.57 -5.12 31.56
C GLN B 8 28.59 -5.04 30.35
N GLN B 9 28.15 -5.29 29.12
CA GLN B 9 29.00 -5.23 27.92
C GLN B 9 28.97 -3.90 27.16
N LEU B 10 28.13 -2.96 27.54
CA LEU B 10 27.97 -1.74 26.79
C LEU B 10 29.30 -0.93 26.62
N PRO B 11 30.22 -0.95 27.62
CA PRO B 11 31.54 -0.31 27.41
C PRO B 11 32.33 -0.85 26.27
N GLU B 12 32.15 -2.11 25.94
CA GLU B 12 32.95 -2.63 24.87
C GLU B 12 32.38 -2.30 23.46
N ILE B 13 31.12 -1.88 23.39
CA ILE B 13 30.62 -1.25 22.17
C ILE B 13 30.41 0.26 22.27
N ALA B 14 31.26 0.92 23.04
CA ALA B 14 31.27 2.43 23.07
C ALA B 14 31.27 3.06 21.68
N GLY B 15 32.06 2.49 20.77
CA GLY B 15 32.21 3.08 19.45
C GLY B 15 30.93 3.09 18.66
N PRO B 16 30.31 1.95 18.50
CA PRO B 16 28.96 1.89 17.86
C PRO B 16 27.91 2.73 18.59
N LEU B 17 27.91 2.71 19.90
CA LEU B 17 26.90 3.54 20.62
C LEU B 17 27.11 4.99 20.24
N LYS B 18 28.36 5.47 20.28
CA LYS B 18 28.64 6.86 20.00
C LYS B 18 28.35 7.18 18.55
N LYS B 19 28.70 6.30 17.65
CA LYS B 19 28.46 6.59 16.26
C LYS B 19 26.96 6.79 16.03
N ALA B 20 26.14 5.97 16.69
CA ALA B 20 24.68 6.04 16.51
C ALA B 20 24.08 7.30 17.16
N GLY B 21 24.84 7.93 18.06
CA GLY B 21 24.44 9.20 18.62
C GLY B 21 24.28 9.32 20.15
N LEU B 22 24.73 8.32 20.91
CA LEU B 22 24.51 8.30 22.35
C LEU B 22 25.27 9.45 22.95
N LYS B 23 24.64 10.24 23.81
CA LYS B 23 25.31 11.34 24.48
C LYS B 23 25.65 11.01 25.92
N LEU B 24 24.87 10.18 26.59
CA LEU B 24 25.35 9.67 27.88
C LEU B 24 26.58 8.82 27.66
N SER B 25 27.36 8.49 28.71
CA SER B 25 28.53 7.59 28.53
C SER B 25 27.97 6.14 28.55
N PRO B 26 28.61 5.24 27.82
CA PRO B 26 28.37 3.84 27.91
C PRO B 26 28.36 3.39 29.37
N GLN B 27 29.26 3.93 30.19
CA GLN B 27 29.35 3.52 31.57
C GLN B 27 28.07 3.82 32.34
N GLN B 28 27.54 4.99 32.06
CA GLN B 28 26.36 5.46 32.77
C GLN B 28 25.16 4.60 32.44
N ILE B 29 25.00 4.23 31.17
CA ILE B 29 23.87 3.37 30.80
C ILE B 29 24.06 1.88 31.05
N SER B 30 25.27 1.50 31.45
CA SER B 30 25.58 0.15 31.89
C SER B 30 25.18 -0.21 33.30
N ASP B 31 24.80 0.81 34.07
CA ASP B 31 24.60 0.74 35.48
C ASP B 31 23.18 0.30 35.76
N LEU B 32 22.97 -0.96 36.08
CA LEU B 32 21.60 -1.50 36.09
C LEU B 32 20.76 -1.00 37.25
N THR B 33 21.38 -0.44 38.27
CA THR B 33 20.60 0.19 39.33
C THR B 33 20.77 1.69 39.31
N GLY B 34 21.27 2.29 38.20
CA GLY B 34 21.59 3.71 38.14
C GLY B 34 20.55 4.48 37.33
N ASP B 35 20.99 5.65 36.88
CA ASP B 35 20.14 6.52 36.06
C ASP B 35 20.62 6.47 34.65
N PRO B 36 19.77 6.04 33.70
CA PRO B 36 18.33 5.83 33.76
C PRO B 36 17.91 4.42 34.03
N MSE B 37 18.84 3.46 33.96
CA MSE B 37 18.38 2.05 33.80
C MSE B 37 17.68 1.46 35.06
O MSE B 37 16.90 0.46 35.01
CB MSE B 37 19.47 1.15 33.39
CG MSE B 37 20.05 1.47 32.03
SE MSE B 37 18.62 1.72 30.63
CE MSE B 37 19.80 2.58 29.26
N GLY B 38 17.99 2.04 36.20
CA GLY B 38 17.41 1.63 37.47
C GLY B 38 15.97 2.06 37.55
N ALA B 39 15.49 2.89 36.59
CA ALA B 39 14.08 3.18 36.48
C ALA B 39 13.25 2.09 35.82
N VAL B 40 13.90 1.12 35.16
CA VAL B 40 13.16 0.12 34.38
C VAL B 40 12.75 -1.02 35.32
N VAL B 41 11.52 -1.49 35.17
CA VAL B 41 11.00 -2.49 36.05
C VAL B 41 10.32 -3.56 35.24
N ALA B 42 10.20 -4.73 35.84
CA ALA B 42 9.57 -5.87 35.23
C ALA B 42 8.18 -6.01 35.83
N LEU B 43 7.19 -6.30 34.99
CA LEU B 43 5.86 -6.62 35.50
C LEU B 43 5.54 -8.12 35.50
N GLY B 44 6.39 -8.94 34.96
CA GLY B 44 6.08 -10.31 34.67
C GLY B 44 5.51 -10.51 33.28
N GLY B 45 6.32 -10.31 32.27
CA GLY B 45 5.85 -10.51 30.89
C GLY B 45 5.73 -9.23 30.08
N CYS B 46 5.78 -8.06 30.74
CA CYS B 46 5.87 -6.75 30.11
C CYS B 46 6.94 -6.01 30.87
N THR B 47 7.46 -4.96 30.22
CA THR B 47 8.40 -4.10 30.79
C THR B 47 7.55 -2.86 31.16
N ALA B 48 8.07 -2.08 32.08
CA ALA B 48 7.51 -0.79 32.52
C ALA B 48 8.66 0.09 33.01
N SER B 49 8.34 1.31 33.41
CA SER B 49 9.30 2.14 34.06
C SER B 49 8.73 3.19 35.03
N PHE B 50 9.54 3.59 35.98
CA PHE B 50 9.14 4.62 36.89
C PHE B 50 9.29 5.96 36.18
N VAL B 51 8.33 6.84 36.44
CA VAL B 51 8.31 8.14 35.85
C VAL B 51 7.97 9.25 36.87
N SER B 52 8.06 8.95 38.16
CA SER B 52 8.01 9.99 39.17
C SER B 52 8.67 9.51 40.41
N PRO B 53 9.03 10.46 41.26
CA PRO B 53 9.61 10.03 42.51
C PRO B 53 8.55 9.56 43.51
N ASN B 54 7.26 9.65 43.18
CA ASN B 54 6.19 9.08 44.02
C ASN B 54 5.62 7.75 43.44
N GLY B 55 6.42 7.05 42.66
CA GLY B 55 6.11 5.68 42.31
C GLY B 55 5.21 5.44 41.10
N LEU B 56 4.99 6.50 40.32
CA LEU B 56 4.23 6.39 39.09
C LEU B 56 5.03 5.59 38.09
N VAL B 57 4.33 4.70 37.36
CA VAL B 57 4.92 3.72 36.48
C VAL B 57 4.14 3.75 35.14
N VAL B 58 4.86 3.81 34.05
CA VAL B 58 4.21 3.80 32.73
C VAL B 58 4.50 2.47 32.02
N THR B 59 3.48 1.97 31.31
CA THR B 59 3.62 0.78 30.50
C THR B 59 2.64 0.86 29.33
N ASN B 60 2.47 -0.23 28.57
CA ASN B 60 1.46 -0.21 27.51
C ASN B 60 0.07 -0.41 28.10
N HIS B 61 -0.94 -0.03 27.33
CA HIS B 61 -2.29 -0.32 27.66
C HIS B 61 -2.62 -1.82 27.66
N HIS B 62 -2.12 -2.63 26.68
CA HIS B 62 -2.45 -4.08 26.75
C HIS B 62 -1.73 -4.68 27.92
N CYS B 63 -0.65 -4.10 28.38
CA CYS B 63 -0.06 -4.60 29.64
C CYS B 63 -0.94 -4.37 30.87
N ALA B 64 -1.67 -3.28 30.87
CA ALA B 64 -2.57 -2.98 32.00
C ALA B 64 -4.01 -3.50 31.84
N TYR B 65 -4.24 -4.12 30.70
CA TYR B 65 -5.57 -4.58 30.32
C TYR B 65 -6.24 -5.47 31.38
N GLY B 66 -5.50 -6.34 32.04
CA GLY B 66 -6.04 -7.18 33.10
C GLY B 66 -6.58 -6.35 34.25
N ALA B 67 -5.85 -5.32 34.64
CA ALA B 67 -6.22 -4.43 35.72
C ALA B 67 -7.41 -3.56 35.40
N ILE B 68 -7.50 -3.17 34.13
CA ILE B 68 -8.56 -2.26 33.68
C ILE B 68 -9.86 -3.06 33.70
N GLN B 69 -9.78 -4.26 33.14
CA GLN B 69 -10.91 -5.17 33.04
C GLN B 69 -11.41 -5.61 34.42
N LEU B 70 -10.49 -5.95 35.31
CA LEU B 70 -10.81 -6.26 36.71
C LEU B 70 -11.62 -5.18 37.47
N ASN B 71 -11.42 -3.91 37.12
CA ASN B 71 -12.06 -2.77 37.81
C ASN B 71 -13.20 -2.22 37.01
N SER B 72 -13.54 -2.92 35.93
CA SER B 72 -14.57 -2.54 35.05
C SER B 72 -15.86 -3.22 35.46
N THR B 73 -16.97 -2.53 35.27
CA THR B 73 -18.28 -3.16 35.28
C THR B 73 -19.07 -2.66 34.10
N ALA B 74 -20.14 -3.38 33.80
CA ALA B 74 -21.09 -2.93 32.78
C ALA B 74 -21.57 -1.48 33.01
N GLU B 75 -21.78 -1.06 34.25
CA GLU B 75 -22.22 0.31 34.50
C GLU B 75 -21.08 1.31 34.39
N ASN B 76 -19.85 0.87 34.72
CA ASN B 76 -18.67 1.66 34.49
C ASN B 76 -17.55 0.90 33.77
N ASN B 77 -17.52 1.11 32.47
CA ASN B 77 -16.81 0.26 31.60
C ASN B 77 -15.50 0.97 31.32
N LEU B 78 -14.48 0.67 32.13
CA LEU B 78 -13.17 1.39 32.03
C LEU B 78 -12.44 1.06 30.74
N ILE B 79 -12.64 -0.13 30.25
CA ILE B 79 -12.01 -0.53 28.99
C ILE B 79 -12.39 0.42 27.87
N LYS B 80 -13.68 0.69 27.75
CA LYS B 80 -14.19 1.55 26.73
C LYS B 80 -13.91 2.99 27.12
N ASN B 81 -14.16 3.37 28.37
CA ASN B 81 -14.21 4.75 28.74
C ASN B 81 -12.81 5.37 29.13
N GLY B 82 -11.82 4.53 29.50
CA GLY B 82 -10.60 5.04 30.18
C GLY B 82 -10.77 5.07 31.69
N PHE B 83 -9.69 5.36 32.38
CA PHE B 83 -9.72 5.56 33.83
C PHE B 83 -8.77 6.68 34.18
N ASN B 84 -9.14 7.55 35.15
CA ASN B 84 -8.20 8.50 35.69
C ASN B 84 -8.41 8.58 37.17
N ALA B 85 -7.32 8.64 37.91
CA ALA B 85 -7.35 8.85 39.31
C ALA B 85 -6.74 10.22 39.59
N PRO B 86 -7.56 11.22 39.89
CA PRO B 86 -7.00 12.59 40.08
C PRO B 86 -6.18 12.75 41.32
N THR B 87 -6.49 11.94 42.34
CA THR B 87 -5.65 11.90 43.55
C THR B 87 -5.18 10.47 43.76
N THR B 88 -4.20 10.26 44.62
CA THR B 88 -3.62 8.90 44.74
C THR B 88 -4.66 8.00 45.43
N ALA B 89 -5.53 8.58 46.26
CA ALA B 89 -6.63 7.80 46.88
C ALA B 89 -7.64 7.31 45.92
N ASP B 90 -7.70 7.87 44.70
CA ASP B 90 -8.63 7.38 43.68
C ASP B 90 -8.14 6.10 42.93
N GLU B 91 -6.86 5.79 43.07
CA GLU B 91 -6.29 4.68 42.33
C GLU B 91 -6.83 3.39 42.86
N VAL B 92 -7.08 2.46 41.95
CA VAL B 92 -7.78 1.23 42.23
C VAL B 92 -6.82 0.10 42.05
N SER B 93 -7.03 -0.96 42.83
CA SER B 93 -6.09 -2.07 42.91
C SER B 93 -6.04 -2.86 41.60
N ALA B 94 -4.81 -3.14 41.17
CA ALA B 94 -4.61 -3.98 40.00
C ALA B 94 -4.78 -5.44 40.34
N GLY B 95 -5.04 -5.80 41.60
CA GLY B 95 -5.34 -7.20 41.97
C GLY B 95 -4.15 -7.90 42.65
N PRO B 96 -4.40 -9.07 43.30
CA PRO B 96 -3.36 -9.58 44.14
C PRO B 96 -2.24 -10.19 43.35
N ASN B 97 -2.47 -10.53 42.10
CA ASN B 97 -1.39 -11.08 41.27
C ASN B 97 -0.47 -10.03 40.63
N ALA B 98 -0.79 -8.75 40.74
CA ALA B 98 -0.01 -7.72 40.00
C ALA B 98 1.32 -7.51 40.74
N ARG B 99 2.40 -7.22 40.01
CA ARG B 99 3.74 -7.08 40.56
C ARG B 99 4.53 -5.96 39.87
N VAL B 100 5.40 -5.31 40.62
CA VAL B 100 6.45 -4.53 40.05
C VAL B 100 7.76 -5.01 40.66
N PHE B 101 8.67 -5.46 39.81
CA PHE B 101 9.95 -5.99 40.29
C PHE B 101 11.04 -4.95 40.01
N VAL B 102 11.67 -4.45 41.07
CA VAL B 102 12.73 -3.46 40.93
C VAL B 102 14.08 -4.04 41.29
N LEU B 103 15.05 -3.86 40.44
CA LEU B 103 16.32 -4.53 40.63
C LEU B 103 17.04 -3.98 41.85
N ASP B 104 17.45 -4.89 42.71
CA ASP B 104 18.20 -4.49 43.90
C ASP B 104 19.70 -4.79 43.73
N GLU B 105 20.04 -5.94 43.19
CA GLU B 105 21.45 -6.32 43.14
C GLU B 105 21.64 -7.44 42.11
N ILE B 106 22.78 -7.43 41.38
CA ILE B 106 23.21 -8.48 40.49
C ILE B 106 24.56 -9.00 40.92
N THR B 107 24.72 -10.31 40.87
CA THR B 107 26.03 -10.95 41.09
C THR B 107 26.37 -11.90 39.96
N ASP B 108 27.62 -11.86 39.54
CA ASP B 108 28.08 -12.88 38.66
C ASP B 108 28.37 -14.11 39.52
N VAL B 109 27.74 -15.26 39.24
CA VAL B 109 27.96 -16.51 40.00
C VAL B 109 28.51 -17.67 39.14
N THR B 110 29.19 -17.29 38.08
CA THR B 110 29.56 -18.18 36.98
C THR B 110 30.58 -19.20 37.51
N LYS B 111 31.56 -18.70 38.25
CA LYS B 111 32.54 -19.60 38.83
C LYS B 111 31.89 -20.67 39.73
N ASP B 112 30.97 -20.32 40.60
CA ASP B 112 30.43 -21.33 41.51
C ASP B 112 29.46 -22.25 40.78
N ALA B 113 28.69 -21.71 39.81
CA ALA B 113 27.86 -22.55 38.97
C ALA B 113 28.68 -23.57 38.16
N LYS B 114 29.77 -23.13 37.55
CA LYS B 114 30.51 -24.03 36.72
C LYS B 114 31.19 -25.12 37.59
N ALA B 115 31.58 -24.76 38.81
CA ALA B 115 32.11 -25.69 39.79
C ALA B 115 31.07 -26.73 40.22
N ALA B 116 29.87 -26.27 40.56
CA ALA B 116 28.83 -27.22 40.90
C ALA B 116 28.58 -28.20 39.76
N ILE B 117 28.57 -27.72 38.53
CA ILE B 117 28.36 -28.59 37.38
C ILE B 117 29.52 -29.57 37.22
N ALA B 118 30.75 -29.07 37.35
CA ALA B 118 31.96 -29.90 37.18
C ALA B 118 31.98 -31.07 38.18
N ALA B 119 31.48 -30.86 39.38
CA ALA B 119 31.54 -31.85 40.41
C ALA B 119 30.61 -33.02 40.14
N ALA B 120 29.76 -32.97 39.11
CA ALA B 120 28.89 -34.10 38.90
C ALA B 120 29.51 -35.09 37.93
N GLY B 121 30.62 -34.73 37.32
CA GLY B 121 31.37 -35.71 36.55
C GLY B 121 30.80 -35.89 35.18
N ASP B 122 30.93 -37.10 34.67
CA ASP B 122 30.55 -37.44 33.31
C ASP B 122 29.08 -37.78 33.17
N ASP B 123 28.35 -37.82 34.28
CA ASP B 123 26.97 -38.24 34.19
C ASP B 123 26.10 -37.01 33.84
N ALA B 124 25.42 -37.11 32.72
CA ALA B 124 24.61 -35.99 32.16
C ALA B 124 23.46 -35.64 33.07
N LEU B 125 22.71 -36.65 33.48
CA LEU B 125 21.61 -36.44 34.39
C LEU B 125 22.09 -35.84 35.73
N ALA B 126 23.20 -36.33 36.27
CA ALA B 126 23.76 -35.80 37.51
C ALA B 126 24.13 -34.34 37.31
N ARG B 127 24.67 -34.00 36.15
CA ARG B 127 25.00 -32.58 35.85
C ARG B 127 23.77 -31.67 35.93
N THR B 128 22.68 -32.07 35.27
CA THR B 128 21.44 -31.32 35.42
C THR B 128 21.00 -31.18 36.87
N LYS B 129 21.04 -32.30 37.61
CA LYS B 129 20.58 -32.25 38.97
C LYS B 129 21.52 -31.40 39.87
N ALA B 130 22.83 -31.41 39.61
CA ALA B 130 23.75 -30.51 40.30
C ALA B 130 23.39 -29.04 40.03
N LEU B 131 23.06 -28.71 38.81
CA LEU B 131 22.73 -27.31 38.49
C LEU B 131 21.43 -26.96 39.20
N GLU B 132 20.47 -27.87 39.17
CA GLU B 132 19.20 -27.65 39.92
C GLU B 132 19.46 -27.37 41.38
N ALA B 133 20.30 -28.18 42.01
CA ALA B 133 20.63 -27.97 43.44
C ALA B 133 21.31 -26.65 43.70
N PHE B 134 22.32 -26.36 42.88
CA PHE B 134 22.99 -25.07 42.99
C PHE B 134 21.98 -23.92 42.98
N GLU B 135 21.08 -23.96 41.99
CA GLU B 135 20.16 -22.87 41.74
C GLU B 135 19.22 -22.75 42.90
N LYS B 136 18.64 -23.85 43.37
CA LYS B 136 17.72 -23.77 44.50
C LYS B 136 18.30 -23.20 45.80
N LYS B 137 19.51 -23.57 46.11
CA LYS B 137 20.15 -23.04 47.31
C LYS B 137 20.43 -21.56 47.17
N LEU B 138 20.97 -21.18 46.01
CA LEU B 138 21.26 -19.80 45.71
C LEU B 138 20.06 -18.90 45.91
N ILE B 139 18.90 -19.34 45.44
CA ILE B 139 17.71 -18.53 45.44
C ILE B 139 17.18 -18.49 46.85
N ALA B 140 17.27 -19.63 47.52
CA ALA B 140 16.81 -19.73 48.90
C ALA B 140 17.56 -18.74 49.77
N ASP B 141 18.88 -18.71 49.60
CA ASP B 141 19.74 -17.78 50.35
C ASP B 141 19.38 -16.32 50.01
N CYS B 142 19.25 -16.02 48.73
CA CYS B 142 19.00 -14.67 48.30
C CYS B 142 17.62 -14.17 48.83
N GLU B 143 16.63 -15.06 48.83
CA GLU B 143 15.25 -14.73 49.21
C GLU B 143 15.06 -14.76 50.72
N ALA B 144 16.12 -15.01 51.53
CA ALA B 144 15.93 -15.19 52.99
C ALA B 144 15.37 -13.90 53.59
N GLU B 145 15.81 -12.76 53.07
CA GLU B 145 15.21 -11.46 53.43
C GLU B 145 13.84 -11.31 52.75
N ALA B 146 12.82 -11.09 53.54
CA ALA B 146 11.46 -10.90 53.05
C ALA B 146 11.39 -9.70 52.09
N GLY B 147 10.59 -9.78 51.06
CA GLY B 147 10.39 -8.62 50.19
C GLY B 147 11.07 -8.78 48.84
N PHE B 148 11.89 -9.81 48.67
CA PHE B 148 12.66 -10.00 47.44
C PHE B 148 12.35 -11.31 46.70
N ARG B 149 12.30 -11.29 45.38
CA ARG B 149 12.33 -12.53 44.60
C ARG B 149 13.61 -12.55 43.73
N CYS B 150 14.23 -13.72 43.57
CA CYS B 150 15.53 -13.80 42.95
C CYS B 150 15.44 -14.78 41.78
N ARG B 151 16.26 -14.57 40.76
CA ARG B 151 16.32 -15.43 39.60
C ARG B 151 17.73 -15.60 39.16
N LEU B 152 18.04 -16.81 38.72
CA LEU B 152 19.33 -17.15 38.15
C LEU B 152 19.18 -17.24 36.66
N TYR B 153 20.02 -16.53 35.93
CA TYR B 153 19.97 -16.53 34.47
C TYR B 153 21.26 -17.11 33.96
N SER B 154 21.13 -17.98 32.96
CA SER B 154 22.25 -18.52 32.18
C SER B 154 22.31 -17.84 30.80
N PHE B 155 23.51 -17.35 30.43
CA PHE B 155 23.80 -16.64 29.22
C PHE B 155 24.67 -17.50 28.30
N SER B 156 24.34 -17.45 27.00
CA SER B 156 25.16 -18.10 25.97
C SER B 156 25.41 -19.55 26.34
N GLY B 157 24.32 -20.26 26.60
CA GLY B 157 24.31 -21.72 26.79
C GLY B 157 25.00 -22.16 28.08
N GLY B 158 25.14 -21.25 29.05
CA GLY B 158 25.92 -21.50 30.27
C GLY B 158 27.39 -21.08 30.33
N ASN B 159 27.83 -20.23 29.42
CA ASN B 159 29.10 -19.53 29.57
C ASN B 159 29.18 -18.56 30.74
N THR B 160 28.03 -18.01 31.16
CA THR B 160 28.01 -17.02 32.23
C THR B 160 26.72 -17.14 32.95
N TYR B 161 26.75 -16.97 34.27
CA TYR B 161 25.55 -17.11 35.11
C TYR B 161 25.48 -15.87 35.95
N ARG B 162 24.30 -15.26 36.03
CA ARG B 162 24.14 -14.09 36.91
C ARG B 162 22.86 -14.22 37.69
N LEU B 163 22.90 -13.69 38.89
CA LEU B 163 21.82 -13.82 39.88
C LEU B 163 21.29 -12.42 40.07
N PHE B 164 19.98 -12.25 39.89
CA PHE B 164 19.28 -10.99 40.03
C PHE B 164 18.38 -11.08 41.26
N LYS B 165 18.51 -10.11 42.16
CA LYS B 165 17.70 -9.99 43.37
C LYS B 165 16.79 -8.77 43.17
N ASN B 166 15.49 -8.97 43.14
CA ASN B 166 14.53 -7.91 42.87
C ASN B 166 13.62 -7.68 44.07
N LEU B 167 13.39 -6.42 44.38
CA LEU B 167 12.29 -6.03 45.27
C LEU B 167 10.97 -6.38 44.59
N GLU B 168 10.17 -7.19 45.27
CA GLU B 168 8.89 -7.67 44.77
C GLU B 168 7.77 -6.85 45.35
N ILE B 169 7.37 -5.85 44.60
CA ILE B 169 6.26 -5.00 45.03
C ILE B 169 4.97 -5.72 44.62
N LYS B 170 4.06 -5.83 45.59
CA LYS B 170 2.81 -6.56 45.48
C LYS B 170 1.53 -5.69 45.53
N ASP B 171 1.63 -4.39 45.79
CA ASP B 171 0.49 -3.52 45.81
C ASP B 171 0.64 -2.60 44.60
N VAL B 172 -0.03 -2.94 43.51
CA VAL B 172 0.07 -2.13 42.32
C VAL B 172 -1.32 -1.64 42.00
N ARG B 173 -1.44 -0.34 41.70
CA ARG B 173 -2.77 0.27 41.46
C ARG B 173 -2.75 1.00 40.13
N LEU B 174 -3.90 0.96 39.47
CA LEU B 174 -4.17 1.72 38.27
C LEU B 174 -4.40 3.19 38.55
N ALA B 175 -3.60 4.05 37.87
CA ALA B 175 -3.70 5.47 37.98
C ALA B 175 -4.35 6.13 36.75
N TYR B 176 -4.08 5.61 35.56
CA TYR B 176 -4.63 6.18 34.31
C TYR B 176 -4.67 5.20 33.24
N ALA B 177 -5.73 5.23 32.46
CA ALA B 177 -5.74 4.47 31.22
C ALA B 177 -6.54 5.31 30.25
N PRO B 178 -6.06 5.46 29.02
CA PRO B 178 -6.83 6.13 27.98
C PRO B 178 -8.01 5.29 27.53
N PRO B 179 -9.03 5.93 26.92
CA PRO B 179 -10.15 5.09 26.43
C PRO B 179 -9.63 3.99 25.50
N GLY B 180 -10.33 2.90 25.47
CA GLY B 180 -9.91 1.74 24.67
C GLY B 180 -9.65 1.98 23.20
N SER B 181 -10.44 2.85 22.57
CA SER B 181 -10.21 3.18 21.15
C SER B 181 -9.02 4.11 20.95
N VAL B 182 -8.39 4.56 22.02
CA VAL B 182 -7.05 5.12 21.94
C VAL B 182 -6.03 4.02 22.26
N GLY B 183 -6.18 3.35 23.41
CA GLY B 183 -5.18 2.33 23.81
C GLY B 183 -4.99 1.23 22.75
N LYS B 184 -6.07 0.93 22.03
CA LYS B 184 -6.07 -0.16 21.08
C LYS B 184 -6.78 0.22 19.74
N PHE B 185 -6.56 1.45 19.32
CA PHE B 185 -7.01 1.92 18.01
C PHE B 185 -6.51 1.02 16.94
N GLY B 186 -7.42 0.61 16.06
CA GLY B 186 -7.09 -0.32 15.05
C GLY B 186 -7.25 -1.79 15.39
N GLY B 187 -7.32 -2.10 16.70
CA GLY B 187 -7.51 -3.44 17.26
C GLY B 187 -6.63 -4.46 16.55
N ASP B 188 -7.21 -5.59 16.18
CA ASP B 188 -6.48 -6.69 15.51
C ASP B 188 -6.23 -6.48 14.06
N ILE B 189 -7.00 -5.58 13.44
CA ILE B 189 -6.72 -5.15 12.07
C ILE B 189 -5.32 -4.54 11.92
N ASP B 190 -4.90 -3.68 12.84
CA ASP B 190 -3.64 -2.96 12.68
C ASP B 190 -2.48 -3.71 13.35
N ASN B 191 -2.76 -4.90 13.84
CA ASN B 191 -1.79 -5.63 14.60
C ASN B 191 -0.60 -6.11 13.75
N TRP B 192 0.63 -5.88 14.24
CA TRP B 192 1.84 -6.07 13.44
C TRP B 192 1.95 -5.14 12.20
N MSE B 193 1.07 -4.14 12.08
CA MSE B 193 1.02 -3.27 10.87
C MSE B 193 1.64 -1.92 11.12
O MSE B 193 1.54 -1.34 12.22
CB MSE B 193 -0.43 -3.00 10.41
CG MSE B 193 -1.20 -4.31 10.13
SE MSE B 193 -0.36 -5.33 8.60
CE MSE B 193 0.48 -6.88 9.44
N TRP B 194 2.24 -1.37 10.05
CA TRP B 194 2.52 0.05 9.93
C TRP B 194 1.86 0.44 8.60
N PRO B 195 1.34 1.66 8.46
CA PRO B 195 1.28 2.79 9.39
C PRO B 195 0.47 2.41 10.66
N ARG B 196 0.91 2.86 11.85
CA ARG B 196 0.14 2.61 13.13
C ARG B 196 -0.16 3.95 13.79
N HIS B 197 -1.29 3.96 14.50
CA HIS B 197 -1.86 5.15 15.11
C HIS B 197 -2.42 4.87 16.50
N THR B 198 -1.72 4.07 17.30
CA THR B 198 -2.26 3.48 18.53
C THR B 198 -1.61 4.20 19.74
N GLY B 199 -2.43 4.76 20.63
CA GLY B 199 -1.96 5.32 21.90
C GLY B 199 -1.79 4.26 22.97
N ASP B 200 -0.77 3.38 22.82
CA ASP B 200 -0.71 2.17 23.66
C ASP B 200 0.08 2.49 24.92
N PHE B 201 -0.64 3.05 25.88
CA PHE B 201 -0.04 3.35 27.16
C PHE B 201 -1.02 3.26 28.27
N ALA B 202 -0.47 3.07 29.48
CA ALA B 202 -1.28 3.19 30.74
C ALA B 202 -0.33 3.47 31.89
N PHE B 203 -0.88 3.92 33.00
CA PHE B 203 -0.07 4.15 34.17
C PHE B 203 -0.54 3.40 35.40
N TYR B 204 0.44 2.99 36.18
CA TYR B 204 0.23 2.37 37.46
C TYR B 204 0.88 3.25 38.50
N ARG B 205 0.63 2.91 39.78
CA ARG B 205 1.45 3.41 40.91
C ARG B 205 1.77 2.22 41.87
N ALA B 206 3.04 2.15 42.21
CA ALA B 206 3.60 1.15 43.15
C ALA B 206 3.51 1.67 44.58
N TYR B 207 2.97 0.80 45.43
CA TYR B 207 2.81 1.00 46.84
C TYR B 207 3.55 -0.03 47.71
N VAL B 208 4.07 0.45 48.81
CA VAL B 208 4.60 -0.41 49.87
C VAL B 208 3.98 -0.04 51.27
N GLY B 209 4.37 -0.79 52.29
CA GLY B 209 3.85 -0.43 53.61
C GLY B 209 4.51 0.82 54.12
N LYS B 210 3.97 1.33 55.20
CA LYS B 210 4.55 2.50 55.86
C LYS B 210 5.94 2.21 56.39
N ASP B 211 6.26 0.94 56.63
CA ASP B 211 7.68 0.61 56.95
C ASP B 211 8.61 0.53 55.71
N GLY B 212 8.08 0.75 54.52
CA GLY B 212 8.87 0.69 53.31
C GLY B 212 9.06 -0.67 52.71
N LYS B 213 8.56 -1.73 53.36
CA LYS B 213 8.62 -3.04 52.81
C LYS B 213 7.42 -3.40 51.99
N PRO B 214 7.59 -4.28 51.01
CA PRO B 214 6.44 -4.80 50.24
C PRO B 214 5.37 -5.34 51.14
N ALA B 215 4.13 -5.22 50.69
CA ALA B 215 2.97 -5.70 51.37
C ALA B 215 1.89 -5.88 50.34
N ALA B 216 0.95 -6.79 50.65
CA ALA B 216 -0.22 -6.90 49.82
C ALA B 216 -1.12 -5.70 50.01
N PHE B 217 -2.11 -5.54 49.14
CA PHE B 217 -2.93 -4.34 49.13
C PHE B 217 -3.43 -3.98 50.51
N SER B 218 -3.23 -2.76 50.93
CA SER B 218 -3.88 -2.28 52.14
C SER B 218 -4.08 -0.80 51.99
N LYS B 219 -5.15 -0.29 52.58
CA LYS B 219 -5.37 1.14 52.49
C LYS B 219 -4.40 1.87 53.38
N ASP B 220 -3.66 1.15 54.20
CA ASP B 220 -2.60 1.76 54.95
C ASP B 220 -1.29 1.86 54.17
N ASN B 221 -1.22 1.24 53.02
CA ASN B 221 0.00 1.37 52.18
C ASN B 221 0.21 2.76 51.61
N VAL B 222 1.42 3.11 51.25
CA VAL B 222 1.69 4.42 50.69
C VAL B 222 2.63 4.23 49.46
N PRO B 223 2.74 5.25 48.59
CA PRO B 223 3.47 5.09 47.32
C PRO B 223 4.90 4.78 47.59
N TYR B 224 5.44 3.84 46.84
CA TYR B 224 6.85 3.57 46.79
C TYR B 224 7.60 4.78 46.24
N GLN B 225 8.75 5.06 46.83
CA GLN B 225 9.61 6.15 46.41
C GLN B 225 10.87 5.69 45.68
N PRO B 226 10.87 5.74 44.34
CA PRO B 226 12.00 5.11 43.67
C PRO B 226 13.24 5.94 43.74
N LYS B 227 14.37 5.28 43.71
CA LYS B 227 15.66 5.93 43.68
C LYS B 227 15.85 6.68 42.33
N HIS B 228 15.39 6.06 41.23
CA HIS B 228 15.52 6.61 39.88
C HIS B 228 14.22 6.45 39.09
N TRP B 229 13.91 7.47 38.31
CA TRP B 229 12.68 7.51 37.46
C TRP B 229 13.06 8.28 36.20
N LEU B 230 12.39 8.00 35.10
CA LEU B 230 12.62 8.66 33.85
C LEU B 230 12.01 10.06 33.76
N LYS B 231 12.63 10.93 32.98
CA LYS B 231 12.06 12.21 32.69
C LYS B 231 11.72 12.34 31.19
N PHE B 232 10.64 13.06 30.91
CA PHE B 232 10.28 13.31 29.52
C PHE B 232 11.36 14.13 28.80
N ALA B 233 11.65 13.78 27.55
CA ALA B 233 12.52 14.54 26.69
C ALA B 233 12.04 15.96 26.59
N ASP B 234 13.02 16.81 26.62
CA ASP B 234 12.87 18.21 26.27
C ASP B 234 13.30 18.43 24.81
N GLN B 235 14.07 17.52 24.23
CA GLN B 235 14.38 17.64 22.82
C GLN B 235 13.36 16.92 21.95
N PRO B 236 12.89 17.60 20.86
CA PRO B 236 11.94 16.95 20.01
C PRO B 236 12.61 15.82 19.23
N LEU B 237 12.01 14.64 19.27
CA LEU B 237 12.59 13.49 18.56
C LEU B 237 12.26 13.59 17.06
N GLY B 238 13.32 13.55 16.24
CA GLY B 238 13.23 13.60 14.80
C GLY B 238 13.81 12.35 14.11
N ALA B 239 13.53 12.26 12.81
CA ALA B 239 14.06 11.21 11.91
C ALA B 239 15.55 11.19 11.99
N GLY B 240 16.12 9.99 12.03
CA GLY B 240 17.57 9.82 12.23
C GLY B 240 18.14 9.91 13.67
N ASP B 241 17.36 10.39 14.65
CA ASP B 241 17.90 10.55 15.98
C ASP B 241 18.15 9.20 16.65
N PHE B 242 19.13 9.22 17.54
CA PHE B 242 19.40 8.09 18.41
C PHE B 242 18.23 7.70 19.32
N VAL B 243 17.89 6.40 19.36
CA VAL B 243 16.99 5.85 20.35
C VAL B 243 17.53 4.55 20.91
N MSE B 244 17.17 4.28 22.16
CA MSE B 244 17.48 2.99 22.80
C MSE B 244 16.30 2.53 23.62
O MSE B 244 15.47 3.31 24.11
CB MSE B 244 18.82 2.97 23.58
CG MSE B 244 18.75 4.07 24.57
SE MSE B 244 20.36 4.21 25.73
CE MSE B 244 20.04 5.88 26.68
N VAL B 245 16.23 1.24 23.81
CA VAL B 245 15.18 0.61 24.60
C VAL B 245 15.83 -0.33 25.59
N ALA B 246 15.34 -0.28 26.82
CA ALA B 246 15.68 -1.22 27.84
C ALA B 246 14.46 -1.97 28.22
N GLY B 247 14.58 -3.29 28.33
CA GLY B 247 13.51 -4.16 28.79
C GLY B 247 13.93 -5.64 28.91
N TYR B 248 12.96 -6.53 28.96
CA TYR B 248 13.23 -7.95 29.25
C TYR B 248 12.78 -8.89 28.12
N PRO B 249 13.51 -8.91 27.00
CA PRO B 249 13.14 -9.78 25.94
C PRO B 249 13.25 -11.23 26.40
N GLY B 250 12.26 -12.06 26.06
CA GLY B 250 12.12 -13.43 26.62
C GLY B 250 13.11 -14.46 26.02
N SER B 251 13.04 -14.64 24.73
CA SER B 251 13.77 -15.69 24.09
C SER B 251 14.03 -15.33 22.68
N THR B 252 15.25 -15.58 22.24
CA THR B 252 15.60 -15.67 20.82
C THR B 252 16.35 -16.98 20.47
N ASN B 253 16.50 -17.30 19.20
CA ASN B 253 17.26 -18.50 18.86
C ASN B 253 18.15 -18.21 17.66
N ARG B 254 18.92 -17.15 17.82
CA ARG B 254 19.73 -16.55 16.76
C ARG B 254 20.94 -17.40 16.43
N TYR B 255 21.31 -18.27 17.34
CA TYR B 255 22.51 -19.07 17.08
C TYR B 255 22.23 -20.59 16.88
N ALA B 256 20.98 -20.95 16.59
CA ALA B 256 20.60 -22.35 16.46
C ALA B 256 21.43 -23.01 15.38
N LEU B 257 21.70 -24.29 15.52
CA LEU B 257 22.29 -25.09 14.43
C LEU B 257 21.36 -25.05 13.21
N ALA B 258 21.94 -25.06 12.03
CA ALA B 258 21.17 -25.20 10.82
C ALA B 258 20.11 -26.33 10.93
N ALA B 259 20.49 -27.50 11.43
CA ALA B 259 19.52 -28.58 11.53
C ALA B 259 18.41 -28.27 12.57
N GLU B 260 18.73 -27.52 13.63
CA GLU B 260 17.70 -27.08 14.66
C GLU B 260 16.68 -26.15 14.02
N PHE B 261 17.20 -25.20 13.26
CA PHE B 261 16.35 -24.33 12.48
C PHE B 261 15.46 -25.14 11.52
N ASP B 262 16.05 -26.03 10.73
CA ASP B 262 15.29 -26.83 9.78
C ASP B 262 14.15 -27.64 10.44
N ASN B 263 14.47 -28.32 11.55
CA ASN B 263 13.45 -28.99 12.35
C ASN B 263 12.28 -28.09 12.77
N THR B 264 12.60 -26.92 13.29
CA THR B 264 11.60 -25.89 13.61
C THR B 264 10.75 -25.43 12.43
N ALA B 265 11.40 -25.11 11.33
CA ALA B 265 10.65 -24.61 10.20
C ALA B 265 9.92 -25.73 9.47
N GLN B 266 10.50 -26.91 9.42
CA GLN B 266 9.88 -27.98 8.65
C GLN B 266 8.85 -28.75 9.46
N TRP B 267 9.05 -28.91 10.77
CA TRP B 267 8.14 -29.66 11.64
C TRP B 267 7.39 -28.81 12.67
N THR B 268 8.13 -28.16 13.57
CA THR B 268 7.52 -27.58 14.79
C THR B 268 6.47 -26.53 14.51
N TYR B 269 6.85 -25.54 13.73
CA TYR B 269 5.97 -24.42 13.42
C TYR B 269 4.73 -24.87 12.64
N PRO B 270 4.90 -25.63 11.55
CA PRO B 270 3.69 -26.06 10.79
C PRO B 270 2.72 -26.99 11.54
N THR B 271 3.30 -27.86 12.39
CA THR B 271 2.51 -28.77 13.23
C THR B 271 1.68 -27.98 14.24
N ILE B 272 2.37 -27.09 15.01
CA ILE B 272 1.71 -26.30 16.06
C ILE B 272 0.69 -25.43 15.40
N ALA B 273 1.04 -24.79 14.27
CA ALA B 273 0.10 -23.90 13.55
C ALA B 273 -1.21 -24.65 13.26
N ARG B 274 -1.03 -25.83 12.72
CA ARG B 274 -2.15 -26.62 12.29
C ARG B 274 -3.02 -26.99 13.49
N HIS B 275 -2.41 -27.52 14.55
CA HIS B 275 -3.22 -27.88 15.72
C HIS B 275 -3.96 -26.66 16.28
N TYR B 276 -3.23 -25.56 16.49
CA TYR B 276 -3.83 -24.36 17.03
C TYR B 276 -5.02 -23.86 16.14
N LYS B 277 -4.91 -23.95 14.81
CA LYS B 277 -6.03 -23.52 13.97
C LYS B 277 -7.21 -24.44 14.13
N ASN B 278 -6.96 -25.72 14.37
CA ASN B 278 -8.04 -26.66 14.60
C ASN B 278 -8.75 -26.29 15.88
N GLN B 279 -7.96 -25.97 16.90
CA GLN B 279 -8.54 -25.65 18.18
C GLN B 279 -9.30 -24.33 18.12
N ILE B 280 -8.68 -23.33 17.49
CA ILE B 280 -9.32 -22.03 17.27
C ILE B 280 -10.65 -22.15 16.58
N ALA B 281 -10.75 -23.05 15.62
CA ALA B 281 -11.98 -23.27 14.90
C ALA B 281 -13.09 -23.87 15.78
N MSE B 282 -12.75 -24.94 16.48
CA MSE B 282 -13.70 -25.55 17.40
C MSE B 282 -14.15 -24.56 18.42
O MSE B 282 -15.34 -24.52 18.71
CB MSE B 282 -13.09 -26.70 18.18
CG MSE B 282 -12.90 -27.98 17.34
SE MSE B 282 -12.04 -29.35 18.54
CE MSE B 282 -10.62 -28.25 19.29
N VAL B 283 -13.25 -23.75 18.99
CA VAL B 283 -13.68 -22.80 20.02
C VAL B 283 -14.59 -21.72 19.43
N GLU B 284 -14.29 -21.27 18.22
CA GLU B 284 -15.12 -20.24 17.58
C GLU B 284 -16.49 -20.76 17.20
N ALA B 285 -16.55 -21.96 16.66
CA ALA B 285 -17.83 -22.59 16.42
C ALA B 285 -18.63 -22.74 17.73
N ALA B 286 -18.12 -23.48 18.71
CA ALA B 286 -18.86 -23.65 19.99
C ALA B 286 -19.32 -22.31 20.65
N GLY B 287 -18.51 -21.27 20.54
CA GLY B 287 -18.79 -19.99 21.19
C GLY B 287 -19.97 -19.22 20.62
N LYS B 288 -20.35 -19.53 19.39
CA LYS B 288 -21.37 -18.75 18.67
C LYS B 288 -22.75 -18.96 19.24
N GLN B 289 -23.04 -20.18 19.71
CA GLN B 289 -24.27 -20.41 20.49
C GLN B 289 -24.03 -20.90 21.93
N ASN B 290 -22.98 -20.40 22.55
CA ASN B 290 -22.80 -20.50 23.98
C ASN B 290 -21.80 -19.47 24.41
N ALA B 291 -22.24 -18.43 25.10
CA ALA B 291 -21.43 -17.24 25.17
C ALA B 291 -20.60 -17.24 26.45
N ASP B 292 -21.02 -18.09 27.38
CA ASP B 292 -20.17 -18.56 28.48
C ASP B 292 -18.83 -19.12 27.95
N ILE B 293 -18.92 -19.99 26.95
CA ILE B 293 -17.73 -20.52 26.28
C ILE B 293 -16.93 -19.38 25.66
N GLN B 294 -17.65 -18.45 25.07
CA GLN B 294 -17.03 -17.51 24.17
C GLN B 294 -16.31 -16.49 25.01
N VAL B 295 -16.95 -16.14 26.14
CA VAL B 295 -16.36 -15.21 27.09
C VAL B 295 -15.11 -15.85 27.73
N LYS B 296 -15.28 -17.09 28.18
CA LYS B 296 -14.28 -17.77 29.04
C LYS B 296 -13.08 -18.29 28.24
N TYR B 297 -13.29 -18.58 26.94
CA TYR B 297 -12.25 -19.17 26.07
C TYR B 297 -11.53 -18.16 25.19
N ALA B 298 -11.64 -16.86 25.50
CA ALA B 298 -11.31 -15.81 24.52
C ALA B 298 -9.86 -15.45 24.61
N ALA B 299 -9.39 -15.29 25.84
CA ALA B 299 -8.01 -15.12 26.09
C ALA B 299 -7.25 -16.31 25.45
N THR B 300 -7.82 -17.51 25.60
CA THR B 300 -7.16 -18.76 25.22
C THR B 300 -7.06 -18.81 23.70
N MSE B 301 -8.18 -18.58 23.02
CA MSE B 301 -8.23 -18.55 21.55
C MSE B 301 -7.31 -17.51 20.98
O MSE B 301 -6.68 -17.74 19.93
CB MSE B 301 -9.65 -18.25 21.09
CG MSE B 301 -9.74 -18.57 19.59
SE MSE B 301 -11.57 -18.34 18.93
CE MSE B 301 -11.97 -16.68 19.92
N ALA B 302 -7.18 -16.38 21.66
CA ALA B 302 -6.36 -15.32 21.12
C ALA B 302 -4.91 -15.67 21.29
N GLY B 303 -4.57 -16.44 22.35
CA GLY B 303 -3.22 -17.00 22.51
C GLY B 303 -2.85 -17.85 21.31
N TRP B 304 -3.74 -18.79 20.96
CA TRP B 304 -3.58 -19.64 19.77
C TRP B 304 -3.48 -18.87 18.45
N ASN B 305 -4.33 -17.86 18.25
CA ASN B 305 -4.24 -17.00 17.05
C ASN B 305 -2.87 -16.37 16.96
N ASN B 306 -2.45 -15.78 18.05
CA ASN B 306 -1.20 -15.10 18.00
C ASN B 306 -0.07 -16.01 17.53
N THR B 307 -0.04 -17.23 18.06
CA THR B 307 1.07 -18.11 17.76
C THR B 307 0.93 -18.69 16.37
N SER B 308 -0.27 -19.10 16.08
CA SER B 308 -0.61 -19.55 14.78
C SER B 308 -0.14 -18.56 13.66
N LYS B 309 -0.54 -17.31 13.81
CA LYS B 309 -0.30 -16.28 12.82
C LYS B 309 1.18 -15.95 12.81
N ASN B 310 1.75 -15.70 13.97
CA ASN B 310 3.21 -15.52 14.04
C ASN B 310 3.98 -16.66 13.31
N TYR B 311 3.62 -17.92 13.55
CA TYR B 311 4.31 -19.05 12.92
C TYR B 311 4.05 -19.10 11.42
N ASP B 312 2.82 -18.83 11.02
CA ASP B 312 2.52 -18.79 9.61
C ASP B 312 3.36 -17.64 8.93
N GLY B 313 3.51 -16.53 9.63
CA GLY B 313 4.28 -15.36 9.17
C GLY B 313 5.77 -15.30 9.47
N GLN B 314 6.23 -16.13 10.41
CA GLN B 314 7.66 -16.45 10.47
C GLN B 314 8.07 -17.29 9.28
N LEU B 315 7.23 -18.27 8.95
CA LEU B 315 7.46 -19.20 7.87
C LEU B 315 7.51 -18.46 6.58
N GLU B 316 6.61 -17.49 6.36
CA GLU B 316 6.71 -16.66 5.13
C GLU B 316 8.05 -15.87 5.12
N GLY B 317 8.28 -15.05 6.16
CA GLY B 317 9.57 -14.43 6.41
C GLY B 317 10.79 -15.32 6.12
N PHE B 318 10.77 -16.56 6.60
CA PHE B 318 11.89 -17.47 6.27
C PHE B 318 12.05 -17.63 4.74
N LYS B 319 10.95 -17.77 4.02
CA LYS B 319 11.05 -17.91 2.58
C LYS B 319 11.46 -16.60 1.88
N ARG B 320 10.76 -15.49 2.17
CA ARG B 320 11.19 -14.15 1.73
C ARG B 320 12.71 -14.06 1.77
N ILE B 321 13.33 -14.44 2.90
CA ILE B 321 14.73 -14.13 3.16
C ILE B 321 15.69 -15.31 2.89
N ASP B 322 15.22 -16.38 2.24
CA ASP B 322 15.89 -17.71 2.23
C ASP B 322 16.66 -18.10 3.51
N ALA B 323 15.92 -18.36 4.58
CA ALA B 323 16.52 -18.39 5.89
C ALA B 323 17.30 -19.69 6.01
N ALA B 324 16.73 -20.75 5.49
CA ALA B 324 17.38 -22.04 5.45
C ALA B 324 18.83 -21.93 4.89
N GLY B 325 18.98 -21.13 3.82
CA GLY B 325 20.18 -21.22 3.00
C GLY B 325 21.28 -20.43 3.67
N GLN B 326 20.91 -19.23 4.10
CA GLN B 326 21.65 -18.44 5.05
C GLN B 326 22.27 -19.26 6.12
N LYS B 327 21.45 -20.02 6.89
CA LYS B 327 21.94 -20.73 8.08
C LYS B 327 22.97 -21.78 7.73
N LEU B 328 22.67 -22.58 6.73
CA LEU B 328 23.56 -23.66 6.30
C LEU B 328 24.92 -23.10 5.85
N ARG B 329 24.84 -22.03 5.07
CA ARG B 329 26.01 -21.36 4.56
C ARG B 329 26.88 -20.73 5.69
N GLU B 330 26.24 -20.01 6.59
CA GLU B 330 26.92 -19.44 7.74
C GLU B 330 27.49 -20.55 8.62
N GLU B 331 26.77 -21.65 8.76
CA GLU B 331 27.33 -22.73 9.56
C GLU B 331 28.50 -23.40 8.80
N ALA B 332 28.36 -23.56 7.49
CA ALA B 332 29.53 -23.94 6.68
C ALA B 332 30.82 -23.13 6.98
N ALA B 333 30.68 -21.80 7.10
CA ALA B 333 31.87 -21.00 7.36
C ALA B 333 32.44 -21.21 8.72
N VAL B 334 31.58 -21.26 9.71
CA VAL B 334 32.09 -21.46 11.05
C VAL B 334 32.85 -22.80 11.15
N LEU B 335 32.26 -23.83 10.57
CA LEU B 335 32.83 -25.19 10.69
C LEU B 335 34.20 -25.24 9.96
N GLY B 336 34.29 -24.57 8.81
CA GLY B 336 35.53 -24.44 8.06
C GLY B 336 36.59 -23.75 8.87
N TRP B 337 36.22 -22.65 9.53
CA TRP B 337 37.12 -21.92 10.34
C TRP B 337 37.62 -22.82 11.46
N LEU B 338 36.69 -23.55 12.07
CA LEU B 338 37.08 -24.35 13.23
C LEU B 338 38.07 -25.42 12.82
N LYS B 339 37.82 -26.03 11.67
CA LYS B 339 38.77 -27.07 11.16
C LYS B 339 40.11 -26.41 10.94
N GLY B 340 40.08 -25.17 10.46
CA GLY B 340 41.29 -24.35 10.36
C GLY B 340 42.00 -24.10 11.67
N GLN B 341 41.30 -24.18 12.77
CA GLN B 341 42.00 -24.07 14.02
C GLN B 341 42.70 -25.38 14.33
N GLY B 342 43.38 -25.44 15.46
CA GLY B 342 44.21 -26.61 15.71
C GLY B 342 43.41 -27.86 15.98
N ALA B 343 44.06 -28.83 16.61
CA ALA B 343 43.55 -29.41 17.83
C ALA B 343 42.71 -28.39 18.60
N LYS B 344 43.18 -27.14 18.68
CA LYS B 344 42.42 -26.06 19.32
C LYS B 344 40.92 -26.06 19.03
N GLY B 345 40.54 -26.39 17.80
CA GLY B 345 39.16 -26.30 17.37
C GLY B 345 38.34 -27.57 17.61
N GLN B 346 38.99 -28.61 18.15
CA GLN B 346 38.39 -29.92 18.07
C GLN B 346 37.26 -30.01 19.07
N PRO B 347 37.40 -29.40 20.24
CA PRO B 347 36.27 -29.47 21.20
C PRO B 347 34.91 -28.92 20.65
N ALA B 348 35.00 -27.87 19.85
CA ALA B 348 33.80 -27.22 19.37
C ALA B 348 33.24 -28.02 18.26
N LEU B 349 34.11 -28.71 17.51
CA LEU B 349 33.58 -29.57 16.47
C LEU B 349 32.90 -30.82 17.06
N ASP B 350 33.44 -31.35 18.13
CA ASP B 350 32.80 -32.45 18.84
C ASP B 350 31.45 -32.03 19.49
N ALA B 351 31.45 -30.88 20.14
CA ALA B 351 30.23 -30.21 20.61
C ALA B 351 29.18 -30.05 19.53
N HIS B 352 29.56 -29.57 18.36
CA HIS B 352 28.65 -29.53 17.24
C HIS B 352 27.97 -30.90 16.92
N ALA B 353 28.76 -31.98 16.94
CA ALA B 353 28.21 -33.31 16.60
C ALA B 353 27.29 -33.86 17.66
N LYS B 354 27.69 -33.68 18.91
CA LYS B 354 26.84 -33.96 20.08
C LYS B 354 25.44 -33.27 20.04
N LEU B 355 25.46 -31.98 19.74
CA LEU B 355 24.23 -31.25 19.65
C LEU B 355 23.37 -31.85 18.53
N LEU B 356 23.98 -32.22 17.39
CA LEU B 356 23.23 -32.90 16.32
C LEU B 356 22.58 -34.24 16.77
N ASP B 357 23.35 -35.01 17.46
CA ASP B 357 22.83 -36.19 18.11
C ASP B 357 21.68 -35.98 19.12
N LEU B 358 21.77 -34.98 20.00
CA LEU B 358 20.64 -34.65 20.88
C LEU B 358 19.42 -34.30 20.09
N LEU B 359 19.58 -33.58 19.01
CA LEU B 359 18.47 -33.21 18.19
C LEU B 359 17.79 -34.43 17.58
N GLU B 360 18.57 -35.38 17.11
CA GLU B 360 17.98 -36.64 16.58
C GLU B 360 17.28 -37.46 17.66
N GLN B 361 17.83 -37.46 18.87
CA GLN B 361 17.16 -38.09 20.02
C GLN B 361 15.83 -37.41 20.23
N SER B 362 15.77 -36.09 20.29
CA SER B 362 14.48 -35.45 20.53
C SER B 362 13.56 -35.70 19.37
N LYS B 363 14.07 -35.69 18.14
CA LYS B 363 13.14 -35.86 17.01
C LYS B 363 12.50 -37.23 16.94
N ALA B 364 13.17 -38.26 17.45
CA ALA B 364 12.66 -39.64 17.37
C ALA B 364 11.30 -39.78 18.11
N THR B 365 11.03 -38.90 19.08
CA THR B 365 9.75 -38.94 19.78
C THR B 365 8.94 -37.70 19.71
N ARG B 366 9.20 -36.87 18.73
CA ARG B 366 8.65 -35.53 18.76
C ARG B 366 7.12 -35.51 18.72
N ASP B 367 6.50 -36.39 17.94
CA ASP B 367 5.04 -36.49 17.86
C ASP B 367 4.42 -37.00 19.15
N ARG B 368 5.00 -38.08 19.70
CA ARG B 368 4.52 -38.60 20.95
C ARG B 368 4.54 -37.42 21.95
N ASP B 369 5.66 -36.70 22.02
CA ASP B 369 5.91 -35.85 23.18
C ASP B 369 4.97 -34.66 23.10
N LEU B 370 4.75 -34.17 21.90
CA LEU B 370 3.91 -33.02 21.74
C LEU B 370 2.44 -33.38 21.98
N THR B 371 2.02 -34.54 21.49
CA THR B 371 0.63 -34.95 21.63
C THR B 371 0.26 -35.18 23.10
N LEU B 372 1.13 -35.90 23.79
CA LEU B 372 0.92 -36.19 25.21
C LEU B 372 0.95 -34.90 26.03
N ALA B 373 1.88 -34.00 25.71
CA ALA B 373 1.95 -32.73 26.45
C ALA B 373 0.71 -31.84 26.21
N LEU B 374 0.16 -31.84 24.99
CA LEU B 374 -0.97 -31.02 24.75
C LEU B 374 -2.23 -31.65 25.27
N PHE B 375 -2.39 -32.97 25.16
CA PHE B 375 -3.47 -33.69 25.86
C PHE B 375 -3.52 -33.39 27.36
N ASN B 376 -2.39 -33.56 28.00
CA ASN B 376 -2.27 -33.31 29.43
C ASN B 376 -2.43 -31.86 29.84
N ASN B 377 -2.38 -30.97 28.88
CA ASN B 377 -2.54 -29.55 29.16
C ASN B 377 -3.98 -29.09 29.05
N THR B 378 -4.90 -29.97 28.62
CA THR B 378 -6.32 -29.64 28.75
C THR B 378 -6.66 -29.46 30.25
N ALA B 379 -7.78 -28.85 30.55
CA ALA B 379 -7.96 -28.22 31.87
C ALA B 379 -7.97 -29.24 33.02
N MSE B 380 -8.79 -30.27 32.89
CA MSE B 380 -8.95 -31.23 33.97
C MSE B 380 -7.71 -32.15 34.10
O MSE B 380 -7.35 -32.55 35.20
CB MSE B 380 -10.19 -32.14 33.80
CG MSE B 380 -11.52 -31.40 33.76
SE MSE B 380 -11.87 -30.47 35.48
CE MSE B 380 -11.12 -28.67 35.38
N LEU B 381 -7.11 -32.56 32.97
CA LEU B 381 -5.91 -33.41 33.06
C LEU B 381 -4.70 -32.67 33.54
N GLY B 382 -4.62 -31.37 33.18
CA GLY B 382 -3.57 -30.50 33.64
C GLY B 382 -3.60 -30.32 35.13
N SER B 383 -4.82 -30.12 35.63
CA SER B 383 -5.07 -29.88 37.01
C SER B 383 -4.75 -31.14 37.82
N ALA B 384 -5.32 -32.29 37.38
CA ALA B 384 -5.04 -33.54 38.09
C ALA B 384 -3.55 -33.89 38.12
N THR B 385 -2.86 -33.77 36.98
CA THR B 385 -1.44 -34.18 36.97
C THR B 385 -0.59 -33.21 37.77
N GLN B 386 -0.87 -31.95 37.65
CA GLN B 386 -0.13 -31.00 38.46
C GLN B 386 -0.34 -31.22 39.98
N LEU B 387 -1.60 -31.38 40.37
CA LEU B 387 -1.91 -31.57 41.81
C LEU B 387 -1.38 -32.89 42.32
N TYR B 388 -1.45 -33.94 41.53
CA TYR B 388 -0.78 -35.17 41.96
C TYR B 388 0.75 -34.98 42.02
N ARG B 389 1.34 -34.32 40.99
CA ARG B 389 2.80 -34.12 41.04
C ARG B 389 3.17 -33.41 42.36
N LEU B 390 2.41 -32.40 42.76
CA LEU B 390 2.76 -31.64 43.93
C LEU B 390 2.75 -32.49 45.18
N SER B 391 1.79 -33.41 45.26
CA SER B 391 1.69 -34.30 46.42
C SER B 391 2.90 -35.20 46.49
N ILE B 392 3.42 -35.57 45.33
CA ILE B 392 4.60 -36.38 45.29
C ILE B 392 5.79 -35.59 45.79
N GLU B 393 5.96 -34.35 45.31
CA GLU B 393 7.07 -33.49 45.73
C GLU B 393 6.98 -33.13 47.25
N ARG B 394 5.77 -32.94 47.77
CA ARG B 394 5.55 -32.55 49.20
C ARG B 394 6.12 -33.59 50.12
N GLU B 395 6.25 -34.81 49.66
CA GLU B 395 6.92 -35.83 50.47
C GLU B 395 8.41 -35.72 50.64
N LYS B 396 9.06 -34.85 49.90
CA LYS B 396 10.48 -34.61 50.11
C LYS B 396 10.71 -33.34 50.90
N PRO B 397 11.87 -33.25 51.55
CA PRO B 397 12.37 -31.94 52.02
C PRO B 397 12.23 -30.84 50.97
N ASN B 398 11.83 -29.64 51.35
CA ASN B 398 11.65 -28.54 50.38
C ASN B 398 12.85 -28.32 49.49
N ALA B 399 14.03 -28.33 50.08
CA ALA B 399 15.25 -28.16 49.33
C ALA B 399 15.35 -29.11 48.11
N GLU B 400 14.71 -30.26 48.18
CA GLU B 400 14.83 -31.24 47.13
C GLU B 400 13.62 -31.32 46.22
N ARG B 401 12.63 -30.46 46.42
CA ARG B 401 11.45 -30.46 45.59
C ARG B 401 11.75 -29.82 44.26
N GLU B 402 11.13 -30.30 43.19
CA GLU B 402 11.31 -29.73 41.87
C GLU B 402 10.89 -28.27 41.84
N SER B 403 11.70 -27.49 41.12
CA SER B 403 11.37 -26.12 40.79
C SER B 403 9.97 -26.10 40.19
N GLY B 404 9.14 -25.22 40.74
CA GLY B 404 7.74 -25.20 40.41
C GLY B 404 6.90 -25.82 41.51
N TYR B 405 7.52 -26.56 42.42
CA TYR B 405 6.75 -27.35 43.39
C TYR B 405 7.29 -27.11 44.80
N GLN B 406 8.12 -26.09 44.99
CA GLN B 406 8.60 -25.65 46.31
C GLN B 406 7.63 -24.71 47.02
N GLU B 407 7.81 -24.61 48.33
CA GLU B 407 7.10 -23.61 49.16
C GLU B 407 6.92 -22.31 48.44
N ARG B 408 8.02 -21.80 47.89
CA ARG B 408 7.98 -20.48 47.24
C ARG B 408 7.09 -20.44 46.04
N ASP B 409 6.71 -21.60 45.51
CA ASP B 409 5.89 -21.67 44.31
C ASP B 409 4.41 -21.81 44.61
N LEU B 410 4.09 -22.29 45.79
CA LEU B 410 2.71 -22.54 46.23
C LEU B 410 1.63 -21.47 45.95
N PRO B 411 1.92 -20.18 46.16
CA PRO B 411 0.88 -19.19 45.81
C PRO B 411 0.62 -19.14 44.34
N ALA B 412 1.68 -19.21 43.56
CA ALA B 412 1.53 -19.22 42.13
C ALA B 412 0.68 -20.42 41.68
N ILE B 413 0.85 -21.57 42.32
CA ILE B 413 0.06 -22.74 41.98
C ILE B 413 -1.40 -22.47 42.35
N GLU B 414 -1.63 -21.98 43.58
CA GLU B 414 -3.00 -21.66 44.09
C GLU B 414 -3.69 -20.57 43.30
N GLY B 415 -2.95 -19.53 42.96
CA GLY B 415 -3.32 -18.64 41.88
C GLY B 415 -3.91 -19.38 40.71
N GLY B 416 -3.09 -20.26 40.11
CA GLY B 416 -3.47 -20.85 38.85
C GLY B 416 -4.76 -21.63 39.07
N LEU B 417 -4.89 -22.34 40.18
CA LEU B 417 -6.02 -23.25 40.21
C LEU B 417 -7.34 -22.52 40.44
N LYS B 418 -7.26 -21.35 41.07
CA LYS B 418 -8.42 -20.49 41.21
C LYS B 418 -8.75 -19.91 39.84
N GLN B 419 -7.74 -19.35 39.18
CA GLN B 419 -7.98 -18.64 37.92
C GLN B 419 -8.53 -19.57 36.82
N LEU B 420 -8.34 -20.88 36.96
CA LEU B 420 -8.87 -21.80 35.94
C LEU B 420 -10.38 -21.66 35.79
N GLU B 421 -11.06 -21.23 36.84
CA GLU B 421 -12.51 -21.09 36.78
C GLU B 421 -12.89 -20.16 35.63
N ARG B 422 -12.12 -19.07 35.45
CA ARG B 422 -12.40 -18.08 34.44
C ARG B 422 -12.24 -18.61 33.03
N ARG B 423 -11.65 -19.77 32.85
CA ARG B 423 -11.40 -20.19 31.48
C ARG B 423 -11.76 -21.63 31.18
N TYR B 424 -12.75 -22.18 31.87
CA TYR B 424 -13.10 -23.59 31.74
C TYR B 424 -14.59 -23.73 31.56
N VAL B 425 -15.02 -24.53 30.58
CA VAL B 425 -16.36 -24.99 30.52
C VAL B 425 -16.35 -26.45 30.05
N ALA B 426 -17.05 -27.29 30.78
CA ALA B 426 -16.88 -28.73 30.59
C ALA B 426 -17.08 -29.18 29.15
N ALA B 427 -18.05 -28.61 28.44
CA ALA B 427 -18.39 -29.15 27.13
C ALA B 427 -17.35 -28.71 26.07
N MSE B 428 -16.70 -27.59 26.29
CA MSE B 428 -15.59 -27.15 25.47
C MSE B 428 -14.37 -27.99 25.76
O MSE B 428 -13.73 -28.51 24.86
CB MSE B 428 -15.33 -25.70 25.84
CG MSE B 428 -14.39 -24.98 24.84
SE MSE B 428 -15.04 -25.10 22.99
CE MSE B 428 -13.86 -26.44 22.14
N ASP B 429 -14.06 -28.14 27.04
CA ASP B 429 -12.91 -28.92 27.42
C ASP B 429 -13.03 -30.36 26.94
N ARG B 430 -14.25 -30.92 26.93
CA ARG B 430 -14.46 -32.24 26.36
C ARG B 430 -14.07 -32.34 24.88
N GLN B 431 -14.36 -31.27 24.12
CA GLN B 431 -14.10 -31.28 22.68
C GLN B 431 -12.58 -31.25 22.50
N LEU B 432 -11.90 -30.64 23.44
CA LEU B 432 -10.46 -30.50 23.35
C LEU B 432 -9.82 -31.82 23.71
N GLN B 433 -10.38 -32.48 24.75
CA GLN B 433 -9.88 -33.81 25.09
C GLN B 433 -10.05 -34.74 23.92
N GLU B 434 -11.18 -34.59 23.25
CA GLU B 434 -11.49 -35.45 22.13
C GLU B 434 -10.54 -35.19 20.98
N TYR B 435 -10.24 -33.93 20.68
CA TYR B 435 -9.29 -33.65 19.62
C TYR B 435 -7.97 -34.35 19.91
N TRP B 436 -7.43 -34.09 21.06
CA TRP B 436 -6.15 -34.67 21.39
C TRP B 436 -6.12 -36.18 21.44
N LEU B 437 -7.19 -36.83 21.91
CA LEU B 437 -7.15 -38.29 21.92
C LEU B 437 -7.20 -38.82 20.47
N ASN B 438 -7.99 -38.14 19.62
CA ASN B 438 -8.02 -38.51 18.23
C ASN B 438 -6.66 -38.37 17.60
N GLU B 439 -5.92 -37.32 17.95
CA GLU B 439 -4.51 -37.24 17.51
C GLU B 439 -3.71 -38.40 18.07
N TYR B 440 -3.90 -38.72 19.34
CA TYR B 440 -3.14 -39.78 19.95
C TYR B 440 -3.25 -41.12 19.22
N ILE B 441 -4.48 -41.58 18.93
CA ILE B 441 -4.64 -42.92 18.32
C ILE B 441 -4.25 -42.90 16.85
N LYS B 442 -4.13 -41.74 16.24
CA LYS B 442 -3.48 -41.63 14.94
C LYS B 442 -1.96 -41.73 14.96
N LEU B 443 -1.33 -41.74 16.13
CA LEU B 443 0.11 -41.86 16.19
C LEU B 443 0.53 -43.19 15.61
N PRO B 444 1.68 -43.23 14.90
CA PRO B 444 2.43 -44.47 14.67
C PRO B 444 2.51 -45.31 15.93
N ALA B 445 2.44 -46.61 15.79
CA ALA B 445 2.60 -47.53 16.89
C ALA B 445 3.89 -47.28 17.70
N ASP B 446 4.99 -46.93 17.07
CA ASP B 446 6.19 -46.73 17.90
C ASP B 446 6.30 -45.39 18.61
N GLN B 447 5.34 -44.50 18.41
CA GLN B 447 5.21 -43.27 19.19
C GLN B 447 4.11 -43.32 20.25
N ARG B 448 3.71 -44.50 20.68
CA ARG B 448 2.64 -44.65 21.67
C ARG B 448 3.21 -44.72 23.03
N VAL B 449 2.32 -44.65 24.04
CA VAL B 449 2.68 -44.63 25.46
C VAL B 449 1.92 -45.80 26.09
N ALA B 450 2.61 -46.81 26.60
CA ALA B 450 1.96 -48.00 27.08
C ALA B 450 0.85 -47.71 28.12
N ALA B 451 1.14 -46.81 29.04
CA ALA B 451 0.20 -46.43 30.07
C ALA B 451 -1.07 -45.80 29.46
N VAL B 452 -0.97 -44.95 28.44
CA VAL B 452 -2.19 -44.40 27.85
C VAL B 452 -2.95 -45.46 27.07
N ASP B 453 -2.20 -46.31 26.36
CA ASP B 453 -2.80 -47.45 25.68
C ASP B 453 -3.56 -48.34 26.62
N ALA B 454 -3.01 -48.66 27.79
CA ALA B 454 -3.77 -49.52 28.72
C ALA B 454 -4.99 -48.79 29.27
N TRP B 455 -4.85 -47.51 29.59
CA TRP B 455 -5.99 -46.77 30.11
C TRP B 455 -7.16 -46.64 29.08
N LEU B 456 -6.82 -46.48 27.82
CA LEU B 456 -7.80 -46.46 26.73
C LEU B 456 -8.44 -47.79 26.50
N GLY B 457 -7.65 -48.83 26.60
CA GLY B 457 -8.14 -50.18 26.34
C GLY B 457 -8.34 -50.53 24.87
N GLY B 458 -7.71 -49.77 23.99
CA GLY B 458 -7.96 -49.96 22.58
C GLY B 458 -7.43 -48.73 21.88
N ASN B 459 -7.53 -48.74 20.57
CA ASN B 459 -6.85 -47.73 19.78
C ASN B 459 -7.74 -47.24 18.69
N ASP B 460 -9.01 -46.99 19.02
CA ASP B 460 -10.00 -46.65 18.08
C ASP B 460 -10.95 -45.64 18.64
N ALA B 461 -11.88 -45.21 17.77
CA ALA B 461 -12.88 -44.21 18.12
C ALA B 461 -13.74 -44.64 19.35
N ALA B 462 -14.02 -45.93 19.44
CA ALA B 462 -14.83 -46.49 20.53
C ALA B 462 -14.12 -46.24 21.86
N ALA B 463 -12.84 -46.52 21.87
CA ALA B 463 -12.06 -46.34 23.10
C ALA B 463 -11.97 -44.87 23.44
N VAL B 464 -11.87 -44.05 22.40
CA VAL B 464 -11.89 -42.62 22.64
C VAL B 464 -13.20 -42.18 23.32
N LYS B 465 -14.32 -42.64 22.78
CA LYS B 465 -15.59 -42.20 23.35
C LYS B 465 -15.72 -42.69 24.78
N ARG B 466 -15.28 -43.89 25.08
CA ARG B 466 -15.33 -44.39 26.48
C ARG B 466 -14.53 -43.51 27.43
N ALA B 467 -13.31 -43.14 27.02
CA ALA B 467 -12.45 -42.27 27.83
C ALA B 467 -13.11 -40.95 28.11
N LEU B 468 -13.76 -40.34 27.12
CA LEU B 468 -14.39 -39.02 27.34
C LEU B 468 -15.55 -39.12 28.35
N ASP B 469 -16.28 -40.20 28.20
CA ASP B 469 -17.41 -40.52 29.13
C ASP B 469 -16.82 -40.70 30.52
N ARG B 470 -15.73 -41.48 30.62
CA ARG B 470 -15.07 -41.70 31.94
C ARG B 470 -14.63 -40.41 32.59
N LEU B 471 -13.91 -39.61 31.83
CA LEU B 471 -13.39 -38.32 32.29
C LEU B 471 -14.44 -37.29 32.70
N ALA B 472 -15.59 -37.31 32.04
CA ALA B 472 -16.70 -36.42 32.35
C ALA B 472 -17.20 -36.52 33.81
N GLY B 473 -16.99 -37.65 34.47
CA GLY B 473 -17.30 -37.76 35.90
C GLY B 473 -16.38 -37.06 36.88
N THR B 474 -15.27 -36.52 36.44
CA THR B 474 -14.44 -35.78 37.39
C THR B 474 -15.20 -34.66 38.14
N LYS B 475 -14.72 -34.41 39.34
CA LYS B 475 -15.19 -33.30 40.19
C LYS B 475 -14.29 -32.08 40.13
N LEU B 476 -13.18 -32.17 39.38
CA LEU B 476 -12.19 -31.07 39.39
C LEU B 476 -12.65 -29.81 38.65
N GLY B 477 -13.82 -29.89 38.01
CA GLY B 477 -14.52 -28.71 37.56
C GLY B 477 -14.76 -27.59 38.56
N SER B 478 -14.94 -27.92 39.84
CA SER B 478 -15.11 -26.90 40.84
C SER B 478 -13.83 -26.43 41.52
N THR B 479 -13.77 -25.12 41.72
CA THR B 479 -12.66 -24.50 42.42
C THR B 479 -12.47 -25.13 43.78
N GLU B 480 -13.58 -25.34 44.48
CA GLU B 480 -13.58 -25.92 45.82
C GLU B 480 -12.90 -27.28 45.80
N GLU B 481 -13.28 -28.12 44.84
CA GLU B 481 -12.72 -29.47 44.79
C GLU B 481 -11.18 -29.46 44.43
N ARG B 482 -10.73 -28.52 43.60
CA ARG B 482 -9.29 -28.39 43.30
C ARG B 482 -8.49 -27.99 44.52
N LEU B 483 -9.09 -27.18 45.41
CA LEU B 483 -8.37 -26.70 46.57
C LEU B 483 -8.26 -27.78 47.58
N LYS B 484 -9.26 -28.67 47.64
CA LYS B 484 -9.11 -29.86 48.49
C LYS B 484 -7.85 -30.64 48.09
N TRP B 485 -7.72 -30.95 46.79
CA TRP B 485 -6.55 -31.72 46.26
C TRP B 485 -5.21 -30.99 46.39
N PHE B 486 -5.27 -29.68 46.27
CA PHE B 486 -4.16 -28.86 46.67
C PHE B 486 -3.53 -29.29 48.01
N ALA B 487 -4.39 -29.68 48.96
CA ALA B 487 -3.95 -29.96 50.29
C ALA B 487 -3.76 -31.46 50.56
N ALA B 488 -4.05 -32.32 49.58
CA ALA B 488 -4.24 -33.76 49.85
C ALA B 488 -2.89 -34.49 49.83
N ASP B 489 -2.81 -35.57 50.58
CA ASP B 489 -1.69 -36.54 50.51
C ASP B 489 -1.70 -37.33 49.20
N ARG B 490 -0.55 -37.82 48.78
CA ARG B 490 -0.49 -38.70 47.60
C ARG B 490 -1.26 -40.00 47.72
N LYS B 491 -1.34 -40.55 48.95
CA LYS B 491 -2.20 -41.69 49.25
C LYS B 491 -3.64 -41.38 48.94
N ALA B 492 -4.07 -40.16 49.24
CA ALA B 492 -5.41 -39.80 48.93
C ALA B 492 -5.59 -39.88 47.43
N PHE B 493 -4.59 -39.43 46.66
CA PHE B 493 -4.74 -39.31 45.18
C PHE B 493 -4.88 -40.71 44.64
N GLU B 494 -4.00 -41.56 45.16
CA GLU B 494 -3.90 -42.93 44.71
C GLU B 494 -5.12 -43.77 45.14
N ALA B 495 -5.84 -43.40 46.20
CA ALA B 495 -7.15 -44.06 46.51
C ALA B 495 -8.40 -43.48 45.78
N SER B 496 -8.21 -42.38 45.04
CA SER B 496 -9.36 -41.62 44.53
C SER B 496 -10.05 -42.36 43.38
N ASN B 497 -11.37 -42.30 43.33
CA ASN B 497 -12.09 -42.83 42.17
C ASN B 497 -12.42 -41.74 41.19
N ASP B 498 -11.95 -40.51 41.44
CA ASP B 498 -12.14 -39.44 40.47
C ASP B 498 -11.40 -39.77 39.15
N PRO B 499 -12.11 -39.78 38.01
CA PRO B 499 -11.42 -40.35 36.87
C PRO B 499 -10.25 -39.52 36.35
N ALA B 500 -10.29 -38.20 36.46
CA ALA B 500 -9.14 -37.35 36.08
C ALA B 500 -7.91 -37.65 36.95
N ILE B 501 -8.18 -37.91 38.22
CA ILE B 501 -7.13 -38.29 39.15
C ILE B 501 -6.57 -39.63 38.79
N GLN B 502 -7.47 -40.54 38.44
CA GLN B 502 -7.08 -41.88 38.08
C GLN B 502 -6.15 -41.86 36.88
N TYR B 503 -6.51 -41.04 35.89
CA TYR B 503 -5.67 -40.83 34.73
C TYR B 503 -4.30 -40.35 35.17
N ALA B 504 -4.23 -39.36 36.07
CA ALA B 504 -2.94 -38.77 36.46
C ALA B 504 -2.04 -39.77 37.15
N VAL B 505 -2.66 -40.57 38.02
CA VAL B 505 -1.99 -41.57 38.78
C VAL B 505 -1.54 -42.67 37.83
N ALA B 506 -2.37 -43.04 36.85
CA ALA B 506 -1.89 -44.04 35.89
C ALA B 506 -0.70 -43.56 35.04
N VAL B 507 -0.71 -42.32 34.60
CA VAL B 507 0.37 -41.82 33.73
C VAL B 507 1.62 -41.26 34.41
N MSE B 508 1.59 -40.96 35.69
CA MSE B 508 2.68 -40.16 36.29
C MSE B 508 4.02 -40.84 36.17
O MSE B 508 5.02 -40.18 35.92
CB MSE B 508 2.37 -39.82 37.74
CG MSE B 508 3.49 -39.03 38.45
SE MSE B 508 3.67 -37.27 37.57
CE MSE B 508 1.91 -36.42 37.77
N PRO B 509 4.10 -42.14 36.35
CA PRO B 509 5.40 -42.78 36.20
C PRO B 509 6.05 -42.56 34.83
N THR B 510 5.23 -42.63 33.80
CA THR B 510 5.63 -42.23 32.46
C THR B 510 6.08 -40.80 32.32
N LEU B 511 5.31 -39.88 32.89
CA LEU B 511 5.67 -38.48 32.77
C LEU B 511 7.01 -38.25 33.46
N LEU B 512 7.27 -38.94 34.54
CA LEU B 512 8.53 -38.75 35.27
C LEU B 512 9.70 -39.38 34.52
N LYS B 513 9.45 -40.48 33.83
CA LYS B 513 10.45 -41.05 32.93
C LYS B 513 10.78 -40.09 31.77
N LEU B 514 9.76 -39.53 31.11
CA LEU B 514 10.00 -38.55 30.03
C LEU B 514 10.70 -37.29 30.58
N GLU B 515 10.35 -36.85 31.78
CA GLU B 515 11.03 -35.75 32.38
C GLU B 515 12.50 -36.10 32.54
N GLN B 516 12.77 -37.34 32.97
CA GLN B 516 14.15 -37.75 33.21
C GLN B 516 14.96 -37.81 31.92
N GLU B 517 14.33 -38.27 30.83
CA GLU B 517 14.95 -38.21 29.52
C GLU B 517 15.30 -36.78 29.06
N ARG B 518 14.37 -35.84 29.25
CA ARG B 518 14.58 -34.44 28.93
C ARG B 518 15.77 -33.90 29.72
N LYS B 519 15.83 -34.21 30.99
CA LYS B 519 16.85 -33.67 31.84
C LYS B 519 18.23 -34.26 31.49
N THR B 520 18.25 -35.52 31.10
CA THR B 520 19.46 -36.17 30.62
C THR B 520 19.99 -35.47 29.36
N ARG B 521 19.12 -35.30 28.38
CA ARG B 521 19.46 -34.46 27.25
C ARG B 521 19.96 -33.06 27.62
N ALA B 522 19.28 -32.38 28.55
CA ALA B 522 19.68 -31.04 28.91
C ALA B 522 21.03 -31.10 29.56
N GLY B 523 21.33 -32.20 30.23
CA GLY B 523 22.66 -32.38 30.84
C GLY B 523 23.79 -32.49 29.85
N GLU B 524 23.51 -33.10 28.70
CA GLU B 524 24.45 -33.13 27.60
C GLU B 524 24.62 -31.76 26.92
N ASN B 525 23.49 -31.10 26.70
CA ASN B 525 23.47 -29.78 26.18
C ASN B 525 24.25 -28.80 27.02
N LEU B 526 24.24 -29.01 28.31
CA LEU B 526 24.96 -28.19 29.24
C LEU B 526 26.46 -28.26 28.99
N ALA B 527 26.97 -29.41 28.57
CA ALA B 527 28.35 -29.53 28.22
C ALA B 527 28.64 -29.00 26.82
N ALA B 528 27.86 -29.43 25.83
CA ALA B 528 28.18 -29.10 24.45
C ALA B 528 27.84 -27.64 24.05
N ARG B 529 26.69 -27.14 24.49
CA ARG B 529 26.22 -25.84 23.99
C ARG B 529 27.18 -24.73 24.33
N PRO B 530 27.66 -24.65 25.58
CA PRO B 530 28.51 -23.47 25.73
C PRO B 530 29.82 -23.54 24.95
N VAL B 531 30.33 -24.73 24.70
CA VAL B 531 31.58 -24.81 23.94
C VAL B 531 31.36 -24.37 22.52
N TYR B 532 30.29 -24.82 21.94
CA TYR B 532 29.97 -24.41 20.58
C TYR B 532 29.66 -22.92 20.44
N LEU B 533 28.84 -22.39 21.33
CA LEU B 533 28.59 -20.93 21.34
C LEU B 533 29.84 -20.08 21.52
N GLN B 534 30.76 -20.51 22.38
CA GLN B 534 32.04 -19.79 22.56
C GLN B 534 32.86 -19.81 21.25
N ALA B 535 32.85 -20.94 20.55
CA ALA B 535 33.44 -21.02 19.23
C ALA B 535 32.76 -20.07 18.26
N LEU B 536 31.43 -19.94 18.31
CA LEU B 536 30.76 -19.03 17.36
C LEU B 536 31.19 -17.60 17.69
N ALA B 537 31.29 -17.28 19.00
CA ALA B 537 31.76 -15.96 19.44
C ALA B 537 33.19 -15.66 18.93
N ASP B 538 34.12 -16.58 19.13
CA ASP B 538 35.49 -16.39 18.66
C ASP B 538 35.56 -16.19 17.14
N TYR B 539 34.74 -16.94 16.43
CA TYR B 539 34.71 -16.84 15.00
C TYR B 539 34.23 -15.46 14.62
N LYS B 540 33.13 -15.04 15.22
CA LYS B 540 32.56 -13.77 14.91
C LYS B 540 33.54 -12.68 15.21
N LYS B 541 34.25 -12.81 16.32
CA LYS B 541 35.26 -11.82 16.65
C LYS B 541 36.45 -11.80 15.71
N SER B 542 36.91 -12.97 15.25
CA SER B 542 38.01 -13.06 14.25
C SER B 542 37.59 -12.33 12.99
N GLN B 543 36.27 -12.18 12.77
CA GLN B 543 35.77 -11.48 11.59
C GLN B 543 35.45 -10.03 11.92
N GLY B 544 35.87 -9.53 13.08
CA GLY B 544 35.67 -8.14 13.49
C GLY B 544 34.30 -7.78 14.10
N GLU B 545 33.50 -8.75 14.53
CA GLU B 545 32.15 -8.46 14.93
C GLU B 545 32.00 -8.62 16.42
N PHE B 546 31.08 -7.85 17.01
CA PHE B 546 30.73 -7.96 18.42
C PHE B 546 29.56 -8.95 18.58
N VAL B 547 29.43 -9.52 19.75
CA VAL B 547 28.59 -10.66 19.92
C VAL B 547 27.64 -10.36 21.08
N TYR B 548 26.43 -10.86 21.03
CA TYR B 548 25.51 -10.72 22.14
C TYR B 548 24.82 -12.05 22.39
N PRO B 549 24.36 -12.31 23.62
CA PRO B 549 23.70 -13.60 23.89
C PRO B 549 22.21 -13.58 23.50
N ASP B 550 21.66 -14.73 23.20
CA ASP B 550 20.27 -14.82 22.98
C ASP B 550 19.59 -14.26 24.22
N ALA B 551 18.39 -13.74 23.97
CA ALA B 551 17.47 -13.32 25.05
C ALA B 551 17.24 -14.47 26.03
N ASN B 552 17.13 -14.09 27.29
CA ASN B 552 16.84 -15.02 28.35
C ASN B 552 16.03 -14.43 29.52
N LEU B 553 15.21 -13.44 29.20
CA LEU B 553 14.41 -12.72 30.21
C LEU B 553 15.14 -11.67 31.03
N SER B 554 16.45 -11.54 30.89
CA SER B 554 17.19 -10.55 31.65
C SER B 554 17.12 -9.22 30.90
N LEU B 555 17.41 -8.15 31.63
CA LEU B 555 17.47 -6.80 31.10
C LEU B 555 18.48 -6.67 29.94
N ARG B 556 18.03 -6.14 28.81
CA ARG B 556 18.90 -5.83 27.67
C ARG B 556 18.65 -4.46 27.14
N ILE B 557 19.70 -3.87 26.54
CA ILE B 557 19.60 -2.62 25.79
C ILE B 557 19.78 -2.94 24.30
N THR B 558 18.88 -2.37 23.52
CA THR B 558 18.98 -2.29 22.06
C THR B 558 18.94 -0.83 21.65
N PHE B 559 19.74 -0.48 20.64
CA PHE B 559 19.88 0.90 20.24
C PHE B 559 19.93 0.99 18.74
N GLY B 560 19.70 2.22 18.25
CA GLY B 560 19.49 2.44 16.82
C GLY B 560 19.02 3.85 16.60
N ASN B 561 18.29 4.07 15.52
CA ASN B 561 17.85 5.36 15.16
C ASN B 561 16.44 5.34 14.65
N VAL B 562 15.80 6.50 14.73
CA VAL B 562 14.46 6.65 14.16
C VAL B 562 14.55 6.58 12.65
N MSE B 563 13.77 5.69 12.04
CA MSE B 563 13.84 5.48 10.57
C MSE B 563 12.72 4.62 10.07
O MSE B 563 12.27 3.64 10.71
CB MSE B 563 15.16 4.79 10.11
CG MSE B 563 15.36 3.39 10.63
SE MSE B 563 17.08 2.64 9.93
CE MSE B 563 18.16 3.69 11.09
N GLY B 564 12.27 4.95 8.86
CA GLY B 564 11.29 4.13 8.20
C GLY B 564 11.91 2.98 7.44
N TYR B 565 11.20 2.45 6.45
CA TYR B 565 11.74 1.34 5.69
C TYR B 565 11.03 1.31 4.40
N ALA B 566 11.66 0.64 3.43
CA ALA B 566 11.10 0.62 2.10
C ALA B 566 10.92 -0.79 1.62
N PRO B 567 9.74 -1.30 1.67
CA PRO B 567 9.62 -2.66 1.21
C PRO B 567 9.54 -2.92 -0.34
N LYS B 568 9.29 -1.89 -1.17
CA LYS B 568 9.09 -2.06 -2.67
C LYS B 568 9.83 -0.84 -3.21
N ASP B 569 10.53 -0.97 -4.32
CA ASP B 569 10.92 0.19 -5.13
C ASP B 569 9.72 1.16 -5.39
N GLY B 570 9.99 2.43 -5.23
CA GLY B 570 9.05 3.46 -5.60
C GLY B 570 8.18 3.94 -4.43
N MSE B 571 8.49 3.45 -3.22
CA MSE B 571 7.71 3.77 -2.00
CA MSE B 571 7.75 3.79 -2.02
C MSE B 571 8.55 3.55 -0.75
O MSE B 571 9.56 2.85 -0.78
CB MSE B 571 6.28 3.21 -1.79
CB MSE B 571 6.50 2.98 -1.92
CG MSE B 571 5.83 1.76 -1.93
CG MSE B 571 6.81 1.52 -1.86
SE MSE B 571 4.20 1.39 -0.84
SE MSE B 571 7.24 0.96 -0.02
CE MSE B 571 5.22 2.13 0.72
CE MSE B 571 5.70 1.95 0.77
N GLU B 572 8.09 4.20 0.32
CA GLU B 572 8.73 4.21 1.65
C GLU B 572 7.63 4.37 2.67
N TYR B 573 7.77 3.64 3.78
CA TYR B 573 7.14 4.06 5.02
C TYR B 573 7.97 5.11 5.70
N THR B 574 7.27 6.18 6.08
CA THR B 574 7.86 7.29 6.75
C THR B 574 7.99 6.95 8.19
N PRO B 575 8.97 7.56 8.87
CA PRO B 575 9.24 7.20 10.23
C PRO B 575 8.09 7.54 11.22
N PHE B 576 7.38 8.64 11.02
CA PHE B 576 6.31 9.02 11.93
C PHE B 576 4.94 8.84 11.32
N THR B 577 3.95 8.59 12.18
CA THR B 577 2.56 8.92 11.83
C THR B 577 2.16 10.24 12.64
N THR B 578 0.98 10.79 12.29
CA THR B 578 0.52 12.07 12.77
C THR B 578 -0.90 12.04 13.21
N LEU B 579 -1.31 13.07 13.93
CA LEU B 579 -2.69 13.11 14.39
C LEU B 579 -3.75 13.00 13.27
N GLU B 580 -3.48 13.63 12.15
CA GLU B 580 -4.41 13.61 11.06
C GLU B 580 -4.63 12.24 10.48
N GLY B 581 -3.60 11.38 10.57
CA GLY B 581 -3.71 9.98 10.26
C GLY B 581 -4.65 9.17 11.14
N VAL B 582 -4.74 9.52 12.41
CA VAL B 582 -5.70 8.87 13.30
C VAL B 582 -7.11 9.09 12.75
N VAL B 583 -7.36 10.34 12.43
CA VAL B 583 -8.67 10.77 12.02
C VAL B 583 -9.05 10.27 10.63
N ALA B 584 -8.07 10.20 9.74
CA ALA B 584 -8.35 9.62 8.44
C ALA B 584 -8.78 8.16 8.50
N LYS B 585 -8.40 7.44 9.56
CA LYS B 585 -8.86 6.05 9.72
C LYS B 585 -10.24 5.92 10.40
N GLU B 586 -10.82 7.00 10.89
CA GLU B 586 -12.10 6.92 11.61
C GLU B 586 -13.23 6.31 10.75
N THR B 587 -13.98 5.36 11.33
CA THR B 587 -15.18 4.85 10.71
C THR B 587 -16.38 4.96 11.62
N GLY B 588 -16.19 5.36 12.88
CA GLY B 588 -17.28 5.35 13.82
C GLY B 588 -17.57 4.00 14.43
N GLN B 589 -16.82 2.99 14.03
CA GLN B 589 -17.08 1.64 14.50
C GLN B 589 -15.83 1.00 14.98
N ASP B 590 -16.01 0.12 15.95
CA ASP B 590 -14.91 -0.60 16.58
C ASP B 590 -14.18 -1.30 15.51
N PRO B 591 -12.83 -1.21 15.45
CA PRO B 591 -11.86 -0.58 16.36
C PRO B 591 -11.34 0.78 15.88
N PHE B 592 -12.09 1.43 15.00
CA PHE B 592 -11.63 2.65 14.43
C PHE B 592 -12.63 3.74 14.78
N ASP B 593 -12.84 3.86 16.08
CA ASP B 593 -13.75 4.79 16.70
C ASP B 593 -13.16 5.70 17.81
N SER B 594 -12.43 6.75 17.42
CA SER B 594 -11.70 7.57 18.39
C SER B 594 -12.68 8.34 19.26
N PRO B 595 -12.25 8.74 20.46
CA PRO B 595 -13.13 9.54 21.30
C PRO B 595 -13.48 10.82 20.58
N LYS B 596 -14.66 11.40 20.82
CA LYS B 596 -15.04 12.59 20.07
C LYS B 596 -14.11 13.73 20.41
N ALA B 597 -13.61 13.83 21.66
CA ALA B 597 -12.71 14.87 22.01
C ALA B 597 -11.41 14.80 21.15
N LEU B 598 -11.07 13.60 20.71
CA LEU B 598 -9.88 13.40 19.82
C LEU B 598 -10.23 13.99 18.43
N LEU B 599 -11.32 13.54 17.88
CA LEU B 599 -11.75 14.06 16.60
C LEU B 599 -11.91 15.58 16.63
N ASP B 600 -12.49 16.11 17.72
CA ASP B 600 -12.61 17.57 17.86
C ASP B 600 -11.29 18.32 17.95
N ALA B 601 -10.36 17.80 18.72
CA ALA B 601 -9.12 18.47 18.89
C ALA B 601 -8.32 18.46 17.58
N VAL B 602 -8.34 17.35 16.85
CA VAL B 602 -7.52 17.30 15.60
C VAL B 602 -8.14 18.28 14.57
N ALA B 603 -9.46 18.35 14.51
CA ALA B 603 -10.18 19.21 13.55
C ALA B 603 -9.90 20.67 13.86
N ALA B 604 -9.72 21.01 15.14
CA ALA B 604 -9.42 22.36 15.48
C ALA B 604 -7.95 22.58 15.52
N LYS B 605 -7.13 21.59 15.21
CA LYS B 605 -5.65 21.75 15.36
C LYS B 605 -5.20 22.21 16.74
N ARG B 606 -5.80 21.63 17.80
CA ARG B 606 -5.32 21.84 19.17
C ARG B 606 -4.13 20.89 19.41
N TYR B 607 -2.94 21.36 19.10
CA TYR B 607 -1.79 20.54 19.10
C TYR B 607 -1.15 20.70 20.48
N GLY B 608 -1.65 21.63 21.31
CA GLY B 608 -1.33 21.67 22.73
C GLY B 608 0.14 21.99 22.97
N GLY B 609 0.77 22.68 22.02
CA GLY B 609 2.19 23.00 22.16
C GLY B 609 3.14 21.84 21.92
N LEU B 610 2.60 20.70 21.52
CA LEU B 610 3.42 19.47 21.31
C LEU B 610 3.86 19.16 19.86
N GLU B 611 3.44 19.97 18.90
CA GLU B 611 3.71 19.71 17.48
C GLU B 611 5.21 19.70 17.14
N ASP B 612 5.60 18.86 16.24
CA ASP B 612 6.95 18.93 15.66
C ASP B 612 6.81 19.45 14.26
N LYS B 613 7.30 20.64 14.04
CA LYS B 613 7.10 21.32 12.74
C LYS B 613 7.72 20.51 11.60
N ARG B 614 8.65 19.59 11.90
CA ARG B 614 9.27 18.80 10.83
C ARG B 614 8.32 17.79 10.22
N ILE B 615 7.19 17.49 10.89
CA ILE B 615 6.26 16.58 10.38
C ILE B 615 4.89 17.22 10.28
N GLY B 616 4.80 18.49 10.69
CA GLY B 616 3.65 19.34 10.45
C GLY B 616 2.54 18.99 11.40
N SER B 617 2.81 18.35 12.54
CA SER B 617 1.72 17.87 13.43
C SER B 617 2.37 17.38 14.72
N VAL B 618 1.52 16.82 15.59
CA VAL B 618 1.93 16.08 16.81
C VAL B 618 2.16 14.62 16.36
N PRO B 619 3.36 14.07 16.64
CA PRO B 619 3.56 12.68 16.24
C PRO B 619 2.73 11.71 17.04
N VAL B 620 2.44 10.55 16.48
CA VAL B 620 1.63 9.55 17.10
C VAL B 620 2.43 8.27 17.44
N ASN B 621 2.80 7.53 16.41
CA ASN B 621 3.76 6.47 16.50
C ASN B 621 4.99 6.71 15.60
N TYR B 622 6.04 5.90 15.85
CA TYR B 622 7.19 5.93 15.04
C TYR B 622 7.90 4.60 14.93
N LEU B 623 8.69 4.48 13.87
CA LEU B 623 9.50 3.29 13.57
C LEU B 623 10.96 3.54 13.88
N SER B 624 11.65 2.47 14.20
CA SER B 624 13.05 2.49 14.37
C SER B 624 13.62 1.09 14.20
N ASP B 625 14.92 1.04 14.04
CA ASP B 625 15.63 -0.21 13.79
C ASP B 625 16.19 -0.87 15.03
N LEU B 626 15.40 -0.79 16.08
CA LEU B 626 15.71 -1.53 17.31
C LEU B 626 15.29 -2.96 17.25
N ASP B 627 15.89 -3.72 18.15
CA ASP B 627 15.81 -5.17 18.10
C ASP B 627 15.06 -5.67 19.36
N ILE B 628 13.75 -5.82 19.27
CA ILE B 628 12.93 -6.21 20.41
C ILE B 628 12.22 -7.51 20.12
N THR B 629 11.70 -8.12 21.16
CA THR B 629 10.86 -9.32 21.00
C THR B 629 9.87 -9.42 22.14
N GLY B 630 9.08 -10.50 22.18
CA GLY B 630 8.19 -10.83 23.27
C GLY B 630 8.86 -10.60 24.62
N GLY B 631 8.18 -9.85 25.50
CA GLY B 631 8.75 -9.32 26.75
C GLY B 631 9.08 -7.86 26.77
N ASN B 632 9.29 -7.27 25.58
CA ASN B 632 9.64 -5.90 25.46
C ASN B 632 8.37 -5.03 25.42
N ALA B 633 7.16 -5.55 25.35
CA ALA B 633 5.99 -4.65 25.40
C ALA B 633 6.11 -3.73 26.61
N GLY B 634 5.89 -2.45 26.43
CA GLY B 634 5.96 -1.54 27.57
C GLY B 634 7.30 -0.90 27.88
N SER B 635 8.37 -1.35 27.24
CA SER B 635 9.71 -0.80 27.43
C SER B 635 9.73 0.68 27.09
N PRO B 636 10.42 1.46 27.94
CA PRO B 636 10.70 2.84 27.65
C PRO B 636 11.70 2.99 26.51
N VAL B 637 11.40 3.94 25.64
CA VAL B 637 12.30 4.30 24.57
C VAL B 637 12.91 5.59 25.01
N LEU B 638 14.23 5.63 25.00
CA LEU B 638 15.01 6.75 25.45
C LEU B 638 15.81 7.37 24.33
N ASP B 639 16.04 8.68 24.45
CA ASP B 639 16.84 9.40 23.48
C ASP B 639 18.34 9.41 23.83
N ALA B 640 19.10 10.19 23.08
CA ALA B 640 20.55 10.26 23.30
C ALA B 640 20.96 10.66 24.70
N HIS B 641 20.08 11.32 25.43
CA HIS B 641 20.38 11.84 26.77
C HIS B 641 19.75 11.03 27.86
N GLY B 642 19.17 9.90 27.50
CA GLY B 642 18.49 9.04 28.44
C GLY B 642 17.11 9.55 28.85
N LYS B 643 16.52 10.46 28.10
CA LYS B 643 15.15 10.92 28.37
C LYS B 643 14.04 10.14 27.59
N LEU B 644 12.88 10.10 28.21
CA LEU B 644 11.78 9.34 27.68
C LEU B 644 11.18 9.98 26.42
N VAL B 645 11.20 9.27 25.31
CA VAL B 645 10.58 9.68 24.02
C VAL B 645 9.52 8.70 23.50
N GLY B 646 9.26 7.63 24.21
CA GLY B 646 8.30 6.68 23.74
C GLY B 646 8.20 5.43 24.58
N LEU B 647 7.24 4.59 24.20
CA LEU B 647 7.15 3.22 24.65
C LEU B 647 7.09 2.27 23.47
N ALA B 648 7.82 1.18 23.56
CA ALA B 648 7.70 0.08 22.65
C ALA B 648 6.33 -0.59 22.80
N PHE B 649 5.62 -0.85 21.71
CA PHE B 649 4.49 -1.70 21.82
C PHE B 649 4.25 -2.74 20.75
N ASP B 650 4.95 -2.70 19.62
CA ASP B 650 4.80 -3.75 18.59
C ASP B 650 6.01 -3.74 17.68
N GLY B 651 6.02 -4.62 16.72
CA GLY B 651 6.97 -4.55 15.62
C GLY B 651 6.23 -4.67 14.31
N ASN B 652 6.85 -4.26 13.20
CA ASN B 652 6.29 -4.64 11.90
C ASN B 652 6.36 -6.15 11.59
N TRP B 653 5.57 -6.56 10.62
CA TRP B 653 5.18 -7.95 10.42
C TRP B 653 6.38 -8.67 9.90
N GLU B 654 7.32 -7.91 9.40
CA GLU B 654 8.58 -8.48 8.93
C GLU B 654 9.39 -8.87 10.14
N SER B 655 8.80 -9.18 11.30
CA SER B 655 9.70 -9.46 12.42
C SER B 655 9.06 -9.79 13.80
N VAL B 656 9.04 -11.04 14.26
CA VAL B 656 8.60 -12.26 13.59
C VAL B 656 9.86 -12.96 13.16
N SER B 657 10.22 -13.01 11.89
CA SER B 657 11.38 -13.88 11.51
C SER B 657 12.66 -13.66 12.39
N SER B 658 12.51 -12.70 13.35
CA SER B 658 13.58 -11.96 14.03
C SER B 658 14.21 -12.91 14.98
N ASN B 659 13.35 -13.75 15.56
CA ASN B 659 13.78 -14.84 16.44
C ASN B 659 14.97 -15.60 15.91
N TRP B 660 14.96 -15.86 14.60
CA TRP B 660 16.00 -16.59 13.90
C TRP B 660 17.01 -15.65 13.26
N VAL B 661 16.55 -14.50 12.76
CA VAL B 661 17.42 -13.47 12.10
C VAL B 661 17.00 -12.02 12.36
N PHE B 662 17.92 -11.08 12.25
CA PHE B 662 17.52 -9.67 12.32
C PHE B 662 17.83 -9.12 10.91
N ASP B 663 16.81 -8.60 10.24
CA ASP B 663 16.92 -8.08 8.90
C ASP B 663 17.09 -6.59 9.02
N PRO B 664 18.32 -6.10 8.86
CA PRO B 664 18.60 -4.71 9.04
C PRO B 664 17.76 -3.79 8.15
N LYS B 665 17.31 -4.31 7.01
CA LYS B 665 16.59 -3.45 6.04
C LYS B 665 15.14 -3.29 6.48
N MSE B 666 14.53 -4.37 6.99
CA MSE B 666 13.07 -4.49 7.13
C MSE B 666 12.68 -4.56 8.62
O MSE B 666 11.60 -4.16 8.97
CB MSE B 666 12.53 -5.76 6.47
CG MSE B 666 12.95 -5.82 4.99
SE MSE B 666 11.91 -4.41 4.04
CE MSE B 666 10.32 -5.49 4.02
N THR B 667 13.52 -5.04 9.52
CA THR B 667 13.09 -5.11 10.94
C THR B 667 12.92 -3.76 11.64
N ARG B 668 11.72 -3.43 12.11
CA ARG B 668 11.46 -2.18 12.81
C ARG B 668 10.56 -2.39 14.07
N MSE B 669 10.91 -1.70 15.14
CA MSE B 669 10.03 -1.54 16.28
C MSE B 669 9.06 -0.46 16.00
O MSE B 669 9.42 0.53 15.37
CB MSE B 669 10.90 -1.11 17.46
CG MSE B 669 10.03 -0.59 18.63
SE MSE B 669 11.16 -0.24 20.21
CE MSE B 669 11.57 1.61 19.78
N ILE B 670 7.85 -0.59 16.52
CA ILE B 670 6.86 0.45 16.47
C ILE B 670 6.67 0.94 17.91
N ALA B 671 6.80 2.24 18.12
CA ALA B 671 6.61 2.85 19.43
C ALA B 671 5.55 3.94 19.40
N VAL B 672 5.00 4.25 20.54
CA VAL B 672 4.09 5.36 20.73
C VAL B 672 4.93 6.50 21.25
N ASP B 673 4.84 7.66 20.63
CA ASP B 673 5.72 8.78 20.99
C ASP B 673 5.27 9.39 22.33
N GLY B 674 6.23 9.78 23.14
CA GLY B 674 5.91 10.44 24.38
C GLY B 674 5.12 11.72 24.20
N ARG B 675 5.30 12.41 23.07
CA ARG B 675 4.42 13.52 22.79
C ARG B 675 2.92 13.14 22.68
N TYR B 676 2.65 11.98 22.15
CA TYR B 676 1.29 11.54 21.95
C TYR B 676 0.65 11.22 23.31
N LEU B 677 1.39 10.56 24.19
CA LEU B 677 0.95 10.40 25.57
C LEU B 677 0.57 11.72 26.18
N ARG B 678 1.48 12.69 26.10
CA ARG B 678 1.23 14.02 26.60
C ARG B 678 0.01 14.62 25.94
N TRP B 679 -0.11 14.39 24.65
CA TRP B 679 -1.20 15.02 23.90
C TRP B 679 -2.55 14.52 24.30
N ILE B 680 -2.68 13.22 24.42
CA ILE B 680 -3.90 12.60 24.87
C ILE B 680 -4.26 13.10 26.28
N MSE B 681 -3.26 13.20 27.15
CA MSE B 681 -3.46 13.62 28.54
C MSE B 681 -3.79 15.10 28.71
O MSE B 681 -4.29 15.51 29.75
CB MSE B 681 -2.24 13.13 29.38
CG MSE B 681 -2.24 11.62 29.46
SE MSE B 681 -0.44 11.05 30.18
CE MSE B 681 -1.02 11.11 32.02
N GLN B 682 -3.52 15.91 27.69
CA GLN B 682 -3.82 17.31 27.68
C GLN B 682 -5.16 17.57 27.01
N GLU B 683 -5.43 16.92 25.87
CA GLU B 683 -6.42 17.44 24.93
C GLU B 683 -7.56 16.52 24.71
N VAL B 684 -7.44 15.26 25.18
CA VAL B 684 -8.39 14.24 24.85
C VAL B 684 -9.02 13.62 26.11
N TYR B 685 -8.24 12.97 26.96
CA TYR B 685 -8.70 12.33 28.18
C TYR B 685 -7.78 12.81 29.31
N PRO B 686 -8.12 13.95 29.92
CA PRO B 686 -7.24 14.80 30.64
C PRO B 686 -6.78 14.20 31.99
N ALA B 687 -5.50 14.37 32.26
CA ALA B 687 -4.92 14.02 33.55
C ALA B 687 -3.93 15.09 33.95
N PRO B 688 -4.41 16.31 34.16
CA PRO B 688 -3.51 17.42 34.50
C PRO B 688 -2.69 17.10 35.75
N GLN B 689 -3.20 16.32 36.73
CA GLN B 689 -2.41 16.11 37.95
C GLN B 689 -1.20 15.17 37.70
N LEU B 690 -1.35 14.23 36.78
CA LEU B 690 -0.22 13.35 36.40
C LEU B 690 0.80 14.08 35.60
N LEU B 691 0.36 14.95 34.67
CA LEU B 691 1.37 15.69 33.94
C LEU B 691 2.11 16.67 34.88
N LYS B 692 1.39 17.25 35.83
CA LYS B 692 2.04 18.04 36.87
C LYS B 692 3.05 17.19 37.64
N GLU B 693 2.66 16.00 38.08
CA GLU B 693 3.57 15.12 38.81
C GLU B 693 4.84 14.81 37.95
N MSE B 694 4.69 14.78 36.62
CA MSE B 694 5.81 14.48 35.72
C MSE B 694 6.48 15.72 35.17
O MSE B 694 7.28 15.63 34.26
CB MSE B 694 5.34 13.53 34.60
CG MSE B 694 4.95 12.19 35.15
SE MSE B 694 4.32 10.96 33.77
CE MSE B 694 2.90 11.81 32.75
N ASN B 695 6.18 16.87 35.76
CA ASN B 695 6.71 18.12 35.38
C ASN B 695 6.51 18.44 33.90
N VAL B 696 5.40 18.03 33.34
CA VAL B 696 5.03 18.42 32.00
C VAL B 696 3.62 19.06 31.96
N GLY B 697 3.21 19.70 33.04
CA GLY B 697 1.93 20.48 33.07
C GLY B 697 2.01 21.64 32.11
N LYS B 698 0.90 22.16 31.61
CA LYS B 698 0.98 23.39 30.79
C LYS B 698 1.37 24.58 31.67
C1 GOL C . 15.75 5.51 -4.45
O1 GOL C . 16.36 6.42 -3.53
C2 GOL C . 14.36 5.28 -3.89
O2 GOL C . 13.63 6.47 -3.57
C3 GOL C . 13.56 4.56 -4.92
O3 GOL C . 12.27 4.32 -4.38
C1 GOL D . 21.35 20.91 -10.89
O1 GOL D . 21.68 21.35 -12.23
C2 GOL D . 20.62 19.54 -10.91
O2 GOL D . 21.43 18.42 -11.36
C3 GOL D . 20.13 19.32 -9.48
O3 GOL D . 19.39 18.11 -9.39
C1 GOL E . 14.58 33.03 -32.52
O1 GOL E . 15.42 33.42 -31.47
C2 GOL E . 15.01 31.53 -32.67
O2 GOL E . 14.09 30.78 -31.73
C3 GOL E . 15.06 31.40 -34.21
O3 GOL E . 15.06 30.12 -34.83
C1 GOL F . -7.23 10.68 -19.03
O1 GOL F . -6.63 11.48 -20.03
C2 GOL F . -8.65 11.08 -18.55
O2 GOL F . -9.29 12.16 -19.31
C3 GOL F . -9.46 9.78 -18.54
O3 GOL F . -10.57 9.73 -17.61
C1 GOL G . -2.60 19.36 -32.53
O1 GOL G . -3.88 18.93 -32.15
C2 GOL G . -2.51 20.14 -33.84
O2 GOL G . -3.56 21.09 -34.17
C3 GOL G . -1.08 20.73 -33.90
O3 GOL G . -1.02 22.18 -33.94
C1 GOL H . -15.30 27.34 -11.24
O1 GOL H . -14.10 26.77 -11.82
C2 GOL H . -16.48 27.09 -12.19
O2 GOL H . -16.52 25.69 -12.52
C3 GOL H . -17.81 27.47 -11.54
O3 GOL H . -18.40 28.54 -12.26
C1 GOL I . -1.02 31.03 -9.82
O1 GOL I . -2.11 31.71 -10.40
C2 GOL I . -0.79 29.73 -10.61
O2 GOL I . -1.99 29.32 -11.28
C3 GOL I . 0.29 29.93 -11.67
O3 GOL I . 1.17 28.83 -11.54
C1 GOL J . -2.16 10.57 -21.15
O1 GOL J . -2.36 9.59 -22.19
C2 GOL J . -3.40 10.48 -20.25
O2 GOL J . -4.62 10.42 -21.03
C3 GOL J . -3.37 9.18 -19.45
O3 GOL J . -2.30 9.33 -18.51
ZN ZN K . -2.92 19.09 -37.19
ZN ZN L . 16.30 29.12 -33.52
ZN ZN M . -0.69 34.41 -31.80
C1 GOL N . 5.14 13.49 8.13
O1 GOL N . 5.84 14.50 7.45
C2 GOL N . 4.96 12.32 7.19
O2 GOL N . 6.20 11.60 7.10
C3 GOL N . 3.88 11.43 7.77
O3 GOL N . 3.86 10.22 7.01
C1 GOL O . 18.22 17.51 18.73
O1 GOL O . 18.41 17.55 20.16
C2 GOL O . 16.92 16.87 18.32
O2 GOL O . 15.80 17.68 18.76
C3 GOL O . 17.00 16.75 16.82
O3 GOL O . 15.84 16.04 16.39
C1 GOL P . 9.89 17.35 23.54
O1 GOL P . 8.98 16.28 23.24
C2 GOL P . 9.47 18.80 23.23
O2 GOL P . 10.60 19.54 22.73
C3 GOL P . 8.39 18.93 22.20
O3 GOL P . 7.29 19.26 23.01
ZN ZN Q . 3.08 22.43 12.76
#